data_1PIC
# 
_entry.id   1PIC 
# 
_audit_conform.dict_name       mmcif_pdbx.dic 
_audit_conform.dict_version    5.397 
_audit_conform.dict_location   http://mmcif.pdb.org/dictionaries/ascii/mmcif_pdbx.dic 
# 
loop_
_database_2.database_id 
_database_2.database_code 
_database_2.pdbx_database_accession 
_database_2.pdbx_DOI 
PDB   1PIC         pdb_00001pic 10.2210/pdb1pic/pdb 
WWPDB D_1000175691 ?            ?                   
# 
loop_
_pdbx_audit_revision_history.ordinal 
_pdbx_audit_revision_history.data_content_type 
_pdbx_audit_revision_history.major_revision 
_pdbx_audit_revision_history.minor_revision 
_pdbx_audit_revision_history.revision_date 
1 'Structure model' 1 0 1997-09-17 
2 'Structure model' 1 1 2008-03-24 
3 'Structure model' 1 2 2011-07-13 
4 'Structure model' 1 3 2022-02-23 
5 'Structure model' 1 4 2024-10-16 
# 
_pdbx_audit_revision_details.ordinal             1 
_pdbx_audit_revision_details.revision_ordinal    1 
_pdbx_audit_revision_details.data_content_type   'Structure model' 
_pdbx_audit_revision_details.provider            repository 
_pdbx_audit_revision_details.type                'Initial release' 
_pdbx_audit_revision_details.description         ? 
_pdbx_audit_revision_details.details             ? 
# 
loop_
_pdbx_audit_revision_group.ordinal 
_pdbx_audit_revision_group.revision_ordinal 
_pdbx_audit_revision_group.data_content_type 
_pdbx_audit_revision_group.group 
1 2 'Structure model' 'Version format compliance' 
2 3 'Structure model' 'Version format compliance' 
3 4 'Structure model' 'Database references'       
4 4 'Structure model' 'Derived calculations'      
5 4 'Structure model' Other                       
6 5 'Structure model' 'Data collection'           
7 5 'Structure model' 'Structure summary'         
# 
loop_
_pdbx_audit_revision_category.ordinal 
_pdbx_audit_revision_category.revision_ordinal 
_pdbx_audit_revision_category.data_content_type 
_pdbx_audit_revision_category.category 
1  4 'Structure model' database_2                
2  4 'Structure model' pdbx_database_status      
3  4 'Structure model' pdbx_struct_assembly      
4  4 'Structure model' pdbx_struct_oper_list     
5  4 'Structure model' struct_conn               
6  4 'Structure model' struct_site               
7  5 'Structure model' chem_comp_atom            
8  5 'Structure model' chem_comp_bond            
9  5 'Structure model' pdbx_entry_details        
10 5 'Structure model' pdbx_modification_feature 
# 
loop_
_pdbx_audit_revision_item.ordinal 
_pdbx_audit_revision_item.revision_ordinal 
_pdbx_audit_revision_item.data_content_type 
_pdbx_audit_revision_item.item 
1 4 'Structure model' '_database_2.pdbx_DOI'                
2 4 'Structure model' '_database_2.pdbx_database_accession' 
3 4 'Structure model' '_pdbx_database_status.process_site'  
4 4 'Structure model' '_struct_conn.pdbx_leaving_atom_flag' 
5 4 'Structure model' '_struct_site.pdbx_auth_asym_id'      
6 4 'Structure model' '_struct_site.pdbx_auth_comp_id'      
7 4 'Structure model' '_struct_site.pdbx_auth_seq_id'       
# 
_pdbx_database_status.status_code                     REL 
_pdbx_database_status.entry_id                        1PIC 
_pdbx_database_status.recvd_initial_deposition_date   1997-06-23 
_pdbx_database_status.deposit_site                    ? 
_pdbx_database_status.process_site                    BNL 
_pdbx_database_status.SG_entry                        . 
_pdbx_database_status.pdb_format_compatible           Y 
_pdbx_database_status.status_code_mr                  ? 
_pdbx_database_status.status_code_sf                  ? 
_pdbx_database_status.status_code_cs                  ? 
_pdbx_database_status.status_code_nmr_data            ? 
_pdbx_database_status.methods_development_category    ? 
# 
loop_
_audit_author.name 
_audit_author.pdbx_ordinal 
'Breeze, A.L.'    1 
'Kara, B.V.'      2 
'Barratt, D.G.'   3 
'Anderson, M.'    4 
'Smith, J.C.'     5 
'Luke, R.W.'      6 
'Best, J.R.'      7 
'Cartlidge, S.A.' 8 
# 
_citation.id                        primary 
_citation.title                     
;Structure of a specific peptide complex of the carboxy-terminal SH2 domain from the p85 alpha subunit of phosphatidylinositol 3-kinase.
;
_citation.journal_abbrev            'EMBO J.' 
_citation.journal_volume            15 
_citation.page_first                3579 
_citation.page_last                 3589 
_citation.year                      1996 
_citation.journal_id_ASTM           EMJODG 
_citation.country                   UK 
_citation.journal_id_ISSN           0261-4189 
_citation.journal_id_CSD            0897 
_citation.book_publisher            ? 
_citation.pdbx_database_id_PubMed   8670861 
_citation.pdbx_database_id_DOI      ? 
# 
loop_
_citation_author.citation_id 
_citation_author.name 
_citation_author.ordinal 
_citation_author.identifier_ORCID 
primary 'Breeze, A.L.'    1 ? 
primary 'Kara, B.V.'      2 ? 
primary 'Barratt, D.G.'   3 ? 
primary 'Anderson, M.'    4 ? 
primary 'Smith, J.C.'     5 ? 
primary 'Luke, R.W.'      6 ? 
primary 'Best, J.R.'      7 ? 
primary 'Cartlidge, S.A.' 8 ? 
# 
loop_
_entity.id 
_entity.type 
_entity.src_method 
_entity.pdbx_description 
_entity.formula_weight 
_entity.pdbx_number_of_molecules 
_entity.pdbx_ec 
_entity.pdbx_mutation 
_entity.pdbx_fragment 
_entity.details 
1 polymer man 'PHOSPHATIDYLINOSITOL 3-KINASE'                12612.094 1 2.7.1.137 ? 
'C-TERMINAL SH2 DOMAIN, RESIDUES 617 - 724 OF P85-ALPHA REGULATORY SUBUNIT' 
'CONTAINS AN N-TERMINAL EXTENSION (GSPI) DERIVED FROM THE RECOMBINANT EXPRESSION VECTOR' 
2 polymer man 'BETA-PLATELET-DERIVED GROWTH FACTOR RECEPTOR' 727.805   1 ?         ? 
'ACETYL-PTYR-VAL-PRO-MET-LEU, RESIDUES 751 - 755'                           
'TYROSINE-PHOSPHORYLATED PEPTIDE INCORPORATES AN N-TERMINAL ACETYL GROUP'                
# 
loop_
_entity_poly.entity_id 
_entity_poly.type 
_entity_poly.nstd_linkage 
_entity_poly.nstd_monomer 
_entity_poly.pdbx_seq_one_letter_code 
_entity_poly.pdbx_seq_one_letter_code_can 
_entity_poly.pdbx_strand_id 
_entity_poly.pdbx_target_identifier 
1 'polypeptide(L)' no no  
;GSPIPHHDEKTWNVGSSNRNKAENLLRGKRDGTFLVRESSKQGCYACSVVVDGEVKHCVINKTATGYGFAEPYNLYSSLK
ELVLHYQHTSLVQHNDSLNVTLAYPVYAQQRR
;
;GSPIPHHDEKTWNVGSSNRNKAENLLRGKRDGTFLVRESSKQGCYACSVVVDGEVKHCVINKTATGYGFAEPYNLYSSLK
ELVLHYQHTSLVQHNDSLNVTLAYPVYAQQRR
;
A ? 
2 'polypeptide(L)' no yes '(ACE)(PTR)VPML' XYVPML B ? 
# 
loop_
_entity_poly_seq.entity_id 
_entity_poly_seq.num 
_entity_poly_seq.mon_id 
_entity_poly_seq.hetero 
1 1   GLY n 
1 2   SER n 
1 3   PRO n 
1 4   ILE n 
1 5   PRO n 
1 6   HIS n 
1 7   HIS n 
1 8   ASP n 
1 9   GLU n 
1 10  LYS n 
1 11  THR n 
1 12  TRP n 
1 13  ASN n 
1 14  VAL n 
1 15  GLY n 
1 16  SER n 
1 17  SER n 
1 18  ASN n 
1 19  ARG n 
1 20  ASN n 
1 21  LYS n 
1 22  ALA n 
1 23  GLU n 
1 24  ASN n 
1 25  LEU n 
1 26  LEU n 
1 27  ARG n 
1 28  GLY n 
1 29  LYS n 
1 30  ARG n 
1 31  ASP n 
1 32  GLY n 
1 33  THR n 
1 34  PHE n 
1 35  LEU n 
1 36  VAL n 
1 37  ARG n 
1 38  GLU n 
1 39  SER n 
1 40  SER n 
1 41  LYS n 
1 42  GLN n 
1 43  GLY n 
1 44  CYS n 
1 45  TYR n 
1 46  ALA n 
1 47  CYS n 
1 48  SER n 
1 49  VAL n 
1 50  VAL n 
1 51  VAL n 
1 52  ASP n 
1 53  GLY n 
1 54  GLU n 
1 55  VAL n 
1 56  LYS n 
1 57  HIS n 
1 58  CYS n 
1 59  VAL n 
1 60  ILE n 
1 61  ASN n 
1 62  LYS n 
1 63  THR n 
1 64  ALA n 
1 65  THR n 
1 66  GLY n 
1 67  TYR n 
1 68  GLY n 
1 69  PHE n 
1 70  ALA n 
1 71  GLU n 
1 72  PRO n 
1 73  TYR n 
1 74  ASN n 
1 75  LEU n 
1 76  TYR n 
1 77  SER n 
1 78  SER n 
1 79  LEU n 
1 80  LYS n 
1 81  GLU n 
1 82  LEU n 
1 83  VAL n 
1 84  LEU n 
1 85  HIS n 
1 86  TYR n 
1 87  GLN n 
1 88  HIS n 
1 89  THR n 
1 90  SER n 
1 91  LEU n 
1 92  VAL n 
1 93  GLN n 
1 94  HIS n 
1 95  ASN n 
1 96  ASP n 
1 97  SER n 
1 98  LEU n 
1 99  ASN n 
1 100 VAL n 
1 101 THR n 
1 102 LEU n 
1 103 ALA n 
1 104 TYR n 
1 105 PRO n 
1 106 VAL n 
1 107 TYR n 
1 108 ALA n 
1 109 GLN n 
1 110 GLN n 
1 111 ARG n 
1 112 ARG n 
2 1   ACE n 
2 2   PTR n 
2 3   VAL n 
2 4   PRO n 
2 5   MET n 
2 6   LEU n 
# 
_entity_src_gen.entity_id                          1 
_entity_src_gen.pdbx_src_id                        1 
_entity_src_gen.pdbx_alt_source_flag               sample 
_entity_src_gen.pdbx_seq_type                      ? 
_entity_src_gen.pdbx_beg_seq_num                   ? 
_entity_src_gen.pdbx_end_seq_num                   ? 
_entity_src_gen.gene_src_common_name               human 
_entity_src_gen.gene_src_genus                     Homo 
_entity_src_gen.pdbx_gene_src_gene                 ? 
_entity_src_gen.gene_src_species                   ? 
_entity_src_gen.gene_src_strain                    ? 
_entity_src_gen.gene_src_tissue                    ? 
_entity_src_gen.gene_src_tissue_fraction           ? 
_entity_src_gen.gene_src_details                   ? 
_entity_src_gen.pdbx_gene_src_fragment             ? 
_entity_src_gen.pdbx_gene_src_scientific_name      'Homo sapiens' 
_entity_src_gen.pdbx_gene_src_ncbi_taxonomy_id     9606 
_entity_src_gen.pdbx_gene_src_variant              ? 
_entity_src_gen.pdbx_gene_src_cell_line            ? 
_entity_src_gen.pdbx_gene_src_atcc                 ? 
_entity_src_gen.pdbx_gene_src_organ                ? 
_entity_src_gen.pdbx_gene_src_organelle            ? 
_entity_src_gen.pdbx_gene_src_cell                 ? 
_entity_src_gen.pdbx_gene_src_cellular_location    ? 
_entity_src_gen.host_org_common_name               ? 
_entity_src_gen.pdbx_host_org_scientific_name      'Escherichia coli' 
_entity_src_gen.pdbx_host_org_ncbi_taxonomy_id     562 
_entity_src_gen.host_org_genus                     Escherichia 
_entity_src_gen.pdbx_host_org_gene                 ? 
_entity_src_gen.pdbx_host_org_organ                ? 
_entity_src_gen.host_org_species                   ? 
_entity_src_gen.pdbx_host_org_tissue               ? 
_entity_src_gen.pdbx_host_org_tissue_fraction      ? 
_entity_src_gen.pdbx_host_org_strain               'W3110 (CGSC 6564)' 
_entity_src_gen.pdbx_host_org_variant              ? 
_entity_src_gen.pdbx_host_org_cell_line            ? 
_entity_src_gen.pdbx_host_org_atcc                 ? 
_entity_src_gen.pdbx_host_org_culture_collection   ? 
_entity_src_gen.pdbx_host_org_cell                 ? 
_entity_src_gen.pdbx_host_org_organelle            ? 
_entity_src_gen.pdbx_host_org_cellular_location    ? 
_entity_src_gen.pdbx_host_org_vector_type          ? 
_entity_src_gen.pdbx_host_org_vector               ? 
_entity_src_gen.host_org_details                   ? 
_entity_src_gen.expression_system_id               ? 
_entity_src_gen.plasmid_name                       ? 
_entity_src_gen.plasmid_details                    ? 
_entity_src_gen.pdbx_description                   ? 
# 
loop_
_chem_comp.id 
_chem_comp.type 
_chem_comp.mon_nstd_flag 
_chem_comp.name 
_chem_comp.pdbx_synonyms 
_chem_comp.formula 
_chem_comp.formula_weight 
ACE non-polymer         . 'ACETYL GROUP'    ?                 'C2 H4 O'        44.053  
ALA 'L-peptide linking' y ALANINE           ?                 'C3 H7 N O2'     89.093  
ARG 'L-peptide linking' y ARGININE          ?                 'C6 H15 N4 O2 1' 175.209 
ASN 'L-peptide linking' y ASPARAGINE        ?                 'C4 H8 N2 O3'    132.118 
ASP 'L-peptide linking' y 'ASPARTIC ACID'   ?                 'C4 H7 N O4'     133.103 
CYS 'L-peptide linking' y CYSTEINE          ?                 'C3 H7 N O2 S'   121.158 
GLN 'L-peptide linking' y GLUTAMINE         ?                 'C5 H10 N2 O3'   146.144 
GLU 'L-peptide linking' y 'GLUTAMIC ACID'   ?                 'C5 H9 N O4'     147.129 
GLY 'peptide linking'   y GLYCINE           ?                 'C2 H5 N O2'     75.067  
HIS 'L-peptide linking' y HISTIDINE         ?                 'C6 H10 N3 O2 1' 156.162 
ILE 'L-peptide linking' y ISOLEUCINE        ?                 'C6 H13 N O2'    131.173 
LEU 'L-peptide linking' y LEUCINE           ?                 'C6 H13 N O2'    131.173 
LYS 'L-peptide linking' y LYSINE            ?                 'C6 H15 N2 O2 1' 147.195 
MET 'L-peptide linking' y METHIONINE        ?                 'C5 H11 N O2 S'  149.211 
PHE 'L-peptide linking' y PHENYLALANINE     ?                 'C9 H11 N O2'    165.189 
PRO 'L-peptide linking' y PROLINE           ?                 'C5 H9 N O2'     115.130 
PTR 'L-peptide linking' n O-PHOSPHOTYROSINE PHOSPHONOTYROSINE 'C9 H12 N O6 P'  261.168 
SER 'L-peptide linking' y SERINE            ?                 'C3 H7 N O3'     105.093 
THR 'L-peptide linking' y THREONINE         ?                 'C4 H9 N O3'     119.119 
TRP 'L-peptide linking' y TRYPTOPHAN        ?                 'C11 H12 N2 O2'  204.225 
TYR 'L-peptide linking' y TYROSINE          ?                 'C9 H11 N O3'    181.189 
VAL 'L-peptide linking' y VALINE            ?                 'C5 H11 N O2'    117.146 
# 
loop_
_pdbx_poly_seq_scheme.asym_id 
_pdbx_poly_seq_scheme.entity_id 
_pdbx_poly_seq_scheme.seq_id 
_pdbx_poly_seq_scheme.mon_id 
_pdbx_poly_seq_scheme.ndb_seq_num 
_pdbx_poly_seq_scheme.pdb_seq_num 
_pdbx_poly_seq_scheme.auth_seq_num 
_pdbx_poly_seq_scheme.pdb_mon_id 
_pdbx_poly_seq_scheme.auth_mon_id 
_pdbx_poly_seq_scheme.pdb_strand_id 
_pdbx_poly_seq_scheme.pdb_ins_code 
_pdbx_poly_seq_scheme.hetero 
A 1 1   GLY 1   1   1   GLY GLY A . n 
A 1 2   SER 2   2   2   SER SER A . n 
A 1 3   PRO 3   3   3   PRO PRO A . n 
A 1 4   ILE 4   4   4   ILE ILE A . n 
A 1 5   PRO 5   5   5   PRO PRO A . n 
A 1 6   HIS 6   6   6   HIS HIS A . n 
A 1 7   HIS 7   7   7   HIS HIS A . n 
A 1 8   ASP 8   8   8   ASP ASP A . n 
A 1 9   GLU 9   9   9   GLU GLU A . n 
A 1 10  LYS 10  10  10  LYS LYS A . n 
A 1 11  THR 11  11  11  THR THR A . n 
A 1 12  TRP 12  12  12  TRP TRP A . n 
A 1 13  ASN 13  13  13  ASN ASN A . n 
A 1 14  VAL 14  14  14  VAL VAL A . n 
A 1 15  GLY 15  15  15  GLY GLY A . n 
A 1 16  SER 16  16  16  SER SER A . n 
A 1 17  SER 17  17  17  SER SER A . n 
A 1 18  ASN 18  18  18  ASN ASN A . n 
A 1 19  ARG 19  19  19  ARG ARG A . n 
A 1 20  ASN 20  20  20  ASN ASN A . n 
A 1 21  LYS 21  21  21  LYS LYS A . n 
A 1 22  ALA 22  22  22  ALA ALA A . n 
A 1 23  GLU 23  23  23  GLU GLU A . n 
A 1 24  ASN 24  24  24  ASN ASN A . n 
A 1 25  LEU 25  25  25  LEU LEU A . n 
A 1 26  LEU 26  26  26  LEU LEU A . n 
A 1 27  ARG 27  27  27  ARG ARG A . n 
A 1 28  GLY 28  28  28  GLY GLY A . n 
A 1 29  LYS 29  29  29  LYS LYS A . n 
A 1 30  ARG 30  30  30  ARG ARG A . n 
A 1 31  ASP 31  31  31  ASP ASP A . n 
A 1 32  GLY 32  32  32  GLY GLY A . n 
A 1 33  THR 33  33  33  THR THR A . n 
A 1 34  PHE 34  34  34  PHE PHE A . n 
A 1 35  LEU 35  35  35  LEU LEU A . n 
A 1 36  VAL 36  36  36  VAL VAL A . n 
A 1 37  ARG 37  37  37  ARG ARG A . n 
A 1 38  GLU 38  38  38  GLU GLU A . n 
A 1 39  SER 39  39  39  SER SER A . n 
A 1 40  SER 40  40  40  SER SER A . n 
A 1 41  LYS 41  41  41  LYS LYS A . n 
A 1 42  GLN 42  42  42  GLN GLN A . n 
A 1 43  GLY 43  43  43  GLY GLY A . n 
A 1 44  CYS 44  44  44  CYS CYS A . n 
A 1 45  TYR 45  45  45  TYR TYR A . n 
A 1 46  ALA 46  46  46  ALA ALA A . n 
A 1 47  CYS 47  47  47  CYS CYS A . n 
A 1 48  SER 48  48  48  SER SER A . n 
A 1 49  VAL 49  49  49  VAL VAL A . n 
A 1 50  VAL 50  50  50  VAL VAL A . n 
A 1 51  VAL 51  51  51  VAL VAL A . n 
A 1 52  ASP 52  52  52  ASP ASP A . n 
A 1 53  GLY 53  53  53  GLY GLY A . n 
A 1 54  GLU 54  54  54  GLU GLU A . n 
A 1 55  VAL 55  55  55  VAL VAL A . n 
A 1 56  LYS 56  56  56  LYS LYS A . n 
A 1 57  HIS 57  57  57  HIS HIS A . n 
A 1 58  CYS 58  58  58  CYS CYS A . n 
A 1 59  VAL 59  59  59  VAL VAL A . n 
A 1 60  ILE 60  60  60  ILE ILE A . n 
A 1 61  ASN 61  61  61  ASN ASN A . n 
A 1 62  LYS 62  62  62  LYS LYS A . n 
A 1 63  THR 63  63  63  THR THR A . n 
A 1 64  ALA 64  64  64  ALA ALA A . n 
A 1 65  THR 65  65  65  THR THR A . n 
A 1 66  GLY 66  66  66  GLY GLY A . n 
A 1 67  TYR 67  67  67  TYR TYR A . n 
A 1 68  GLY 68  68  68  GLY GLY A . n 
A 1 69  PHE 69  69  69  PHE PHE A . n 
A 1 70  ALA 70  70  70  ALA ALA A . n 
A 1 71  GLU 71  71  71  GLU GLU A . n 
A 1 72  PRO 72  72  72  PRO PRO A . n 
A 1 73  TYR 73  73  73  TYR TYR A . n 
A 1 74  ASN 74  74  74  ASN ASN A . n 
A 1 75  LEU 75  75  75  LEU LEU A . n 
A 1 76  TYR 76  76  76  TYR TYR A . n 
A 1 77  SER 77  77  77  SER SER A . n 
A 1 78  SER 78  78  78  SER SER A . n 
A 1 79  LEU 79  79  79  LEU LEU A . n 
A 1 80  LYS 80  80  80  LYS LYS A . n 
A 1 81  GLU 81  81  81  GLU GLU A . n 
A 1 82  LEU 82  82  82  LEU LEU A . n 
A 1 83  VAL 83  83  83  VAL VAL A . n 
A 1 84  LEU 84  84  84  LEU LEU A . n 
A 1 85  HIS 85  85  85  HIS HIS A . n 
A 1 86  TYR 86  86  86  TYR TYR A . n 
A 1 87  GLN 87  87  87  GLN GLN A . n 
A 1 88  HIS 88  88  88  HIS HIS A . n 
A 1 89  THR 89  89  89  THR THR A . n 
A 1 90  SER 90  90  90  SER SER A . n 
A 1 91  LEU 91  91  91  LEU LEU A . n 
A 1 92  VAL 92  92  92  VAL VAL A . n 
A 1 93  GLN 93  93  93  GLN GLN A . n 
A 1 94  HIS 94  94  94  HIS HIS A . n 
A 1 95  ASN 95  95  95  ASN ASN A . n 
A 1 96  ASP 96  96  96  ASP ASP A . n 
A 1 97  SER 97  97  97  SER SER A . n 
A 1 98  LEU 98  98  98  LEU LEU A . n 
A 1 99  ASN 99  99  99  ASN ASN A . n 
A 1 100 VAL 100 100 100 VAL VAL A . n 
A 1 101 THR 101 101 101 THR THR A . n 
A 1 102 LEU 102 102 102 LEU LEU A . n 
A 1 103 ALA 103 103 103 ALA ALA A . n 
A 1 104 TYR 104 104 104 TYR TYR A . n 
A 1 105 PRO 105 105 105 PRO PRO A . n 
A 1 106 VAL 106 106 106 VAL VAL A . n 
A 1 107 TYR 107 107 107 TYR TYR A . n 
A 1 108 ALA 108 108 108 ALA ALA A . n 
A 1 109 GLN 109 109 109 GLN GLN A . n 
A 1 110 GLN 110 110 110 GLN GLN A . n 
A 1 111 ARG 111 111 111 ARG ARG A . n 
A 1 112 ARG 112 112 112 ARG ARG A . n 
B 2 1   ACE 1   200 200 ACE ACE B . n 
B 2 2   PTR 2   201 201 PTR PTR B . n 
B 2 3   VAL 3   202 202 VAL VAL B . n 
B 2 4   PRO 4   203 203 PRO PRO B . n 
B 2 5   MET 5   204 204 MET MET B . n 
B 2 6   LEU 6   205 205 LEU LEU B . n 
# 
loop_
_software.name 
_software.classification 
_software.version 
_software.citation_id 
_software.pdbx_ordinal 
X-PLOR 'model building' 3.1 ? 1 
X-PLOR refinement       3.1 ? 2 
X-PLOR phasing          3.1 ? 3 
# 
_cell.entry_id           1PIC 
_cell.length_a           1.000 
_cell.length_b           1.000 
_cell.length_c           1.000 
_cell.angle_alpha        90.00 
_cell.angle_beta         90.00 
_cell.angle_gamma        90.00 
_cell.Z_PDB              1 
_cell.pdbx_unique_axis   ? 
# 
_symmetry.entry_id                         1PIC 
_symmetry.space_group_name_H-M             'P 1' 
_symmetry.pdbx_full_space_group_name_H-M   ? 
_symmetry.cell_setting                     ? 
_symmetry.Int_Tables_number                1 
# 
_exptl.entry_id          1PIC 
_exptl.method            'SOLUTION NMR' 
_exptl.crystals_number   ? 
# 
_struct.entry_id                  1PIC 
_struct.title                     
;PHOSPHATIDYLINOSITOL 3-KINASE, P85-ALPHA SUBUNIT: C-TERMINAL SH2 DOMAIN COMPLEXED WITH A TYR751 PHOSPHOPEPTIDE FROM THE PDGF RECEPTOR, NMR, MINIMIZED MEAN STRUCTURE
;
_struct.pdbx_model_details        ? 
_struct.pdbx_CASP_flag            ? 
_struct.pdbx_model_type_details   ? 
# 
_struct_keywords.entry_id        1PIC 
_struct_keywords.pdbx_keywords   'COMPLEX (PHOSPHOTRANSFERASE/RECEPTOR)' 
_struct_keywords.text            
;PHOSPHOTRANSFERASE, SH2 DOMAIN, SIGNAL TRANSDUCTION, PHOSPHOINOSITIDE 3-KINASE, COMPLEX (PHOSPHOTRANSFERASE-RECEPTOR), COMPLEX (PHOSPHOTRANSFERASE-RECEPTOR) complex
;
# 
loop_
_struct_asym.id 
_struct_asym.pdbx_blank_PDB_chainid_flag 
_struct_asym.pdbx_modified 
_struct_asym.entity_id 
_struct_asym.details 
A N N 1 ? 
B N N 2 ? 
# 
loop_
_struct_ref.id 
_struct_ref.db_name 
_struct_ref.db_code 
_struct_ref.entity_id 
_struct_ref.pdbx_db_accession 
_struct_ref.pdbx_align_begin 
_struct_ref.pdbx_seq_one_letter_code 
_struct_ref.pdbx_db_isoform 
1 UNP P85A_HUMAN 1 P27986 1 
;MSAEGYQYRALYDYKKEREEDIDLHLGDILTVNKGSLVALGFSDGQEARPEEIGWLNGYNETTGERGDFPGTYVEYIGRK
KISPPTPKPRPPRPLPVAPGSSKTEADVEQQALTLPDLAEQFAPPDIAPPLLIKLVEAIEKKGLECSTLYRTQSSSNLAE
LRQLLDCDTPSVDLEMIDVHVLADAFKRYLLDLPNPVIPAAVYSEMISLAPEVQSSEEYIQLLKKLIRSPSIPHQYWLTL
QYLLKHFFKLSQTSSKNLLNARVLSEIFSPMLFRFSAASSDNTENLIKVIEILISTEWNERQPAPALPPKPPKPTTVANN
GMNNNMSLQNAEWYWGDISREEVNEKLRDTADGTFLVRDASTKMHGDYTLTLRKGGNNKLIKIFHRDGKYGFSDPLTFSS
VVELINHYRNESLAQYNPKLDVKLLYPVSKYQQDQVVKEDNIEAVGKKLHEYNTQFQEKSREYDRLYEEYTRTSQEIQMK
RTAIEAFNETIKIFEEQCQTQERYSKEYIEKFKREGNEKEIQRIMHNYDKLKSRISEIIDSRRRLEEDLKKQAAEYREID
KRMNSIKPDLIQLRKTRDQYLMWLTQKGVRQKKLNEWLGNENTEDQYSLVEDDEDLPHHDEKTWNVGSSNRNKAENLLRG
KRDGTFLVRESSKQGCYACSVVVDGEVKHCVINKTATGYGFAEPYNLYSSLKELVLHYQHTSLVQHNDSLNVTLAYPVYA
QQRR
;
? 
2 PDB 1PIC       2 1PIC   ? ? ? 
# 
loop_
_struct_ref_seq.align_id 
_struct_ref_seq.ref_id 
_struct_ref_seq.pdbx_PDB_id_code 
_struct_ref_seq.pdbx_strand_id 
_struct_ref_seq.seq_align_beg 
_struct_ref_seq.pdbx_seq_align_beg_ins_code 
_struct_ref_seq.seq_align_end 
_struct_ref_seq.pdbx_seq_align_end_ins_code 
_struct_ref_seq.pdbx_db_accession 
_struct_ref_seq.db_align_beg 
_struct_ref_seq.pdbx_db_align_beg_ins_code 
_struct_ref_seq.db_align_end 
_struct_ref_seq.pdbx_db_align_end_ins_code 
_struct_ref_seq.pdbx_auth_seq_align_beg 
_struct_ref_seq.pdbx_auth_seq_align_end 
1 1 1PIC A 5 ? 112 ? P27986 617 ? 724 ? 5   112 
2 2 1PIC B 1 ? 6   ? 1PIC   200 ? 205 ? 200 205 
# 
_pdbx_struct_assembly.id                   1 
_pdbx_struct_assembly.details              author_defined_assembly 
_pdbx_struct_assembly.method_details       ? 
_pdbx_struct_assembly.oligomeric_details   dimeric 
_pdbx_struct_assembly.oligomeric_count     2 
# 
_pdbx_struct_assembly_gen.assembly_id       1 
_pdbx_struct_assembly_gen.oper_expression   1 
_pdbx_struct_assembly_gen.asym_id_list      A,B 
# 
_pdbx_struct_oper_list.id                   1 
_pdbx_struct_oper_list.type                 'identity operation' 
_pdbx_struct_oper_list.name                 1_555 
_pdbx_struct_oper_list.symmetry_operation   x,y,z 
_pdbx_struct_oper_list.matrix[1][1]         1.0000000000 
_pdbx_struct_oper_list.matrix[1][2]         0.0000000000 
_pdbx_struct_oper_list.matrix[1][3]         0.0000000000 
_pdbx_struct_oper_list.vector[1]            0.0000000000 
_pdbx_struct_oper_list.matrix[2][1]         0.0000000000 
_pdbx_struct_oper_list.matrix[2][2]         1.0000000000 
_pdbx_struct_oper_list.matrix[2][3]         0.0000000000 
_pdbx_struct_oper_list.vector[2]            0.0000000000 
_pdbx_struct_oper_list.matrix[3][1]         0.0000000000 
_pdbx_struct_oper_list.matrix[3][2]         0.0000000000 
_pdbx_struct_oper_list.matrix[3][3]         1.0000000000 
_pdbx_struct_oper_list.vector[3]            0.0000000000 
# 
_struct_biol.id   1 
# 
loop_
_struct_conf.conf_type_id 
_struct_conf.id 
_struct_conf.pdbx_PDB_helix_id 
_struct_conf.beg_label_comp_id 
_struct_conf.beg_label_asym_id 
_struct_conf.beg_label_seq_id 
_struct_conf.pdbx_beg_PDB_ins_code 
_struct_conf.end_label_comp_id 
_struct_conf.end_label_asym_id 
_struct_conf.end_label_seq_id 
_struct_conf.pdbx_end_PDB_ins_code 
_struct_conf.beg_auth_comp_id 
_struct_conf.beg_auth_asym_id 
_struct_conf.beg_auth_seq_id 
_struct_conf.end_auth_comp_id 
_struct_conf.end_auth_asym_id 
_struct_conf.end_auth_seq_id 
_struct_conf.pdbx_PDB_helix_class 
_struct_conf.details 
_struct_conf.pdbx_PDB_helix_length 
HELX_P HELX_P1 1 ARG A 19 ? LEU A 26 ? ARG A 19 LEU A 26 1 ? 8  
HELX_P HELX_P2 2 LEU A 79 ? HIS A 88 ? LEU A 79 HIS A 88 1 ? 10 
# 
_struct_conf_type.id          HELX_P 
_struct_conf_type.criteria    ? 
_struct_conf_type.reference   ? 
# 
loop_
_struct_conn.id 
_struct_conn.conn_type_id 
_struct_conn.pdbx_leaving_atom_flag 
_struct_conn.pdbx_PDB_id 
_struct_conn.ptnr1_label_asym_id 
_struct_conn.ptnr1_label_comp_id 
_struct_conn.ptnr1_label_seq_id 
_struct_conn.ptnr1_label_atom_id 
_struct_conn.pdbx_ptnr1_label_alt_id 
_struct_conn.pdbx_ptnr1_PDB_ins_code 
_struct_conn.pdbx_ptnr1_standard_comp_id 
_struct_conn.ptnr1_symmetry 
_struct_conn.ptnr2_label_asym_id 
_struct_conn.ptnr2_label_comp_id 
_struct_conn.ptnr2_label_seq_id 
_struct_conn.ptnr2_label_atom_id 
_struct_conn.pdbx_ptnr2_label_alt_id 
_struct_conn.pdbx_ptnr2_PDB_ins_code 
_struct_conn.ptnr1_auth_asym_id 
_struct_conn.ptnr1_auth_comp_id 
_struct_conn.ptnr1_auth_seq_id 
_struct_conn.ptnr2_auth_asym_id 
_struct_conn.ptnr2_auth_comp_id 
_struct_conn.ptnr2_auth_seq_id 
_struct_conn.ptnr2_symmetry 
_struct_conn.pdbx_ptnr3_label_atom_id 
_struct_conn.pdbx_ptnr3_label_seq_id 
_struct_conn.pdbx_ptnr3_label_comp_id 
_struct_conn.pdbx_ptnr3_label_asym_id 
_struct_conn.pdbx_ptnr3_label_alt_id 
_struct_conn.pdbx_ptnr3_PDB_ins_code 
_struct_conn.details 
_struct_conn.pdbx_dist_value 
_struct_conn.pdbx_value_order 
_struct_conn.pdbx_role 
covale1 covale both ? B ACE 1 C ? ? ? 1_555 B PTR 2 N ? ? B ACE 200 B PTR 201 1_555 ? ? ? ? ? ? ? 1.306 ? ? 
covale2 covale both ? B PTR 2 C ? ? ? 1_555 B VAL 3 N ? ? B PTR 201 B VAL 202 1_555 ? ? ? ? ? ? ? 1.304 ? ? 
# 
_struct_conn_type.id          covale 
_struct_conn_type.criteria    ? 
_struct_conn_type.reference   ? 
# 
loop_
_pdbx_modification_feature.ordinal 
_pdbx_modification_feature.label_comp_id 
_pdbx_modification_feature.label_asym_id 
_pdbx_modification_feature.label_seq_id 
_pdbx_modification_feature.label_alt_id 
_pdbx_modification_feature.modified_residue_label_comp_id 
_pdbx_modification_feature.modified_residue_label_asym_id 
_pdbx_modification_feature.modified_residue_label_seq_id 
_pdbx_modification_feature.modified_residue_label_alt_id 
_pdbx_modification_feature.auth_comp_id 
_pdbx_modification_feature.auth_asym_id 
_pdbx_modification_feature.auth_seq_id 
_pdbx_modification_feature.PDB_ins_code 
_pdbx_modification_feature.symmetry 
_pdbx_modification_feature.modified_residue_auth_comp_id 
_pdbx_modification_feature.modified_residue_auth_asym_id 
_pdbx_modification_feature.modified_residue_auth_seq_id 
_pdbx_modification_feature.modified_residue_PDB_ins_code 
_pdbx_modification_feature.modified_residue_symmetry 
_pdbx_modification_feature.comp_id_linking_atom 
_pdbx_modification_feature.modified_residue_id_linking_atom 
_pdbx_modification_feature.modified_residue_id 
_pdbx_modification_feature.ref_pcm_id 
_pdbx_modification_feature.ref_comp_id 
_pdbx_modification_feature.type 
_pdbx_modification_feature.category 
1 PTR B 2 ? .   . . . PTR B 201 ? 1_555 .   . .   . .     . . TYR 1  PTR Phosphorylation 'Named protein modification' 
2 ACE B 1 ? PTR B 2 ? ACE B 200 ? 1_555 PTR B 201 ? 1_555 . . PTR 42 ACE None            'Terminal acetylation'       
# 
_struct_sheet.id               A 
_struct_sheet.type             ? 
_struct_sheet.number_strands   3 
_struct_sheet.details          ? 
# 
loop_
_struct_sheet_order.sheet_id 
_struct_sheet_order.range_id_1 
_struct_sheet_order.range_id_2 
_struct_sheet_order.offset 
_struct_sheet_order.sense 
A 1 2 ? anti-parallel 
A 2 3 ? anti-parallel 
# 
loop_
_struct_sheet_range.sheet_id 
_struct_sheet_range.id 
_struct_sheet_range.beg_label_comp_id 
_struct_sheet_range.beg_label_asym_id 
_struct_sheet_range.beg_label_seq_id 
_struct_sheet_range.pdbx_beg_PDB_ins_code 
_struct_sheet_range.end_label_comp_id 
_struct_sheet_range.end_label_asym_id 
_struct_sheet_range.end_label_seq_id 
_struct_sheet_range.pdbx_end_PDB_ins_code 
_struct_sheet_range.beg_auth_comp_id 
_struct_sheet_range.beg_auth_asym_id 
_struct_sheet_range.beg_auth_seq_id 
_struct_sheet_range.end_auth_comp_id 
_struct_sheet_range.end_auth_asym_id 
_struct_sheet_range.end_auth_seq_id 
A 1 PHE A 34 ? ARG A 37 ? PHE A 34 ARG A 37 
A 2 ALA A 46 ? VAL A 51 ? ALA A 46 VAL A 51 
A 3 GLU A 54 ? VAL A 59 ? GLU A 54 VAL A 59 
# 
loop_
_pdbx_struct_sheet_hbond.sheet_id 
_pdbx_struct_sheet_hbond.range_id_1 
_pdbx_struct_sheet_hbond.range_id_2 
_pdbx_struct_sheet_hbond.range_1_label_atom_id 
_pdbx_struct_sheet_hbond.range_1_label_comp_id 
_pdbx_struct_sheet_hbond.range_1_label_asym_id 
_pdbx_struct_sheet_hbond.range_1_label_seq_id 
_pdbx_struct_sheet_hbond.range_1_PDB_ins_code 
_pdbx_struct_sheet_hbond.range_1_auth_atom_id 
_pdbx_struct_sheet_hbond.range_1_auth_comp_id 
_pdbx_struct_sheet_hbond.range_1_auth_asym_id 
_pdbx_struct_sheet_hbond.range_1_auth_seq_id 
_pdbx_struct_sheet_hbond.range_2_label_atom_id 
_pdbx_struct_sheet_hbond.range_2_label_comp_id 
_pdbx_struct_sheet_hbond.range_2_label_asym_id 
_pdbx_struct_sheet_hbond.range_2_label_seq_id 
_pdbx_struct_sheet_hbond.range_2_PDB_ins_code 
_pdbx_struct_sheet_hbond.range_2_auth_atom_id 
_pdbx_struct_sheet_hbond.range_2_auth_comp_id 
_pdbx_struct_sheet_hbond.range_2_auth_asym_id 
_pdbx_struct_sheet_hbond.range_2_auth_seq_id 
A 1 2 O LEU A 35 ? O LEU A 35 N SER A 48 ? N SER A 48 
A 2 3 O CYS A 47 ? O CYS A 47 N CYS A 58 ? N CYS A 58 
# 
_struct_site.id                   AC1 
_struct_site.pdbx_evidence_code   Software 
_struct_site.pdbx_auth_asym_id    B 
_struct_site.pdbx_auth_comp_id    ACE 
_struct_site.pdbx_auth_seq_id     200 
_struct_site.pdbx_auth_ins_code   ? 
_struct_site.pdbx_num_residues    2 
_struct_site.details              'BINDING SITE FOR RESIDUE ACE B 200' 
# 
loop_
_struct_site_gen.id 
_struct_site_gen.site_id 
_struct_site_gen.pdbx_num_res 
_struct_site_gen.label_comp_id 
_struct_site_gen.label_asym_id 
_struct_site_gen.label_seq_id 
_struct_site_gen.pdbx_auth_ins_code 
_struct_site_gen.auth_comp_id 
_struct_site_gen.auth_asym_id 
_struct_site_gen.auth_seq_id 
_struct_site_gen.label_atom_id 
_struct_site_gen.label_alt_id 
_struct_site_gen.symmetry 
_struct_site_gen.details 
1 AC1 2 HIS A 57 ? HIS A 57  . ? 1_555 ? 
2 AC1 2 VAL B 3  ? VAL B 202 . ? 1_555 ? 
# 
_pdbx_entry_details.entry_id                   1PIC 
_pdbx_entry_details.compound_details           ? 
_pdbx_entry_details.source_details             ? 
_pdbx_entry_details.nonpolymer_details         ? 
_pdbx_entry_details.sequence_details           ? 
_pdbx_entry_details.has_ligand_of_interest     ? 
_pdbx_entry_details.has_protein_modification   Y 
# 
loop_
_pdbx_validate_torsion.id 
_pdbx_validate_torsion.PDB_model_num 
_pdbx_validate_torsion.auth_comp_id 
_pdbx_validate_torsion.auth_asym_id 
_pdbx_validate_torsion.auth_seq_id 
_pdbx_validate_torsion.PDB_ins_code 
_pdbx_validate_torsion.label_alt_id 
_pdbx_validate_torsion.phi 
_pdbx_validate_torsion.psi 
1  1 SER A 17  ? ? 87.68   52.08   
2  1 ASN A 18  ? ? -155.83 57.37   
3  1 ARG A 19  ? ? -78.33  -71.30  
4  1 ARG A 27  ? ? -57.75  89.09   
5  1 LYS A 29  ? ? -57.11  -176.14 
6  1 GLU A 38  ? ? -125.04 -161.17 
7  1 SER A 39  ? ? -177.57 -157.48 
8  1 LYS A 41  ? ? -52.88  -178.33 
9  1 CYS A 44  ? ? -75.45  -166.76 
10 1 LYS A 62  ? ? -132.90 -55.41  
11 1 THR A 65  ? ? -172.00 -29.64  
12 1 ALA A 70  ? ? 166.54  -26.46  
13 1 ASN A 74  ? ? 49.03   -159.30 
14 1 LEU A 75  ? ? -129.42 -109.86 
15 1 TYR A 76  ? ? 73.32   122.41  
16 1 SER A 77  ? ? -101.40 41.54   
17 1 LEU A 98  ? ? -107.25 -77.68  
18 1 ALA A 108 ? ? 43.20   -166.92 
19 1 GLN A 109 ? ? 174.02  45.25   
20 1 ARG A 111 ? ? -111.62 -94.39  
# 
loop_
_pdbx_validate_planes.id 
_pdbx_validate_planes.PDB_model_num 
_pdbx_validate_planes.auth_comp_id 
_pdbx_validate_planes.auth_asym_id 
_pdbx_validate_planes.auth_seq_id 
_pdbx_validate_planes.PDB_ins_code 
_pdbx_validate_planes.label_alt_id 
_pdbx_validate_planes.rmsd 
_pdbx_validate_planes.type 
1 1 ARG A 19  ? ? 0.245 'SIDE CHAIN' 
2 1 ARG A 27  ? ? 0.282 'SIDE CHAIN' 
3 1 ARG A 30  ? ? 0.284 'SIDE CHAIN' 
4 1 ARG A 37  ? ? 0.244 'SIDE CHAIN' 
5 1 ARG A 112 ? ? 0.285 'SIDE CHAIN' 
# 
_pdbx_struct_mod_residue.id               1 
_pdbx_struct_mod_residue.label_asym_id    B 
_pdbx_struct_mod_residue.label_comp_id    PTR 
_pdbx_struct_mod_residue.label_seq_id     2 
_pdbx_struct_mod_residue.auth_asym_id     B 
_pdbx_struct_mod_residue.auth_comp_id     PTR 
_pdbx_struct_mod_residue.auth_seq_id      201 
_pdbx_struct_mod_residue.PDB_ins_code     ? 
_pdbx_struct_mod_residue.parent_comp_id   TYR 
_pdbx_struct_mod_residue.details          O-PHOSPHOTYROSINE 
# 
_pdbx_nmr_ensemble.entry_id                             1PIC 
_pdbx_nmr_ensemble.conformers_calculated_total_number   100 
_pdbx_nmr_ensemble.conformers_submitted_total_number    1 
_pdbx_nmr_ensemble.conformer_selection_criteria         ? 
# 
_pdbx_nmr_exptl_sample_conditions.conditions_id       1 
_pdbx_nmr_exptl_sample_conditions.temperature         296 
_pdbx_nmr_exptl_sample_conditions.pressure            ? 
_pdbx_nmr_exptl_sample_conditions.pH                  6.8 
_pdbx_nmr_exptl_sample_conditions.ionic_strength      ? 
_pdbx_nmr_exptl_sample_conditions.pressure_units      . 
_pdbx_nmr_exptl_sample_conditions.temperature_units   K 
# 
_pdbx_nmr_details.entry_id   1PIC 
_pdbx_nmr_details.text       
;THE STRUCTURE WAS DETERMINED BY TRIPLE-RESONANCE NMR ON 13C,15N-LABELLED SH2 DOMAIN COMBINED WITH ISOTOPE-FILTERED 1H-NMR FOR THE UNLABELLED BOUND PEPTIDE.
;
# 
_pdbx_nmr_refine.entry_id           1PIC 
_pdbx_nmr_refine.method             'simulated annealing' 
_pdbx_nmr_refine.details            'REFINEMENT DETAILS CAN BE FOUND IN THE JRNL CITATION ABOVE.' 
_pdbx_nmr_refine.software_ordinal   1 
# 
loop_
_pdbx_nmr_software.classification 
_pdbx_nmr_software.name 
_pdbx_nmr_software.version 
_pdbx_nmr_software.authors 
_pdbx_nmr_software.ordinal 
refinement           X-PLOR 3.1 BRUNGER 1 
'structure solution' X-PLOR ?   ?       2 
# 
loop_
_chem_comp_atom.comp_id 
_chem_comp_atom.atom_id 
_chem_comp_atom.type_symbol 
_chem_comp_atom.pdbx_aromatic_flag 
_chem_comp_atom.pdbx_stereo_config 
_chem_comp_atom.pdbx_ordinal 
ACE C    C N N 1   
ACE O    O N N 2   
ACE CH3  C N N 3   
ACE H    H N N 4   
ACE H1   H N N 5   
ACE H2   H N N 6   
ACE H3   H N N 7   
ALA N    N N N 8   
ALA CA   C N S 9   
ALA C    C N N 10  
ALA O    O N N 11  
ALA CB   C N N 12  
ALA OXT  O N N 13  
ALA H    H N N 14  
ALA H2   H N N 15  
ALA HA   H N N 16  
ALA HB1  H N N 17  
ALA HB2  H N N 18  
ALA HB3  H N N 19  
ALA HXT  H N N 20  
ARG N    N N N 21  
ARG CA   C N S 22  
ARG C    C N N 23  
ARG O    O N N 24  
ARG CB   C N N 25  
ARG CG   C N N 26  
ARG CD   C N N 27  
ARG NE   N N N 28  
ARG CZ   C N N 29  
ARG NH1  N N N 30  
ARG NH2  N N N 31  
ARG OXT  O N N 32  
ARG H    H N N 33  
ARG H2   H N N 34  
ARG HA   H N N 35  
ARG HB2  H N N 36  
ARG HB3  H N N 37  
ARG HG2  H N N 38  
ARG HG3  H N N 39  
ARG HD2  H N N 40  
ARG HD3  H N N 41  
ARG HE   H N N 42  
ARG HH11 H N N 43  
ARG HH12 H N N 44  
ARG HH21 H N N 45  
ARG HH22 H N N 46  
ARG HXT  H N N 47  
ASN N    N N N 48  
ASN CA   C N S 49  
ASN C    C N N 50  
ASN O    O N N 51  
ASN CB   C N N 52  
ASN CG   C N N 53  
ASN OD1  O N N 54  
ASN ND2  N N N 55  
ASN OXT  O N N 56  
ASN H    H N N 57  
ASN H2   H N N 58  
ASN HA   H N N 59  
ASN HB2  H N N 60  
ASN HB3  H N N 61  
ASN HD21 H N N 62  
ASN HD22 H N N 63  
ASN HXT  H N N 64  
ASP N    N N N 65  
ASP CA   C N S 66  
ASP C    C N N 67  
ASP O    O N N 68  
ASP CB   C N N 69  
ASP CG   C N N 70  
ASP OD1  O N N 71  
ASP OD2  O N N 72  
ASP OXT  O N N 73  
ASP H    H N N 74  
ASP H2   H N N 75  
ASP HA   H N N 76  
ASP HB2  H N N 77  
ASP HB3  H N N 78  
ASP HD2  H N N 79  
ASP HXT  H N N 80  
CYS N    N N N 81  
CYS CA   C N R 82  
CYS C    C N N 83  
CYS O    O N N 84  
CYS CB   C N N 85  
CYS SG   S N N 86  
CYS OXT  O N N 87  
CYS H    H N N 88  
CYS H2   H N N 89  
CYS HA   H N N 90  
CYS HB2  H N N 91  
CYS HB3  H N N 92  
CYS HG   H N N 93  
CYS HXT  H N N 94  
GLN N    N N N 95  
GLN CA   C N S 96  
GLN C    C N N 97  
GLN O    O N N 98  
GLN CB   C N N 99  
GLN CG   C N N 100 
GLN CD   C N N 101 
GLN OE1  O N N 102 
GLN NE2  N N N 103 
GLN OXT  O N N 104 
GLN H    H N N 105 
GLN H2   H N N 106 
GLN HA   H N N 107 
GLN HB2  H N N 108 
GLN HB3  H N N 109 
GLN HG2  H N N 110 
GLN HG3  H N N 111 
GLN HE21 H N N 112 
GLN HE22 H N N 113 
GLN HXT  H N N 114 
GLU N    N N N 115 
GLU CA   C N S 116 
GLU C    C N N 117 
GLU O    O N N 118 
GLU CB   C N N 119 
GLU CG   C N N 120 
GLU CD   C N N 121 
GLU OE1  O N N 122 
GLU OE2  O N N 123 
GLU OXT  O N N 124 
GLU H    H N N 125 
GLU H2   H N N 126 
GLU HA   H N N 127 
GLU HB2  H N N 128 
GLU HB3  H N N 129 
GLU HG2  H N N 130 
GLU HG3  H N N 131 
GLU HE2  H N N 132 
GLU HXT  H N N 133 
GLY N    N N N 134 
GLY CA   C N N 135 
GLY C    C N N 136 
GLY O    O N N 137 
GLY OXT  O N N 138 
GLY H    H N N 139 
GLY H2   H N N 140 
GLY HA2  H N N 141 
GLY HA3  H N N 142 
GLY HXT  H N N 143 
HIS N    N N N 144 
HIS CA   C N S 145 
HIS C    C N N 146 
HIS O    O N N 147 
HIS CB   C N N 148 
HIS CG   C Y N 149 
HIS ND1  N Y N 150 
HIS CD2  C Y N 151 
HIS CE1  C Y N 152 
HIS NE2  N Y N 153 
HIS OXT  O N N 154 
HIS H    H N N 155 
HIS H2   H N N 156 
HIS HA   H N N 157 
HIS HB2  H N N 158 
HIS HB3  H N N 159 
HIS HD1  H N N 160 
HIS HD2  H N N 161 
HIS HE1  H N N 162 
HIS HE2  H N N 163 
HIS HXT  H N N 164 
ILE N    N N N 165 
ILE CA   C N S 166 
ILE C    C N N 167 
ILE O    O N N 168 
ILE CB   C N S 169 
ILE CG1  C N N 170 
ILE CG2  C N N 171 
ILE CD1  C N N 172 
ILE OXT  O N N 173 
ILE H    H N N 174 
ILE H2   H N N 175 
ILE HA   H N N 176 
ILE HB   H N N 177 
ILE HG12 H N N 178 
ILE HG13 H N N 179 
ILE HG21 H N N 180 
ILE HG22 H N N 181 
ILE HG23 H N N 182 
ILE HD11 H N N 183 
ILE HD12 H N N 184 
ILE HD13 H N N 185 
ILE HXT  H N N 186 
LEU N    N N N 187 
LEU CA   C N S 188 
LEU C    C N N 189 
LEU O    O N N 190 
LEU CB   C N N 191 
LEU CG   C N N 192 
LEU CD1  C N N 193 
LEU CD2  C N N 194 
LEU OXT  O N N 195 
LEU H    H N N 196 
LEU H2   H N N 197 
LEU HA   H N N 198 
LEU HB2  H N N 199 
LEU HB3  H N N 200 
LEU HG   H N N 201 
LEU HD11 H N N 202 
LEU HD12 H N N 203 
LEU HD13 H N N 204 
LEU HD21 H N N 205 
LEU HD22 H N N 206 
LEU HD23 H N N 207 
LEU HXT  H N N 208 
LYS N    N N N 209 
LYS CA   C N S 210 
LYS C    C N N 211 
LYS O    O N N 212 
LYS CB   C N N 213 
LYS CG   C N N 214 
LYS CD   C N N 215 
LYS CE   C N N 216 
LYS NZ   N N N 217 
LYS OXT  O N N 218 
LYS H    H N N 219 
LYS H2   H N N 220 
LYS HA   H N N 221 
LYS HB2  H N N 222 
LYS HB3  H N N 223 
LYS HG2  H N N 224 
LYS HG3  H N N 225 
LYS HD2  H N N 226 
LYS HD3  H N N 227 
LYS HE2  H N N 228 
LYS HE3  H N N 229 
LYS HZ1  H N N 230 
LYS HZ2  H N N 231 
LYS HZ3  H N N 232 
LYS HXT  H N N 233 
MET N    N N N 234 
MET CA   C N S 235 
MET C    C N N 236 
MET O    O N N 237 
MET CB   C N N 238 
MET CG   C N N 239 
MET SD   S N N 240 
MET CE   C N N 241 
MET OXT  O N N 242 
MET H    H N N 243 
MET H2   H N N 244 
MET HA   H N N 245 
MET HB2  H N N 246 
MET HB3  H N N 247 
MET HG2  H N N 248 
MET HG3  H N N 249 
MET HE1  H N N 250 
MET HE2  H N N 251 
MET HE3  H N N 252 
MET HXT  H N N 253 
PHE N    N N N 254 
PHE CA   C N S 255 
PHE C    C N N 256 
PHE O    O N N 257 
PHE CB   C N N 258 
PHE CG   C Y N 259 
PHE CD1  C Y N 260 
PHE CD2  C Y N 261 
PHE CE1  C Y N 262 
PHE CE2  C Y N 263 
PHE CZ   C Y N 264 
PHE OXT  O N N 265 
PHE H    H N N 266 
PHE H2   H N N 267 
PHE HA   H N N 268 
PHE HB2  H N N 269 
PHE HB3  H N N 270 
PHE HD1  H N N 271 
PHE HD2  H N N 272 
PHE HE1  H N N 273 
PHE HE2  H N N 274 
PHE HZ   H N N 275 
PHE HXT  H N N 276 
PRO N    N N N 277 
PRO CA   C N S 278 
PRO C    C N N 279 
PRO O    O N N 280 
PRO CB   C N N 281 
PRO CG   C N N 282 
PRO CD   C N N 283 
PRO OXT  O N N 284 
PRO H    H N N 285 
PRO HA   H N N 286 
PRO HB2  H N N 287 
PRO HB3  H N N 288 
PRO HG2  H N N 289 
PRO HG3  H N N 290 
PRO HD2  H N N 291 
PRO HD3  H N N 292 
PRO HXT  H N N 293 
PTR N    N N N 294 
PTR CA   C N S 295 
PTR C    C N N 296 
PTR O    O N N 297 
PTR OXT  O N N 298 
PTR CB   C N N 299 
PTR CG   C Y N 300 
PTR CD1  C Y N 301 
PTR CD2  C Y N 302 
PTR CE1  C Y N 303 
PTR CE2  C Y N 304 
PTR CZ   C Y N 305 
PTR OH   O N N 306 
PTR P    P N N 307 
PTR O1P  O N N 308 
PTR O2P  O N N 309 
PTR O3P  O N N 310 
PTR H    H N N 311 
PTR H2   H N N 312 
PTR HA   H N N 313 
PTR HXT  H N N 314 
PTR HB2  H N N 315 
PTR HB3  H N N 316 
PTR HD1  H N N 317 
PTR HD2  H N N 318 
PTR HE1  H N N 319 
PTR HE2  H N N 320 
PTR HO2P H N N 321 
PTR HO3P H N N 322 
SER N    N N N 323 
SER CA   C N S 324 
SER C    C N N 325 
SER O    O N N 326 
SER CB   C N N 327 
SER OG   O N N 328 
SER OXT  O N N 329 
SER H    H N N 330 
SER H2   H N N 331 
SER HA   H N N 332 
SER HB2  H N N 333 
SER HB3  H N N 334 
SER HG   H N N 335 
SER HXT  H N N 336 
THR N    N N N 337 
THR CA   C N S 338 
THR C    C N N 339 
THR O    O N N 340 
THR CB   C N R 341 
THR OG1  O N N 342 
THR CG2  C N N 343 
THR OXT  O N N 344 
THR H    H N N 345 
THR H2   H N N 346 
THR HA   H N N 347 
THR HB   H N N 348 
THR HG1  H N N 349 
THR HG21 H N N 350 
THR HG22 H N N 351 
THR HG23 H N N 352 
THR HXT  H N N 353 
TRP N    N N N 354 
TRP CA   C N S 355 
TRP C    C N N 356 
TRP O    O N N 357 
TRP CB   C N N 358 
TRP CG   C Y N 359 
TRP CD1  C Y N 360 
TRP CD2  C Y N 361 
TRP NE1  N Y N 362 
TRP CE2  C Y N 363 
TRP CE3  C Y N 364 
TRP CZ2  C Y N 365 
TRP CZ3  C Y N 366 
TRP CH2  C Y N 367 
TRP OXT  O N N 368 
TRP H    H N N 369 
TRP H2   H N N 370 
TRP HA   H N N 371 
TRP HB2  H N N 372 
TRP HB3  H N N 373 
TRP HD1  H N N 374 
TRP HE1  H N N 375 
TRP HE3  H N N 376 
TRP HZ2  H N N 377 
TRP HZ3  H N N 378 
TRP HH2  H N N 379 
TRP HXT  H N N 380 
TYR N    N N N 381 
TYR CA   C N S 382 
TYR C    C N N 383 
TYR O    O N N 384 
TYR CB   C N N 385 
TYR CG   C Y N 386 
TYR CD1  C Y N 387 
TYR CD2  C Y N 388 
TYR CE1  C Y N 389 
TYR CE2  C Y N 390 
TYR CZ   C Y N 391 
TYR OH   O N N 392 
TYR OXT  O N N 393 
TYR H    H N N 394 
TYR H2   H N N 395 
TYR HA   H N N 396 
TYR HB2  H N N 397 
TYR HB3  H N N 398 
TYR HD1  H N N 399 
TYR HD2  H N N 400 
TYR HE1  H N N 401 
TYR HE2  H N N 402 
TYR HH   H N N 403 
TYR HXT  H N N 404 
VAL N    N N N 405 
VAL CA   C N S 406 
VAL C    C N N 407 
VAL O    O N N 408 
VAL CB   C N N 409 
VAL CG1  C N N 410 
VAL CG2  C N N 411 
VAL OXT  O N N 412 
VAL H    H N N 413 
VAL H2   H N N 414 
VAL HA   H N N 415 
VAL HB   H N N 416 
VAL HG11 H N N 417 
VAL HG12 H N N 418 
VAL HG13 H N N 419 
VAL HG21 H N N 420 
VAL HG22 H N N 421 
VAL HG23 H N N 422 
VAL HXT  H N N 423 
# 
loop_
_chem_comp_bond.comp_id 
_chem_comp_bond.atom_id_1 
_chem_comp_bond.atom_id_2 
_chem_comp_bond.value_order 
_chem_comp_bond.pdbx_aromatic_flag 
_chem_comp_bond.pdbx_stereo_config 
_chem_comp_bond.pdbx_ordinal 
ACE C   O    doub N N 1   
ACE C   CH3  sing N N 2   
ACE C   H    sing N N 3   
ACE CH3 H1   sing N N 4   
ACE CH3 H2   sing N N 5   
ACE CH3 H3   sing N N 6   
ALA N   CA   sing N N 7   
ALA N   H    sing N N 8   
ALA N   H2   sing N N 9   
ALA CA  C    sing N N 10  
ALA CA  CB   sing N N 11  
ALA CA  HA   sing N N 12  
ALA C   O    doub N N 13  
ALA C   OXT  sing N N 14  
ALA CB  HB1  sing N N 15  
ALA CB  HB2  sing N N 16  
ALA CB  HB3  sing N N 17  
ALA OXT HXT  sing N N 18  
ARG N   CA   sing N N 19  
ARG N   H    sing N N 20  
ARG N   H2   sing N N 21  
ARG CA  C    sing N N 22  
ARG CA  CB   sing N N 23  
ARG CA  HA   sing N N 24  
ARG C   O    doub N N 25  
ARG C   OXT  sing N N 26  
ARG CB  CG   sing N N 27  
ARG CB  HB2  sing N N 28  
ARG CB  HB3  sing N N 29  
ARG CG  CD   sing N N 30  
ARG CG  HG2  sing N N 31  
ARG CG  HG3  sing N N 32  
ARG CD  NE   sing N N 33  
ARG CD  HD2  sing N N 34  
ARG CD  HD3  sing N N 35  
ARG NE  CZ   sing N N 36  
ARG NE  HE   sing N N 37  
ARG CZ  NH1  sing N N 38  
ARG CZ  NH2  doub N N 39  
ARG NH1 HH11 sing N N 40  
ARG NH1 HH12 sing N N 41  
ARG NH2 HH21 sing N N 42  
ARG NH2 HH22 sing N N 43  
ARG OXT HXT  sing N N 44  
ASN N   CA   sing N N 45  
ASN N   H    sing N N 46  
ASN N   H2   sing N N 47  
ASN CA  C    sing N N 48  
ASN CA  CB   sing N N 49  
ASN CA  HA   sing N N 50  
ASN C   O    doub N N 51  
ASN C   OXT  sing N N 52  
ASN CB  CG   sing N N 53  
ASN CB  HB2  sing N N 54  
ASN CB  HB3  sing N N 55  
ASN CG  OD1  doub N N 56  
ASN CG  ND2  sing N N 57  
ASN ND2 HD21 sing N N 58  
ASN ND2 HD22 sing N N 59  
ASN OXT HXT  sing N N 60  
ASP N   CA   sing N N 61  
ASP N   H    sing N N 62  
ASP N   H2   sing N N 63  
ASP CA  C    sing N N 64  
ASP CA  CB   sing N N 65  
ASP CA  HA   sing N N 66  
ASP C   O    doub N N 67  
ASP C   OXT  sing N N 68  
ASP CB  CG   sing N N 69  
ASP CB  HB2  sing N N 70  
ASP CB  HB3  sing N N 71  
ASP CG  OD1  doub N N 72  
ASP CG  OD2  sing N N 73  
ASP OD2 HD2  sing N N 74  
ASP OXT HXT  sing N N 75  
CYS N   CA   sing N N 76  
CYS N   H    sing N N 77  
CYS N   H2   sing N N 78  
CYS CA  C    sing N N 79  
CYS CA  CB   sing N N 80  
CYS CA  HA   sing N N 81  
CYS C   O    doub N N 82  
CYS C   OXT  sing N N 83  
CYS CB  SG   sing N N 84  
CYS CB  HB2  sing N N 85  
CYS CB  HB3  sing N N 86  
CYS SG  HG   sing N N 87  
CYS OXT HXT  sing N N 88  
GLN N   CA   sing N N 89  
GLN N   H    sing N N 90  
GLN N   H2   sing N N 91  
GLN CA  C    sing N N 92  
GLN CA  CB   sing N N 93  
GLN CA  HA   sing N N 94  
GLN C   O    doub N N 95  
GLN C   OXT  sing N N 96  
GLN CB  CG   sing N N 97  
GLN CB  HB2  sing N N 98  
GLN CB  HB3  sing N N 99  
GLN CG  CD   sing N N 100 
GLN CG  HG2  sing N N 101 
GLN CG  HG3  sing N N 102 
GLN CD  OE1  doub N N 103 
GLN CD  NE2  sing N N 104 
GLN NE2 HE21 sing N N 105 
GLN NE2 HE22 sing N N 106 
GLN OXT HXT  sing N N 107 
GLU N   CA   sing N N 108 
GLU N   H    sing N N 109 
GLU N   H2   sing N N 110 
GLU CA  C    sing N N 111 
GLU CA  CB   sing N N 112 
GLU CA  HA   sing N N 113 
GLU C   O    doub N N 114 
GLU C   OXT  sing N N 115 
GLU CB  CG   sing N N 116 
GLU CB  HB2  sing N N 117 
GLU CB  HB3  sing N N 118 
GLU CG  CD   sing N N 119 
GLU CG  HG2  sing N N 120 
GLU CG  HG3  sing N N 121 
GLU CD  OE1  doub N N 122 
GLU CD  OE2  sing N N 123 
GLU OE2 HE2  sing N N 124 
GLU OXT HXT  sing N N 125 
GLY N   CA   sing N N 126 
GLY N   H    sing N N 127 
GLY N   H2   sing N N 128 
GLY CA  C    sing N N 129 
GLY CA  HA2  sing N N 130 
GLY CA  HA3  sing N N 131 
GLY C   O    doub N N 132 
GLY C   OXT  sing N N 133 
GLY OXT HXT  sing N N 134 
HIS N   CA   sing N N 135 
HIS N   H    sing N N 136 
HIS N   H2   sing N N 137 
HIS CA  C    sing N N 138 
HIS CA  CB   sing N N 139 
HIS CA  HA   sing N N 140 
HIS C   O    doub N N 141 
HIS C   OXT  sing N N 142 
HIS CB  CG   sing N N 143 
HIS CB  HB2  sing N N 144 
HIS CB  HB3  sing N N 145 
HIS CG  ND1  sing Y N 146 
HIS CG  CD2  doub Y N 147 
HIS ND1 CE1  doub Y N 148 
HIS ND1 HD1  sing N N 149 
HIS CD2 NE2  sing Y N 150 
HIS CD2 HD2  sing N N 151 
HIS CE1 NE2  sing Y N 152 
HIS CE1 HE1  sing N N 153 
HIS NE2 HE2  sing N N 154 
HIS OXT HXT  sing N N 155 
ILE N   CA   sing N N 156 
ILE N   H    sing N N 157 
ILE N   H2   sing N N 158 
ILE CA  C    sing N N 159 
ILE CA  CB   sing N N 160 
ILE CA  HA   sing N N 161 
ILE C   O    doub N N 162 
ILE C   OXT  sing N N 163 
ILE CB  CG1  sing N N 164 
ILE CB  CG2  sing N N 165 
ILE CB  HB   sing N N 166 
ILE CG1 CD1  sing N N 167 
ILE CG1 HG12 sing N N 168 
ILE CG1 HG13 sing N N 169 
ILE CG2 HG21 sing N N 170 
ILE CG2 HG22 sing N N 171 
ILE CG2 HG23 sing N N 172 
ILE CD1 HD11 sing N N 173 
ILE CD1 HD12 sing N N 174 
ILE CD1 HD13 sing N N 175 
ILE OXT HXT  sing N N 176 
LEU N   CA   sing N N 177 
LEU N   H    sing N N 178 
LEU N   H2   sing N N 179 
LEU CA  C    sing N N 180 
LEU CA  CB   sing N N 181 
LEU CA  HA   sing N N 182 
LEU C   O    doub N N 183 
LEU C   OXT  sing N N 184 
LEU CB  CG   sing N N 185 
LEU CB  HB2  sing N N 186 
LEU CB  HB3  sing N N 187 
LEU CG  CD1  sing N N 188 
LEU CG  CD2  sing N N 189 
LEU CG  HG   sing N N 190 
LEU CD1 HD11 sing N N 191 
LEU CD1 HD12 sing N N 192 
LEU CD1 HD13 sing N N 193 
LEU CD2 HD21 sing N N 194 
LEU CD2 HD22 sing N N 195 
LEU CD2 HD23 sing N N 196 
LEU OXT HXT  sing N N 197 
LYS N   CA   sing N N 198 
LYS N   H    sing N N 199 
LYS N   H2   sing N N 200 
LYS CA  C    sing N N 201 
LYS CA  CB   sing N N 202 
LYS CA  HA   sing N N 203 
LYS C   O    doub N N 204 
LYS C   OXT  sing N N 205 
LYS CB  CG   sing N N 206 
LYS CB  HB2  sing N N 207 
LYS CB  HB3  sing N N 208 
LYS CG  CD   sing N N 209 
LYS CG  HG2  sing N N 210 
LYS CG  HG3  sing N N 211 
LYS CD  CE   sing N N 212 
LYS CD  HD2  sing N N 213 
LYS CD  HD3  sing N N 214 
LYS CE  NZ   sing N N 215 
LYS CE  HE2  sing N N 216 
LYS CE  HE3  sing N N 217 
LYS NZ  HZ1  sing N N 218 
LYS NZ  HZ2  sing N N 219 
LYS NZ  HZ3  sing N N 220 
LYS OXT HXT  sing N N 221 
MET N   CA   sing N N 222 
MET N   H    sing N N 223 
MET N   H2   sing N N 224 
MET CA  C    sing N N 225 
MET CA  CB   sing N N 226 
MET CA  HA   sing N N 227 
MET C   O    doub N N 228 
MET C   OXT  sing N N 229 
MET CB  CG   sing N N 230 
MET CB  HB2  sing N N 231 
MET CB  HB3  sing N N 232 
MET CG  SD   sing N N 233 
MET CG  HG2  sing N N 234 
MET CG  HG3  sing N N 235 
MET SD  CE   sing N N 236 
MET CE  HE1  sing N N 237 
MET CE  HE2  sing N N 238 
MET CE  HE3  sing N N 239 
MET OXT HXT  sing N N 240 
PHE N   CA   sing N N 241 
PHE N   H    sing N N 242 
PHE N   H2   sing N N 243 
PHE CA  C    sing N N 244 
PHE CA  CB   sing N N 245 
PHE CA  HA   sing N N 246 
PHE C   O    doub N N 247 
PHE C   OXT  sing N N 248 
PHE CB  CG   sing N N 249 
PHE CB  HB2  sing N N 250 
PHE CB  HB3  sing N N 251 
PHE CG  CD1  doub Y N 252 
PHE CG  CD2  sing Y N 253 
PHE CD1 CE1  sing Y N 254 
PHE CD1 HD1  sing N N 255 
PHE CD2 CE2  doub Y N 256 
PHE CD2 HD2  sing N N 257 
PHE CE1 CZ   doub Y N 258 
PHE CE1 HE1  sing N N 259 
PHE CE2 CZ   sing Y N 260 
PHE CE2 HE2  sing N N 261 
PHE CZ  HZ   sing N N 262 
PHE OXT HXT  sing N N 263 
PRO N   CA   sing N N 264 
PRO N   CD   sing N N 265 
PRO N   H    sing N N 266 
PRO CA  C    sing N N 267 
PRO CA  CB   sing N N 268 
PRO CA  HA   sing N N 269 
PRO C   O    doub N N 270 
PRO C   OXT  sing N N 271 
PRO CB  CG   sing N N 272 
PRO CB  HB2  sing N N 273 
PRO CB  HB3  sing N N 274 
PRO CG  CD   sing N N 275 
PRO CG  HG2  sing N N 276 
PRO CG  HG3  sing N N 277 
PRO CD  HD2  sing N N 278 
PRO CD  HD3  sing N N 279 
PRO OXT HXT  sing N N 280 
PTR N   CA   sing N N 281 
PTR N   H    sing N N 282 
PTR N   H2   sing N N 283 
PTR CA  C    sing N N 284 
PTR CA  CB   sing N N 285 
PTR CA  HA   sing N N 286 
PTR C   O    doub N N 287 
PTR C   OXT  sing N N 288 
PTR OXT HXT  sing N N 289 
PTR CB  CG   sing N N 290 
PTR CB  HB2  sing N N 291 
PTR CB  HB3  sing N N 292 
PTR CG  CD1  doub Y N 293 
PTR CG  CD2  sing Y N 294 
PTR CD1 CE1  sing Y N 295 
PTR CD1 HD1  sing N N 296 
PTR CD2 CE2  doub Y N 297 
PTR CD2 HD2  sing N N 298 
PTR CE1 CZ   doub Y N 299 
PTR CE1 HE1  sing N N 300 
PTR CE2 CZ   sing Y N 301 
PTR CE2 HE2  sing N N 302 
PTR CZ  OH   sing N N 303 
PTR OH  P    sing N N 304 
PTR P   O1P  doub N N 305 
PTR P   O2P  sing N N 306 
PTR P   O3P  sing N N 307 
PTR O2P HO2P sing N N 308 
PTR O3P HO3P sing N N 309 
SER N   CA   sing N N 310 
SER N   H    sing N N 311 
SER N   H2   sing N N 312 
SER CA  C    sing N N 313 
SER CA  CB   sing N N 314 
SER CA  HA   sing N N 315 
SER C   O    doub N N 316 
SER C   OXT  sing N N 317 
SER CB  OG   sing N N 318 
SER CB  HB2  sing N N 319 
SER CB  HB3  sing N N 320 
SER OG  HG   sing N N 321 
SER OXT HXT  sing N N 322 
THR N   CA   sing N N 323 
THR N   H    sing N N 324 
THR N   H2   sing N N 325 
THR CA  C    sing N N 326 
THR CA  CB   sing N N 327 
THR CA  HA   sing N N 328 
THR C   O    doub N N 329 
THR C   OXT  sing N N 330 
THR CB  OG1  sing N N 331 
THR CB  CG2  sing N N 332 
THR CB  HB   sing N N 333 
THR OG1 HG1  sing N N 334 
THR CG2 HG21 sing N N 335 
THR CG2 HG22 sing N N 336 
THR CG2 HG23 sing N N 337 
THR OXT HXT  sing N N 338 
TRP N   CA   sing N N 339 
TRP N   H    sing N N 340 
TRP N   H2   sing N N 341 
TRP CA  C    sing N N 342 
TRP CA  CB   sing N N 343 
TRP CA  HA   sing N N 344 
TRP C   O    doub N N 345 
TRP C   OXT  sing N N 346 
TRP CB  CG   sing N N 347 
TRP CB  HB2  sing N N 348 
TRP CB  HB3  sing N N 349 
TRP CG  CD1  doub Y N 350 
TRP CG  CD2  sing Y N 351 
TRP CD1 NE1  sing Y N 352 
TRP CD1 HD1  sing N N 353 
TRP CD2 CE2  doub Y N 354 
TRP CD2 CE3  sing Y N 355 
TRP NE1 CE2  sing Y N 356 
TRP NE1 HE1  sing N N 357 
TRP CE2 CZ2  sing Y N 358 
TRP CE3 CZ3  doub Y N 359 
TRP CE3 HE3  sing N N 360 
TRP CZ2 CH2  doub Y N 361 
TRP CZ2 HZ2  sing N N 362 
TRP CZ3 CH2  sing Y N 363 
TRP CZ3 HZ3  sing N N 364 
TRP CH2 HH2  sing N N 365 
TRP OXT HXT  sing N N 366 
TYR N   CA   sing N N 367 
TYR N   H    sing N N 368 
TYR N   H2   sing N N 369 
TYR CA  C    sing N N 370 
TYR CA  CB   sing N N 371 
TYR CA  HA   sing N N 372 
TYR C   O    doub N N 373 
TYR C   OXT  sing N N 374 
TYR CB  CG   sing N N 375 
TYR CB  HB2  sing N N 376 
TYR CB  HB3  sing N N 377 
TYR CG  CD1  doub Y N 378 
TYR CG  CD2  sing Y N 379 
TYR CD1 CE1  sing Y N 380 
TYR CD1 HD1  sing N N 381 
TYR CD2 CE2  doub Y N 382 
TYR CD2 HD2  sing N N 383 
TYR CE1 CZ   doub Y N 384 
TYR CE1 HE1  sing N N 385 
TYR CE2 CZ   sing Y N 386 
TYR CE2 HE2  sing N N 387 
TYR CZ  OH   sing N N 388 
TYR OH  HH   sing N N 389 
TYR OXT HXT  sing N N 390 
VAL N   CA   sing N N 391 
VAL N   H    sing N N 392 
VAL N   H2   sing N N 393 
VAL CA  C    sing N N 394 
VAL CA  CB   sing N N 395 
VAL CA  HA   sing N N 396 
VAL C   O    doub N N 397 
VAL C   OXT  sing N N 398 
VAL CB  CG1  sing N N 399 
VAL CB  CG2  sing N N 400 
VAL CB  HB   sing N N 401 
VAL CG1 HG11 sing N N 402 
VAL CG1 HG12 sing N N 403 
VAL CG1 HG13 sing N N 404 
VAL CG2 HG21 sing N N 405 
VAL CG2 HG22 sing N N 406 
VAL CG2 HG23 sing N N 407 
VAL OXT HXT  sing N N 408 
# 
loop_
_pdbx_nmr_spectrometer.spectrometer_id 
_pdbx_nmr_spectrometer.model 
_pdbx_nmr_spectrometer.manufacturer 
_pdbx_nmr_spectrometer.field_strength 
1 UNITY Varian 600 
2 UNITY Varian 750 
# 
_atom_sites.entry_id                    1PIC 
_atom_sites.fract_transf_matrix[1][1]   1.000000 
_atom_sites.fract_transf_matrix[1][2]   0.000000 
_atom_sites.fract_transf_matrix[1][3]   0.000000 
_atom_sites.fract_transf_matrix[2][1]   0.000000 
_atom_sites.fract_transf_matrix[2][2]   1.000000 
_atom_sites.fract_transf_matrix[2][3]   0.000000 
_atom_sites.fract_transf_matrix[3][1]   0.000000 
_atom_sites.fract_transf_matrix[3][2]   0.000000 
_atom_sites.fract_transf_matrix[3][3]   1.000000 
_atom_sites.fract_transf_vector[1]      0.00000 
_atom_sites.fract_transf_vector[2]      0.00000 
_atom_sites.fract_transf_vector[3]      0.00000 
# 
loop_
_atom_type.symbol 
C 
H 
N 
O 
P 
S 
# 
loop_
_atom_site.group_PDB 
_atom_site.id 
_atom_site.type_symbol 
_atom_site.label_atom_id 
_atom_site.label_alt_id 
_atom_site.label_comp_id 
_atom_site.label_asym_id 
_atom_site.label_entity_id 
_atom_site.label_seq_id 
_atom_site.pdbx_PDB_ins_code 
_atom_site.Cartn_x 
_atom_site.Cartn_y 
_atom_site.Cartn_z 
_atom_site.occupancy 
_atom_site.B_iso_or_equiv 
_atom_site.pdbx_formal_charge 
_atom_site.auth_seq_id 
_atom_site.auth_comp_id 
_atom_site.auth_asym_id 
_atom_site.auth_atom_id 
_atom_site.pdbx_PDB_model_num 
ATOM   1    N N    . GLY A 1 1   ? -20.962 4.807   -12.300 1.00 3.99  ? 1   GLY A N    1 
ATOM   2    C CA   . GLY A 1 1   ? -21.334 4.277   -10.957 1.00 3.36  ? 1   GLY A CA   1 
ATOM   3    C C    . GLY A 1 1   ? -20.656 2.925   -10.736 1.00 2.55  ? 1   GLY A C    1 
ATOM   4    O O    . GLY A 1 1   ? -21.192 1.888   -11.071 1.00 2.89  ? 1   GLY A O    1 
ATOM   5    H H1   . GLY A 1 1   ? -21.011 4.039   -13.001 1.00 4.31  ? 1   GLY A H1   1 
ATOM   6    H H2   . GLY A 1 1   ? -21.621 5.565   -12.569 1.00 4.14  ? 1   GLY A H2   1 
ATOM   7    H H3   . GLY A 1 1   ? -19.995 5.187   -12.268 1.00 4.46  ? 1   GLY A H3   1 
ATOM   8    H HA2  . GLY A 1 1   ? -21.011 4.973   -10.194 1.00 3.68  ? 1   GLY A HA2  1 
ATOM   9    H HA3  . GLY A 1 1   ? -22.404 4.153   -10.902 1.00 3.67  ? 1   GLY A HA3  1 
ATOM   10   N N    . SER A 1 2   ? -19.477 2.926   -10.174 1.00 1.99  ? 2   SER A N    1 
ATOM   11   C CA   . SER A 1 2   ? -18.767 1.640   -9.933  1.00 1.56  ? 2   SER A CA   1 
ATOM   12   C C    . SER A 1 2   ? -18.285 1.590   -8.476  1.00 1.29  ? 2   SER A C    1 
ATOM   13   O O    . SER A 1 2   ? -17.525 2.439   -8.053  1.00 1.34  ? 2   SER A O    1 
ATOM   14   C CB   . SER A 1 2   ? -17.561 1.545   -10.868 1.00 2.07  ? 2   SER A CB   1 
ATOM   15   O OG   . SER A 1 2   ? -17.857 0.645   -11.928 1.00 2.68  ? 2   SER A OG   1 
ATOM   16   H H    . SER A 1 2   ? -19.061 3.773   -9.911  1.00 2.34  ? 2   SER A H    1 
ATOM   17   H HA   . SER A 1 2   ? -19.437 0.819   -10.129 1.00 1.77  ? 2   SER A HA   1 
ATOM   18   H HB2  . SER A 1 2   ? -17.344 2.517   -11.279 1.00 2.50  ? 2   SER A HB2  1 
ATOM   19   H HB3  . SER A 1 2   ? -16.701 1.192   -10.312 1.00 2.37  ? 2   SER A HB3  1 
ATOM   20   H HG   . SER A 1 2   ? -17.586 1.057   -12.752 1.00 3.08  ? 2   SER A HG   1 
ATOM   21   N N    . PRO A 1 3   ? -18.738 0.597   -7.749  1.00 1.19  ? 3   PRO A N    1 
ATOM   22   C CA   . PRO A 1 3   ? -18.363 0.419   -6.334  1.00 1.09  ? 3   PRO A CA   1 
ATOM   23   C C    . PRO A 1 3   ? -16.962 -0.189  -6.226  1.00 0.94  ? 3   PRO A C    1 
ATOM   24   O O    . PRO A 1 3   ? -16.788 -1.389  -6.300  1.00 0.99  ? 3   PRO A O    1 
ATOM   25   C CB   . PRO A 1 3   ? -19.422 -0.549  -5.800  1.00 1.32  ? 3   PRO A CB   1 
ATOM   26   C CG   . PRO A 1 3   ? -19.984 -1.303  -7.030  1.00 1.48  ? 3   PRO A CG   1 
ATOM   27   C CD   . PRO A 1 3   ? -19.661 -0.436  -8.261  1.00 1.40  ? 3   PRO A CD   1 
ATOM   28   H HA   . PRO A 1 3   ? -18.417 1.355   -5.803  1.00 1.17  ? 3   PRO A HA   1 
ATOM   29   H HB2  . PRO A 1 3   ? -18.969 -1.247  -5.108  1.00 1.38  ? 3   PRO A HB2  1 
ATOM   30   H HB3  . PRO A 1 3   ? -20.216 -0.004  -5.315  1.00 1.45  ? 3   PRO A HB3  1 
ATOM   31   H HG2  . PRO A 1 3   ? -19.508 -2.270  -7.120  1.00 1.59  ? 3   PRO A HG2  1 
ATOM   32   H HG3  . PRO A 1 3   ? -21.052 -1.420  -6.936  1.00 1.68  ? 3   PRO A HG3  1 
ATOM   33   H HD2  . PRO A 1 3   ? -19.181 -1.031  -9.025  1.00 1.53  ? 3   PRO A HD2  1 
ATOM   34   H HD3  . PRO A 1 3   ? -20.559 0.024   -8.647  1.00 1.50  ? 3   PRO A HD3  1 
ATOM   35   N N    . ILE A 1 4   ? -15.962 0.632   -6.054  1.00 0.82  ? 4   ILE A N    1 
ATOM   36   C CA   . ILE A 1 4   ? -14.576 0.106   -5.942  1.00 0.70  ? 4   ILE A CA   1 
ATOM   37   C C    . ILE A 1 4   ? -14.438 -0.706  -4.651  1.00 0.64  ? 4   ILE A C    1 
ATOM   38   O O    . ILE A 1 4   ? -15.053 -0.389  -3.652  1.00 0.68  ? 4   ILE A O    1 
ATOM   39   C CB   . ILE A 1 4   ? -13.596 1.279   -5.912  1.00 0.72  ? 4   ILE A CB   1 
ATOM   40   C CG1  . ILE A 1 4   ? -14.163 2.397   -5.033  1.00 0.82  ? 4   ILE A CG1  1 
ATOM   41   C CG2  . ILE A 1 4   ? -13.384 1.806   -7.332  1.00 0.90  ? 4   ILE A CG2  1 
ATOM   42   C CD1  . ILE A 1 4   ? -13.027 3.311   -4.573  1.00 0.86  ? 4   ILE A CD1  1 
ATOM   43   H H    . ILE A 1 4   ? -16.122 1.595   -5.997  1.00 0.88  ? 4   ILE A H    1 
ATOM   44   H HA   . ILE A 1 4   ? -14.360 -0.523  -6.792  1.00 0.71  ? 4   ILE A HA   1 
ATOM   45   H HB   . ILE A 1 4   ? -12.656 0.946   -5.509  1.00 0.64  ? 4   ILE A HB   1 
ATOM   46   H HG12 . ILE A 1 4   ? -14.881 2.971   -5.600  1.00 1.26  ? 4   ILE A HG12 1 
ATOM   47   H HG13 . ILE A 1 4   ? -14.647 1.966   -4.170  1.00 1.16  ? 4   ILE A HG13 1 
ATOM   48   H HG21 . ILE A 1 4   ? -13.955 1.207   -8.028  1.00 1.17  ? 4   ILE A HG21 1 
ATOM   49   H HG22 . ILE A 1 4   ? -13.712 2.834   -7.388  1.00 1.46  ? 4   ILE A HG22 1 
ATOM   50   H HG23 . ILE A 1 4   ? -12.335 1.748   -7.585  1.00 1.39  ? 4   ILE A HG23 1 
ATOM   51   H HD11 . ILE A 1 4   ? -12.083 2.916   -4.921  1.00 1.38  ? 4   ILE A HD11 1 
ATOM   52   H HD12 . ILE A 1 4   ? -13.173 4.301   -4.980  1.00 1.32  ? 4   ILE A HD12 1 
ATOM   53   H HD13 . ILE A 1 4   ? -13.019 3.363   -3.494  1.00 1.39  ? 4   ILE A HD13 1 
ATOM   54   N N    . PRO A 1 5   ? -13.628 -1.735  -4.711  1.00 0.59  ? 5   PRO A N    1 
ATOM   55   C CA   . PRO A 1 5   ? -13.381 -2.618  -3.558  1.00 0.59  ? 5   PRO A CA   1 
ATOM   56   C C    . PRO A 1 5   ? -12.404 -1.956  -2.582  1.00 0.49  ? 5   PRO A C    1 
ATOM   57   O O    . PRO A 1 5   ? -12.286 -2.353  -1.440  1.00 0.54  ? 5   PRO A O    1 
ATOM   58   C CB   . PRO A 1 5   ? -12.761 -3.867  -4.191  1.00 0.63  ? 5   PRO A CB   1 
ATOM   59   C CG   . PRO A 1 5   ? -12.173 -3.421  -5.551  1.00 0.62  ? 5   PRO A CG   1 
ATOM   60   C CD   . PRO A 1 5   ? -12.887 -2.111  -5.931  1.00 0.61  ? 5   PRO A CD   1 
ATOM   61   H HA   . PRO A 1 5   ? -14.303 -2.871  -3.065  1.00 0.67  ? 5   PRO A HA   1 
ATOM   62   H HB2  . PRO A 1 5   ? -11.979 -4.255  -3.552  1.00 0.62  ? 5   PRO A HB2  1 
ATOM   63   H HB3  . PRO A 1 5   ? -13.519 -4.618  -4.350  1.00 0.72  ? 5   PRO A HB3  1 
ATOM   64   H HG2  . PRO A 1 5   ? -11.109 -3.253  -5.455  1.00 0.58  ? 5   PRO A HG2  1 
ATOM   65   H HG3  . PRO A 1 5   ? -12.364 -4.172  -6.301  1.00 0.70  ? 5   PRO A HG3  1 
ATOM   66   H HD2  . PRO A 1 5   ? -12.164 -1.349  -6.190  1.00 0.59  ? 5   PRO A HD2  1 
ATOM   67   H HD3  . PRO A 1 5   ? -13.573 -2.276  -6.748  1.00 0.69  ? 5   PRO A HD3  1 
ATOM   68   N N    . HIS A 1 6   ? -11.705 -0.949  -3.027  1.00 0.41  ? 6   HIS A N    1 
ATOM   69   C CA   . HIS A 1 6   ? -10.739 -0.256  -2.135  1.00 0.35  ? 6   HIS A CA   1 
ATOM   70   C C    . HIS A 1 6   ? -11.498 0.449   -1.013  1.00 0.37  ? 6   HIS A C    1 
ATOM   71   O O    . HIS A 1 6   ? -11.030 0.546   0.104   1.00 0.36  ? 6   HIS A O    1 
ATOM   72   C CB   . HIS A 1 6   ? -9.969  0.780   -2.949  1.00 0.35  ? 6   HIS A CB   1 
ATOM   73   C CG   . HIS A 1 6   ? -8.814  0.121   -3.653  1.00 0.47  ? 6   HIS A CG   1 
ATOM   74   N ND1  . HIS A 1 6   ? -8.767  -1.246  -3.877  1.00 0.59  ? 6   HIS A ND1  1 
ATOM   75   C CD2  . HIS A 1 6   ? -7.661  0.631   -4.196  1.00 1.12  ? 6   HIS A CD2  1 
ATOM   76   C CE1  . HIS A 1 6   ? -7.620  -1.511  -4.531  1.00 0.58  ? 6   HIS A CE1  1 
ATOM   77   N NE2  . HIS A 1 6   ? -6.908  -0.401  -4.749  1.00 1.02  ? 6   HIS A NE2  1 
ATOM   78   H H    . HIS A 1 6   ? -11.817 -0.645  -3.949  1.00 0.44  ? 6   HIS A H    1 
ATOM   79   H HA   . HIS A 1 6   ? -10.053 -0.972  -1.716  1.00 0.36  ? 6   HIS A HA   1 
ATOM   80   H HB2  . HIS A 1 6   ? -10.628 1.222   -3.679  1.00 0.39  ? 6   HIS A HB2  1 
ATOM   81   H HB3  . HIS A 1 6   ? -9.601  1.546   -2.291  1.00 0.39  ? 6   HIS A HB3  1 
ATOM   82   H HD1  . HIS A 1 6   ? -9.444  -1.902  -3.610  1.00 1.10  ? 6   HIS A HD1  1 
ATOM   83   H HD2  . HIS A 1 6   ? -7.381  1.674   -4.194  1.00 1.72  ? 6   HIS A HD2  1 
ATOM   84   H HE1  . HIS A 1 6   ? -7.312  -2.498  -4.841  1.00 0.77  ? 6   HIS A HE1  1 
ATOM   85   N N    . HIS A 1 7   ? -12.665 0.942   -1.313  1.00 0.44  ? 7   HIS A N    1 
ATOM   86   C CA   . HIS A 1 7   ? -13.476 1.651   -0.281  1.00 0.50  ? 7   HIS A CA   1 
ATOM   87   C C    . HIS A 1 7   ? -13.378 0.909   1.052   1.00 0.47  ? 7   HIS A C    1 
ATOM   88   O O    . HIS A 1 7   ? -13.484 1.495   2.110   1.00 0.51  ? 7   HIS A O    1 
ATOM   89   C CB   . HIS A 1 7   ? -14.936 1.703   -0.733  1.00 0.60  ? 7   HIS A CB   1 
ATOM   90   C CG   . HIS A 1 7   ? -15.701 2.656   0.143   1.00 0.69  ? 7   HIS A CG   1 
ATOM   91   N ND1  . HIS A 1 7   ? -16.324 3.785   -0.363  1.00 1.47  ? 7   HIS A ND1  1 
ATOM   92   C CD2  . HIS A 1 7   ? -15.952 2.662   1.493   1.00 1.16  ? 7   HIS A CD2  1 
ATOM   93   C CE1  . HIS A 1 7   ? -16.915 4.419   0.667   1.00 1.25  ? 7   HIS A CE1  1 
ATOM   94   N NE2  . HIS A 1 7   ? -16.719 3.777   1.822   1.00 0.91  ? 7   HIS A NE2  1 
ATOM   95   H H    . HIS A 1 7   ? -13.009 0.849   -2.223  1.00 0.47  ? 7   HIS A H    1 
ATOM   96   H HA   . HIS A 1 7   ? -13.102 2.654   -0.160  1.00 0.53  ? 7   HIS A HA   1 
ATOM   97   H HB2  . HIS A 1 7   ? -14.983 2.039   -1.758  1.00 0.62  ? 7   HIS A HB2  1 
ATOM   98   H HB3  . HIS A 1 7   ? -15.370 0.718   -0.658  1.00 0.60  ? 7   HIS A HB3  1 
ATOM   99   H HD1  . HIS A 1 7   ? -16.334 4.071   -1.301  1.00 2.28  ? 7   HIS A HD1  1 
ATOM   100  H HD2  . HIS A 1 7   ? -15.607 1.916   2.193   1.00 2.07  ? 7   HIS A HD2  1 
ATOM   101  H HE1  . HIS A 1 7   ? -17.478 5.336   0.571   1.00 1.88  ? 7   HIS A HE1  1 
ATOM   102  N N    . ASP A 1 8   ? -13.168 -0.375  1.008   1.00 0.43  ? 8   ASP A N    1 
ATOM   103  C CA   . ASP A 1 8   ? -13.053 -1.155  2.272   1.00 0.42  ? 8   ASP A CA   1 
ATOM   104  C C    . ASP A 1 8   ? -11.584 -1.201  2.696   1.00 0.36  ? 8   ASP A C    1 
ATOM   105  O O    . ASP A 1 8   ? -10.692 -1.242  1.872   1.00 0.41  ? 8   ASP A O    1 
ATOM   106  C CB   . ASP A 1 8   ? -13.570 -2.577  2.045   1.00 0.47  ? 8   ASP A CB   1 
ATOM   107  C CG   . ASP A 1 8   ? -14.013 -3.177  3.382   1.00 0.53  ? 8   ASP A CG   1 
ATOM   108  O OD1  . ASP A 1 8   ? -13.376 -2.885  4.380   1.00 1.13  ? 8   ASP A OD1  1 
ATOM   109  O OD2  . ASP A 1 8   ? -14.982 -3.918  3.384   1.00 1.29  ? 8   ASP A OD2  1 
ATOM   110  H H    . ASP A 1 8   ? -13.080 -0.826  0.143   1.00 0.42  ? 8   ASP A H    1 
ATOM   111  H HA   . ASP A 1 8   ? -13.636 -0.676  3.044   1.00 0.48  ? 8   ASP A HA   1 
ATOM   112  H HB2  . ASP A 1 8   ? -14.410 -2.551  1.366   1.00 0.54  ? 8   ASP A HB2  1 
ATOM   113  H HB3  . ASP A 1 8   ? -12.783 -3.185  1.624   1.00 0.45  ? 8   ASP A HB3  1 
ATOM   114  N N    . GLU A 1 9   ? -11.321 -1.186  3.973   1.00 0.39  ? 9   GLU A N    1 
ATOM   115  C CA   . GLU A 1 9   ? -9.906  -1.221  4.436   1.00 0.36  ? 9   GLU A CA   1 
ATOM   116  C C    . GLU A 1 9   ? -9.418  -2.668  4.496   1.00 0.36  ? 9   GLU A C    1 
ATOM   117  O O    . GLU A 1 9   ? -8.234  -2.930  4.532   1.00 0.70  ? 9   GLU A O    1 
ATOM   118  C CB   . GLU A 1 9   ? -9.809  -0.593  5.828   1.00 0.44  ? 9   GLU A CB   1 
ATOM   119  C CG   . GLU A 1 9   ? -10.752 0.609   5.914   1.00 1.30  ? 9   GLU A CG   1 
ATOM   120  C CD   . GLU A 1 9   ? -10.467 1.389   7.198   1.00 1.80  ? 9   GLU A CD   1 
ATOM   121  O OE1  . GLU A 1 9   ? -9.477  1.089   7.843   1.00 2.15  ? 9   GLU A OE1  1 
ATOM   122  O OE2  . GLU A 1 9   ? -11.245 2.275   7.515   1.00 2.53  ? 9   GLU A OE2  1 
ATOM   123  H H    . GLU A 1 9   ? -12.051 -1.146  4.625   1.00 0.50  ? 9   GLU A H    1 
ATOM   124  H HA   . GLU A 1 9   ? -9.290  -0.663  3.749   1.00 0.34  ? 9   GLU A HA   1 
ATOM   125  H HB2  . GLU A 1 9   ? -10.088 -1.325  6.574   1.00 1.17  ? 9   GLU A HB2  1 
ATOM   126  H HB3  . GLU A 1 9   ? -8.796  -0.267  6.007   1.00 1.10  ? 9   GLU A HB3  1 
ATOM   127  H HG2  . GLU A 1 9   ? -10.596 1.250   5.059   1.00 1.92  ? 9   GLU A HG2  1 
ATOM   128  H HG3  . GLU A 1 9   ? -11.776 0.264   5.924   1.00 1.98  ? 9   GLU A HG3  1 
ATOM   129  N N    . LYS A 1 10  ? -10.317 -3.611  4.513   1.00 0.35  ? 10  LYS A N    1 
ATOM   130  C CA   . LYS A 1 10  ? -9.904  -5.039  4.580   1.00 0.31  ? 10  LYS A CA   1 
ATOM   131  C C    . LYS A 1 10  ? -9.492  -5.534  3.192   1.00 0.28  ? 10  LYS A C    1 
ATOM   132  O O    . LYS A 1 10  ? -8.813  -6.532  3.053   1.00 0.30  ? 10  LYS A O    1 
ATOM   133  C CB   . LYS A 1 10  ? -11.078 -5.879  5.080   1.00 0.39  ? 10  LYS A CB   1 
ATOM   134  C CG   . LYS A 1 10  ? -10.713 -6.515  6.425   1.00 0.48  ? 10  LYS A CG   1 
ATOM   135  C CD   . LYS A 1 10  ? -11.974 -7.073  7.087   1.00 1.17  ? 10  LYS A CD   1 
ATOM   136  C CE   . LYS A 1 10  ? -11.586 -8.168  8.082   1.00 1.81  ? 10  LYS A CE   1 
ATOM   137  N NZ   . LYS A 1 10  ? -12.233 -7.898  9.396   1.00 2.51  ? 10  LYS A NZ   1 
ATOM   138  H H    . LYS A 1 10  ? -11.266 -3.378  4.489   1.00 0.61  ? 10  LYS A H    1 
ATOM   139  H HA   . LYS A 1 10  ? -9.075  -5.139  5.258   1.00 0.31  ? 10  LYS A HA   1 
ATOM   140  H HB2  . LYS A 1 10  ? -11.944 -5.245  5.202   1.00 0.44  ? 10  LYS A HB2  1 
ATOM   141  H HB3  . LYS A 1 10  ? -11.297 -6.656  4.364   1.00 0.41  ? 10  LYS A HB3  1 
ATOM   142  H HG2  . LYS A 1 10  ? -10.006 -7.316  6.262   1.00 1.05  ? 10  LYS A HG2  1 
ATOM   143  H HG3  . LYS A 1 10  ? -10.271 -5.769  7.068   1.00 1.02  ? 10  LYS A HG3  1 
ATOM   144  H HD2  . LYS A 1 10  ? -12.487 -6.277  7.608   1.00 1.78  ? 10  LYS A HD2  1 
ATOM   145  H HD3  . LYS A 1 10  ? -12.624 -7.488  6.332   1.00 1.80  ? 10  LYS A HD3  1 
ATOM   146  H HE2  . LYS A 1 10  ? -11.917 -9.127  7.709   1.00 2.24  ? 10  LYS A HE2  1 
ATOM   147  H HE3  . LYS A 1 10  ? -10.513 -8.180  8.203   1.00 2.27  ? 10  LYS A HE3  1 
ATOM   148  H HZ1  . LYS A 1 10  ? -13.227 -7.635  9.246   1.00 2.98  ? 10  LYS A HZ1  1 
ATOM   149  H HZ2  . LYS A 1 10  ? -12.184 -8.751  9.988   1.00 2.87  ? 10  LYS A HZ2  1 
ATOM   150  H HZ3  . LYS A 1 10  ? -11.738 -7.115  9.871   1.00 2.86  ? 10  LYS A HZ3  1 
ATOM   151  N N    . THR A 1 11  ? -9.903  -4.848  2.166   1.00 0.28  ? 11  THR A N    1 
ATOM   152  C CA   . THR A 1 11  ? -9.547  -5.276  0.787   1.00 0.29  ? 11  THR A CA   1 
ATOM   153  C C    . THR A 1 11  ? -8.035  -5.445  0.663   1.00 0.26  ? 11  THR A C    1 
ATOM   154  O O    . THR A 1 11  ? -7.550  -6.305  -0.045  1.00 0.34  ? 11  THR A O    1 
ATOM   155  C CB   . THR A 1 11  ? -10.009 -4.209  -0.202  1.00 0.34  ? 11  THR A CB   1 
ATOM   156  O OG1  . THR A 1 11  ? -11.152 -3.545  0.314   1.00 1.24  ? 11  THR A OG1  1 
ATOM   157  C CG2  . THR A 1 11  ? -10.347 -4.857  -1.543  1.00 1.41  ? 11  THR A CG2  1 
ATOM   158  H H    . THR A 1 11  ? -10.453 -4.050  2.300   1.00 0.32  ? 11  THR A H    1 
ATOM   159  H HA   . THR A 1 11  ? -10.034 -6.209  0.562   1.00 0.33  ? 11  THR A HA   1 
ATOM   160  H HB   . THR A 1 11  ? -9.219  -3.492  -0.341  1.00 1.18  ? 11  THR A HB   1 
ATOM   161  H HG1  . THR A 1 11  ? -10.969 -2.604  0.307   1.00 1.57  ? 11  THR A HG1  1 
ATOM   162  H HG21 . THR A 1 11  ? -10.018 -5.886  -1.538  1.00 2.04  ? 11  THR A HG21 1 
ATOM   163  H HG22 . THR A 1 11  ? -11.415 -4.821  -1.701  1.00 2.03  ? 11  THR A HG22 1 
ATOM   164  H HG23 . THR A 1 11  ? -9.847  -4.323  -2.337  1.00 1.91  ? 11  THR A HG23 1 
ATOM   165  N N    . TRP A 1 12  ? -7.286  -4.614  1.326   1.00 0.26  ? 12  TRP A N    1 
ATOM   166  C CA   . TRP A 1 12  ? -5.802  -4.708  1.224   1.00 0.25  ? 12  TRP A CA   1 
ATOM   167  C C    . TRP A 1 12  ? -5.173  -4.765  2.619   1.00 0.28  ? 12  TRP A C    1 
ATOM   168  O O    . TRP A 1 12  ? -4.042  -5.181  2.780   1.00 0.33  ? 12  TRP A O    1 
ATOM   169  C CB   . TRP A 1 12  ? -5.282  -3.477  0.484   1.00 0.22  ? 12  TRP A CB   1 
ATOM   170  C CG   . TRP A 1 12  ? -6.078  -2.282  0.902   1.00 0.19  ? 12  TRP A CG   1 
ATOM   171  C CD1  . TRP A 1 12  ? -7.173  -1.809  0.259   1.00 0.18  ? 12  TRP A CD1  1 
ATOM   172  C CD2  . TRP A 1 12  ? -5.868  -1.407  2.047   1.00 0.21  ? 12  TRP A CD2  1 
ATOM   173  N NE1  . TRP A 1 12  ? -7.640  -0.695  0.932   1.00 0.19  ? 12  TRP A NE1  1 
ATOM   174  C CE2  . TRP A 1 12  ? -6.870  -0.408  2.041   1.00 0.21  ? 12  TRP A CE2  1 
ATOM   175  C CE3  . TRP A 1 12  ? -4.911  -1.382  3.080   1.00 0.25  ? 12  TRP A CE3  1 
ATOM   176  C CZ2  . TRP A 1 12  ? -6.921  0.581   3.025   1.00 0.25  ? 12  TRP A CZ2  1 
ATOM   177  C CZ3  . TRP A 1 12  ? -4.962  -0.390  4.071   1.00 0.29  ? 12  TRP A CZ3  1 
ATOM   178  C CH2  . TRP A 1 12  ? -5.965  0.590   4.043   1.00 0.28  ? 12  TRP A CH2  1 
ATOM   179  H H    . TRP A 1 12  ? -7.701  -3.917  1.874   1.00 0.33  ? 12  TRP A H    1 
ATOM   180  H HA   . TRP A 1 12  ? -5.537  -5.596  0.675   1.00 0.29  ? 12  TRP A HA   1 
ATOM   181  H HB2  . TRP A 1 12  ? -4.242  -3.323  0.727   1.00 0.24  ? 12  TRP A HB2  1 
ATOM   182  H HB3  . TRP A 1 12  ? -5.386  -3.626  -0.581  1.00 0.24  ? 12  TRP A HB3  1 
ATOM   183  H HD1  . TRP A 1 12  ? -7.611  -2.232  -0.635  1.00 0.19  ? 12  TRP A HD1  1 
ATOM   184  H HE1  . TRP A 1 12  ? -8.421  -0.162  0.668   1.00 0.21  ? 12  TRP A HE1  1 
ATOM   185  H HE3  . TRP A 1 12  ? -4.134  -2.132  3.113   1.00 0.27  ? 12  TRP A HE3  1 
ATOM   186  H HZ2  . TRP A 1 12  ? -7.693  1.335   2.999   1.00 0.27  ? 12  TRP A HZ2  1 
ATOM   187  H HZ3  . TRP A 1 12  ? -4.225  -0.383  4.859   1.00 0.33  ? 12  TRP A HZ3  1 
ATOM   188  H HH2  . TRP A 1 12  ? -5.998  1.350   4.809   1.00 0.33  ? 12  TRP A HH2  1 
ATOM   189  N N    . ASN A 1 13  ? -5.884  -4.344  3.624   1.00 0.30  ? 13  ASN A N    1 
ATOM   190  C CA   . ASN A 1 13  ? -5.308  -4.371  5.001   1.00 0.37  ? 13  ASN A CA   1 
ATOM   191  C C    . ASN A 1 13  ? -5.066  -5.819  5.433   1.00 0.42  ? 13  ASN A C    1 
ATOM   192  O O    . ASN A 1 13  ? -5.989  -6.596  5.581   1.00 0.56  ? 13  ASN A O    1 
ATOM   193  C CB   . ASN A 1 13  ? -6.281  -3.709  5.980   1.00 0.47  ? 13  ASN A CB   1 
ATOM   194  C CG   . ASN A 1 13  ? -5.704  -3.774  7.395   1.00 0.51  ? 13  ASN A CG   1 
ATOM   195  O OD1  . ASN A 1 13  ? -5.991  -4.691  8.138   1.00 1.30  ? 13  ASN A OD1  1 
ATOM   196  N ND2  . ASN A 1 13  ? -4.896  -2.833  7.802   1.00 1.10  ? 13  ASN A ND2  1 
ATOM   197  H H    . ASN A 1 13  ? -6.790  -4.005  3.475   1.00 0.29  ? 13  ASN A H    1 
ATOM   198  H HA   . ASN A 1 13  ? -4.372  -3.831  5.009   1.00 0.35  ? 13  ASN A HA   1 
ATOM   199  H HB2  . ASN A 1 13  ? -6.429  -2.677  5.696   1.00 0.52  ? 13  ASN A HB2  1 
ATOM   200  H HB3  . ASN A 1 13  ? -7.226  -4.229  5.954   1.00 0.53  ? 13  ASN A HB3  1 
ATOM   201  H HD21 . ASN A 1 13  ? -4.664  -2.093  7.203   1.00 1.89  ? 13  ASN A HD21 1 
ATOM   202  H HD22 . ASN A 1 13  ? -4.522  -2.866  8.707   1.00 1.10  ? 13  ASN A HD22 1 
ATOM   203  N N    . VAL A 1 14  ? -3.833  -6.185  5.645   1.00 0.37  ? 14  VAL A N    1 
ATOM   204  C CA   . VAL A 1 14  ? -3.529  -7.579  6.077   1.00 0.47  ? 14  VAL A CA   1 
ATOM   205  C C    . VAL A 1 14  ? -3.259  -7.595  7.584   1.00 0.57  ? 14  VAL A C    1 
ATOM   206  O O    . VAL A 1 14  ? -3.050  -8.636  8.176   1.00 0.69  ? 14  VAL A O    1 
ATOM   207  C CB   . VAL A 1 14  ? -2.288  -8.088  5.336   1.00 0.47  ? 14  VAL A CB   1 
ATOM   208  C CG1  . VAL A 1 14  ? -1.184  -7.034  5.408   1.00 1.10  ? 14  VAL A CG1  1 
ATOM   209  C CG2  . VAL A 1 14  ? -1.794  -9.381  5.992   1.00 1.17  ? 14  VAL A CG2  1 
ATOM   210  H H    . VAL A 1 14  ? -3.105  -5.541  5.527   1.00 0.31  ? 14  VAL A H    1 
ATOM   211  H HA   . VAL A 1 14  ? -4.370  -8.219  5.854   1.00 0.58  ? 14  VAL A HA   1 
ATOM   212  H HB   . VAL A 1 14  ? -2.539  -8.279  4.302   1.00 1.12  ? 14  VAL A HB   1 
ATOM   213  H HG11 . VAL A 1 14  ? -1.013  -6.762  6.439   1.00 1.62  ? 14  VAL A HG11 1 
ATOM   214  H HG12 . VAL A 1 14  ? -0.274  -7.438  4.987   1.00 1.61  ? 14  VAL A HG12 1 
ATOM   215  H HG13 . VAL A 1 14  ? -1.483  -6.160  4.849   1.00 1.76  ? 14  VAL A HG13 1 
ATOM   216  H HG21 . VAL A 1 14  ? -2.635  -9.923  6.399   1.00 1.80  ? 14  VAL A HG21 1 
ATOM   217  H HG22 . VAL A 1 14  ? -1.294  -9.991  5.255   1.00 1.59  ? 14  VAL A HG22 1 
ATOM   218  H HG23 . VAL A 1 14  ? -1.103  -9.139  6.786   1.00 1.72  ? 14  VAL A HG23 1 
ATOM   219  N N    . GLY A 1 15  ? -3.261  -6.449  8.209   1.00 0.66  ? 15  GLY A N    1 
ATOM   220  C CA   . GLY A 1 15  ? -3.004  -6.398  9.672   1.00 0.87  ? 15  GLY A CA   1 
ATOM   221  C C    . GLY A 1 15  ? -1.497  -6.364  9.927   1.00 0.54  ? 15  GLY A C    1 
ATOM   222  O O    . GLY A 1 15  ? -0.776  -5.577  9.345   1.00 1.02  ? 15  GLY A O    1 
ATOM   223  H H    . GLY A 1 15  ? -3.430  -5.623  7.717   1.00 0.66  ? 15  GLY A H    1 
ATOM   224  H HA2  . GLY A 1 15  ? -3.462  -5.511  10.088  1.00 1.39  ? 15  GLY A HA2  1 
ATOM   225  H HA3  . GLY A 1 15  ? -3.425  -7.273  10.138  1.00 1.17  ? 15  GLY A HA3  1 
ATOM   226  N N    . SER A 1 16  ? -1.013  -7.208  10.795  1.00 0.63  ? 16  SER A N    1 
ATOM   227  C CA   . SER A 1 16  ? 0.447   -7.215  11.083  1.00 1.17  ? 16  SER A CA   1 
ATOM   228  C C    . SER A 1 16  ? 0.956   -8.655  11.146  1.00 0.90  ? 16  SER A C    1 
ATOM   229  O O    . SER A 1 16  ? 0.209   -9.573  11.421  1.00 1.80  ? 16  SER A O    1 
ATOM   230  C CB   . SER A 1 16  ? 0.704   -6.526  12.425  1.00 2.26  ? 16  SER A CB   1 
ATOM   231  O OG   . SER A 1 16  ? 0.475   -7.452  13.478  1.00 2.81  ? 16  SER A OG   1 
ATOM   232  H H    . SER A 1 16  ? -1.608  -7.835  11.257  1.00 0.89  ? 16  SER A H    1 
ATOM   233  H HA   . SER A 1 16  ? 0.970   -6.684  10.302  1.00 1.80  ? 16  SER A HA   1 
ATOM   234  H HB2  . SER A 1 16  ? 1.725   -6.185  12.467  1.00 2.78  ? 16  SER A HB2  1 
ATOM   235  H HB3  . SER A 1 16  ? 0.039   -5.678  12.524  1.00 2.81  ? 16  SER A HB3  1 
ATOM   236  H HG   . SER A 1 16  ? -0.438  -7.360  13.761  1.00 3.18  ? 16  SER A HG   1 
ATOM   237  N N    . SER A 1 17  ? 2.226   -8.846  10.891  1.00 0.63  ? 17  SER A N    1 
ATOM   238  C CA   . SER A 1 17  ? 2.829   -10.215 10.930  1.00 1.19  ? 17  SER A CA   1 
ATOM   239  C C    . SER A 1 17  ? 2.678   -10.884 9.564   1.00 1.10  ? 17  SER A C    1 
ATOM   240  O O    . SER A 1 17  ? 2.197   -11.994 9.450   1.00 1.87  ? 17  SER A O    1 
ATOM   241  C CB   . SER A 1 17  ? 2.144   -11.066 12.004  1.00 1.72  ? 17  SER A CB   1 
ATOM   242  O OG   . SER A 1 17  ? 1.035   -11.749 11.434  1.00 2.03  ? 17  SER A OG   1 
ATOM   243  H H    . SER A 1 17  ? 2.791   -8.077  10.670  1.00 1.12  ? 17  SER A H    1 
ATOM   244  H HA   . SER A 1 17  ? 3.880   -10.129 11.164  1.00 1.72  ? 17  SER A HA   1 
ATOM   245  H HB2  . SER A 1 17  ? 2.843   -11.787 12.393  1.00 2.22  ? 17  SER A HB2  1 
ATOM   246  H HB3  . SER A 1 17  ? 1.810   -10.424 12.809  1.00 2.28  ? 17  SER A HB3  1 
ATOM   247  H HG   . SER A 1 17  ? 0.323   -11.746 12.078  1.00 2.27  ? 17  SER A HG   1 
ATOM   248  N N    . ASN A 1 18  ? 3.094   -10.218 8.522   1.00 0.64  ? 18  ASN A N    1 
ATOM   249  C CA   . ASN A 1 18  ? 2.983   -10.818 7.165   1.00 0.49  ? 18  ASN A CA   1 
ATOM   250  C C    . ASN A 1 18  ? 4.021   -10.184 6.239   1.00 0.43  ? 18  ASN A C    1 
ATOM   251  O O    . ASN A 1 18  ? 3.692   -9.633  5.208   1.00 0.43  ? 18  ASN A O    1 
ATOM   252  C CB   . ASN A 1 18  ? 1.581   -10.566 6.607   1.00 0.54  ? 18  ASN A CB   1 
ATOM   253  C CG   . ASN A 1 18  ? 0.556   -10.669 7.736   1.00 1.08  ? 18  ASN A CG   1 
ATOM   254  O OD1  . ASN A 1 18  ? 0.348   -9.725  8.473   1.00 1.75  ? 18  ASN A OD1  1 
ATOM   255  N ND2  . ASN A 1 18  ? -0.100  -11.785 7.906   1.00 1.84  ? 18  ASN A ND2  1 
ATOM   256  H H    . ASN A 1 18  ? 3.485   -9.327  8.634   1.00 1.10  ? 18  ASN A H    1 
ATOM   257  H HA   . ASN A 1 18  ? 3.159   -11.881 7.227   1.00 0.51  ? 18  ASN A HA   1 
ATOM   258  H HB2  . ASN A 1 18  ? 1.541   -9.580  6.169   1.00 0.93  ? 18  ASN A HB2  1 
ATOM   259  H HB3  . ASN A 1 18  ? 1.357   -11.305 5.852   1.00 0.96  ? 18  ASN A HB3  1 
ATOM   260  H HD21 . ASN A 1 18  ? 0.068   -12.546 7.312   1.00 2.28  ? 18  ASN A HD21 1 
ATOM   261  H HD22 . ASN A 1 18  ? -0.760  -11.861 8.626   1.00 2.34  ? 18  ASN A HD22 1 
ATOM   262  N N    . ARG A 1 19  ? 5.276   -10.260 6.591   1.00 0.42  ? 19  ARG A N    1 
ATOM   263  C CA   . ARG A 1 19  ? 6.324   -9.669  5.715   1.00 0.44  ? 19  ARG A CA   1 
ATOM   264  C C    . ARG A 1 19  ? 6.580   -10.621 4.551   1.00 0.39  ? 19  ARG A C    1 
ATOM   265  O O    . ARG A 1 19  ? 6.207   -10.360 3.425   1.00 0.37  ? 19  ARG A O    1 
ATOM   266  C CB   . ARG A 1 19  ? 7.615   -9.471  6.511   1.00 0.51  ? 19  ARG A CB   1 
ATOM   267  C CG   . ARG A 1 19  ? 8.492   -8.434  5.803   1.00 0.73  ? 19  ARG A CG   1 
ATOM   268  C CD   . ARG A 1 19  ? 9.320   -9.118  4.713   1.00 0.52  ? 19  ARG A CD   1 
ATOM   269  N NE   . ARG A 1 19  ? 10.073  -10.261 5.303   1.00 0.84  ? 19  ARG A NE   1 
ATOM   270  C CZ   . ARG A 1 19  ? 11.369  -10.187 5.441   1.00 1.23  ? 19  ARG A CZ   1 
ATOM   271  N NH1  . ARG A 1 19  ? 11.902  -9.156  6.038   1.00 1.69  ? 19  ARG A NH1  1 
ATOM   272  N NH2  . ARG A 1 19  ? 12.131  -11.142 4.982   1.00 2.05  ? 19  ARG A NH2  1 
ATOM   273  H H    . ARG A 1 19  ? 5.526   -10.713 7.423   1.00 0.44  ? 19  ARG A H    1 
ATOM   274  H HA   . ARG A 1 19  ? 5.984   -8.722  5.335   1.00 0.47  ? 19  ARG A HA   1 
ATOM   275  H HB2  . ARG A 1 19  ? 7.375   -9.123  7.505   1.00 0.53  ? 19  ARG A HB2  1 
ATOM   276  H HB3  . ARG A 1 19  ? 8.149   -10.407 6.574   1.00 0.49  ? 19  ARG A HB3  1 
ATOM   277  H HG2  . ARG A 1 19  ? 7.863   -7.678  5.357   1.00 1.23  ? 19  ARG A HG2  1 
ATOM   278  H HG3  . ARG A 1 19  ? 9.154   -7.974  6.519   1.00 1.12  ? 19  ARG A HG3  1 
ATOM   279  H HD2  . ARG A 1 19  ? 8.664   -9.480  3.936   1.00 0.82  ? 19  ARG A HD2  1 
ATOM   280  H HD3  . ARG A 1 19  ? 10.017  -8.408  4.293   1.00 0.65  ? 19  ARG A HD3  1 
ATOM   281  H HE   . ARG A 1 19  ? 9.595   -11.069 5.586   1.00 1.10  ? 19  ARG A HE   1 
ATOM   282  H HH11 . ARG A 1 19  ? 11.319  -8.424  6.390   1.00 2.12  ? 19  ARG A HH11 1 
ATOM   283  H HH12 . ARG A 1 19  ? 12.895  -9.098  6.143   1.00 2.07  ? 19  ARG A HH12 1 
ATOM   284  H HH21 . ARG A 1 19  ? 11.722  -11.931 4.524   1.00 2.55  ? 19  ARG A HH21 1 
ATOM   285  H HH22 . ARG A 1 19  ? 13.124  -11.084 5.087   1.00 2.46  ? 19  ARG A HH22 1 
ATOM   286  N N    . ASN A 1 20  ? 7.200   -11.733 4.820   1.00 0.43  ? 20  ASN A N    1 
ATOM   287  C CA   . ASN A 1 20  ? 7.466   -12.715 3.738   1.00 0.46  ? 20  ASN A CA   1 
ATOM   288  C C    . ASN A 1 20  ? 6.142   -13.353 3.319   1.00 0.40  ? 20  ASN A C    1 
ATOM   289  O O    . ASN A 1 20  ? 6.024   -13.927 2.255   1.00 0.43  ? 20  ASN A O    1 
ATOM   290  C CB   . ASN A 1 20  ? 8.421   -13.796 4.248   1.00 0.56  ? 20  ASN A CB   1 
ATOM   291  C CG   . ASN A 1 20  ? 9.055   -14.520 3.058   1.00 0.65  ? 20  ASN A CG   1 
ATOM   292  O OD1  . ASN A 1 20  ? 9.296   -13.923 2.027   1.00 1.13  ? 20  ASN A OD1  1 
ATOM   293  N ND2  . ASN A 1 20  ? 9.338   -15.790 3.158   1.00 1.32  ? 20  ASN A ND2  1 
ATOM   294  H H    . ASN A 1 20  ? 7.478   -11.924 5.735   1.00 0.47  ? 20  ASN A H    1 
ATOM   295  H HA   . ASN A 1 20  ? 7.904   -12.209 2.895   1.00 0.49  ? 20  ASN A HA   1 
ATOM   296  H HB2  . ASN A 1 20  ? 9.196   -13.338 4.846   1.00 0.62  ? 20  ASN A HB2  1 
ATOM   297  H HB3  . ASN A 1 20  ? 7.874   -14.507 4.848   1.00 0.55  ? 20  ASN A HB3  1 
ATOM   298  H HD21 . ASN A 1 20  ? 9.143   -16.272 3.989   1.00 2.03  ? 20  ASN A HD21 1 
ATOM   299  H HD22 . ASN A 1 20  ? 9.743   -16.263 2.402   1.00 1.36  ? 20  ASN A HD22 1 
ATOM   300  N N    . LYS A 1 21  ? 5.140   -13.243 4.149   1.00 0.36  ? 21  LYS A N    1 
ATOM   301  C CA   . LYS A 1 21  ? 3.818   -13.824 3.804   1.00 0.35  ? 21  LYS A CA   1 
ATOM   302  C C    . LYS A 1 21  ? 3.107   -12.869 2.856   1.00 0.29  ? 21  LYS A C    1 
ATOM   303  O O    . LYS A 1 21  ? 2.726   -13.230 1.762   1.00 0.31  ? 21  LYS A O    1 
ATOM   304  C CB   . LYS A 1 21  ? 2.985   -14.003 5.075   1.00 0.40  ? 21  LYS A CB   1 
ATOM   305  C CG   . LYS A 1 21  ? 2.724   -15.492 5.313   1.00 0.92  ? 21  LYS A CG   1 
ATOM   306  C CD   . LYS A 1 21  ? 2.911   -15.812 6.797   1.00 1.66  ? 21  LYS A CD   1 
ATOM   307  C CE   . LYS A 1 21  ? 3.235   -17.297 6.962   1.00 1.86  ? 21  LYS A CE   1 
ATOM   308  N NZ   . LYS A 1 21  ? 1.986   -18.046 7.280   1.00 2.77  ? 21  LYS A NZ   1 
ATOM   309  H H    . LYS A 1 21  ? 5.257   -12.767 4.994   1.00 0.37  ? 21  LYS A H    1 
ATOM   310  H HA   . LYS A 1 21  ? 3.958   -14.773 3.322   1.00 0.40  ? 21  LYS A HA   1 
ATOM   311  H HB2  . LYS A 1 21  ? 3.524   -13.593 5.918   1.00 0.59  ? 21  LYS A HB2  1 
ATOM   312  H HB3  . LYS A 1 21  ? 2.044   -13.487 4.964   1.00 0.67  ? 21  LYS A HB3  1 
ATOM   313  H HG2  . LYS A 1 21  ? 1.713   -15.730 5.016   1.00 1.51  ? 21  LYS A HG2  1 
ATOM   314  H HG3  . LYS A 1 21  ? 3.418   -16.077 4.730   1.00 1.44  ? 21  LYS A HG3  1 
ATOM   315  H HD2  . LYS A 1 21  ? 3.723   -15.218 7.194   1.00 2.20  ? 21  LYS A HD2  1 
ATOM   316  H HD3  . LYS A 1 21  ? 2.002   -15.583 7.333   1.00 2.18  ? 21  LYS A HD3  1 
ATOM   317  H HE2  . LYS A 1 21  ? 3.659   -17.678 6.043   1.00 1.91  ? 21  LYS A HE2  1 
ATOM   318  H HE3  . LYS A 1 21  ? 3.946   -17.424 7.765   1.00 2.02  ? 21  LYS A HE3  1 
ATOM   319  H HZ1  . LYS A 1 21  ? 1.574   -17.676 8.159   1.00 3.25  ? 21  LYS A HZ1  1 
ATOM   320  H HZ2  . LYS A 1 21  ? 1.305   -17.931 6.504   1.00 3.15  ? 21  LYS A HZ2  1 
ATOM   321  H HZ3  . LYS A 1 21  ? 2.209   -19.056 7.400   1.00 3.11  ? 21  LYS A HZ3  1 
ATOM   322  N N    . ALA A 1 22  ? 2.946   -11.645 3.264   1.00 0.27  ? 22  ALA A N    1 
ATOM   323  C CA   . ALA A 1 22  ? 2.283   -10.652 2.380   1.00 0.28  ? 22  ALA A CA   1 
ATOM   324  C C    . ALA A 1 22  ? 3.093   -10.550 1.092   1.00 0.24  ? 22  ALA A C    1 
ATOM   325  O O    . ALA A 1 22  ? 2.574   -10.247 0.036   1.00 0.24  ? 22  ALA A O    1 
ATOM   326  C CB   . ALA A 1 22  ? 2.240   -9.290  3.074   1.00 0.35  ? 22  ALA A CB   1 
ATOM   327  H H    . ALA A 1 22  ? 3.276   -11.380 4.142   1.00 0.30  ? 22  ALA A H    1 
ATOM   328  H HA   . ALA A 1 22  ? 1.282   -10.980 2.154   1.00 0.31  ? 22  ALA A HA   1 
ATOM   329  H HB1  . ALA A 1 22  ? 1.925   -9.417  4.098   1.00 1.06  ? 22  ALA A HB1  1 
ATOM   330  H HB2  . ALA A 1 22  ? 3.223   -8.843  3.052   1.00 1.06  ? 22  ALA A HB2  1 
ATOM   331  H HB3  . ALA A 1 22  ? 1.542   -8.647  2.560   1.00 1.08  ? 22  ALA A HB3  1 
ATOM   332  N N    . GLU A 1 23  ? 4.366   -10.822 1.176   1.00 0.26  ? 23  GLU A N    1 
ATOM   333  C CA   . GLU A 1 23  ? 5.223   -10.769 -0.033  1.00 0.29  ? 23  GLU A CA   1 
ATOM   334  C C    . GLU A 1 23  ? 4.969   -12.028 -0.851  1.00 0.28  ? 23  GLU A C    1 
ATOM   335  O O    . GLU A 1 23  ? 4.965   -12.012 -2.065  1.00 0.31  ? 23  GLU A O    1 
ATOM   336  C CB   . GLU A 1 23  ? 6.688   -10.724 0.394   1.00 0.36  ? 23  GLU A CB   1 
ATOM   337  C CG   . GLU A 1 23  ? 7.494   -9.898  -0.611  1.00 0.42  ? 23  GLU A CG   1 
ATOM   338  C CD   . GLU A 1 23  ? 8.966   -9.885  -0.198  1.00 0.88  ? 23  GLU A CD   1 
ATOM   339  O OE1  . GLU A 1 23  ? 9.241   -9.521  0.933   1.00 1.68  ? 23  GLU A OE1  1 
ATOM   340  O OE2  . GLU A 1 23  ? 9.795   -10.240 -1.020  1.00 1.43  ? 23  GLU A OE2  1 
ATOM   341  H H    . GLU A 1 23  ? 4.756   -11.078 2.035   1.00 0.29  ? 23  GLU A H    1 
ATOM   342  H HA   . GLU A 1 23  ? 4.981   -9.898  -0.613  1.00 0.32  ? 23  GLU A HA   1 
ATOM   343  H HB2  . GLU A 1 23  ? 6.760   -10.277 1.373   1.00 0.36  ? 23  GLU A HB2  1 
ATOM   344  H HB3  . GLU A 1 23  ? 7.080   -11.728 0.430   1.00 0.38  ? 23  GLU A HB3  1 
ATOM   345  H HG2  . GLU A 1 23  ? 7.398   -10.336 -1.595  1.00 0.74  ? 23  GLU A HG2  1 
ATOM   346  H HG3  . GLU A 1 23  ? 7.118   -8.886  -0.629  1.00 0.66  ? 23  GLU A HG3  1 
ATOM   347  N N    . ASN A 1 24  ? 4.751   -13.120 -0.178  1.00 0.30  ? 24  ASN A N    1 
ATOM   348  C CA   . ASN A 1 24  ? 4.482   -14.400 -0.883  1.00 0.34  ? 24  ASN A CA   1 
ATOM   349  C C    . ASN A 1 24  ? 3.121   -14.314 -1.572  1.00 0.32  ? 24  ASN A C    1 
ATOM   350  O O    . ASN A 1 24  ? 2.861   -14.984 -2.552  1.00 0.39  ? 24  ASN A O    1 
ATOM   351  C CB   . ASN A 1 24  ? 4.476   -15.547 0.132   1.00 0.39  ? 24  ASN A CB   1 
ATOM   352  C CG   . ASN A 1 24  ? 4.723   -16.873 -0.589  1.00 0.44  ? 24  ASN A CG   1 
ATOM   353  O OD1  . ASN A 1 24  ? 4.494   -16.983 -1.778  1.00 0.99  ? 24  ASN A OD1  1 
ATOM   354  N ND2  . ASN A 1 24  ? 5.182   -17.893 0.084   1.00 1.24  ? 24  ASN A ND2  1 
ATOM   355  H H    . ASN A 1 24  ? 4.759   -13.092 0.799   1.00 0.31  ? 24  ASN A H    1 
ATOM   356  H HA   . ASN A 1 24  ? 5.248   -14.571 -1.620  1.00 0.39  ? 24  ASN A HA   1 
ATOM   357  H HB2  . ASN A 1 24  ? 5.254   -15.382 0.865   1.00 0.40  ? 24  ASN A HB2  1 
ATOM   358  H HB3  . ASN A 1 24  ? 3.518   -15.582 0.630   1.00 0.38  ? 24  ASN A HB3  1 
ATOM   359  H HD21 . ASN A 1 24  ? 5.366   -17.804 1.043   1.00 2.00  ? 24  ASN A HD21 1 
ATOM   360  H HD22 . ASN A 1 24  ? 5.343   -18.746 -0.369  1.00 1.26  ? 24  ASN A HD22 1 
ATOM   361  N N    . LEU A 1 25  ? 2.255   -13.481 -1.068  1.00 0.26  ? 25  LEU A N    1 
ATOM   362  C CA   . LEU A 1 25  ? 0.912   -13.329 -1.685  1.00 0.26  ? 25  LEU A CA   1 
ATOM   363  C C    . LEU A 1 25  ? 1.040   -12.431 -2.913  1.00 0.23  ? 25  LEU A C    1 
ATOM   364  O O    . LEU A 1 25  ? 0.413   -12.651 -3.930  1.00 0.29  ? 25  LEU A O    1 
ATOM   365  C CB   . LEU A 1 25  ? -0.040  -12.685 -0.676  1.00 0.26  ? 25  LEU A CB   1 
ATOM   366  C CG   . LEU A 1 25  ? -1.417  -13.344 -0.776  1.00 0.33  ? 25  LEU A CG   1 
ATOM   367  C CD1  . LEU A 1 25  ? -1.798  -13.943 0.578   1.00 1.31  ? 25  LEU A CD1  1 
ATOM   368  C CD2  . LEU A 1 25  ? -2.456  -12.293 -1.177  1.00 1.29  ? 25  LEU A CD2  1 
ATOM   369  H H    . LEU A 1 25  ? 2.492   -12.949 -0.286  1.00 0.26  ? 25  LEU A H    1 
ATOM   370  H HA   . LEU A 1 25  ? 0.537   -14.296 -1.976  1.00 0.30  ? 25  LEU A HA   1 
ATOM   371  H HB2  . LEU A 1 25  ? 0.352   -12.817 0.322   1.00 0.29  ? 25  LEU A HB2  1 
ATOM   372  H HB3  . LEU A 1 25  ? -0.131  -11.630 -0.889  1.00 0.24  ? 25  LEU A HB3  1 
ATOM   373  H HG   . LEU A 1 25  ? -1.388  -14.126 -1.521  1.00 0.99  ? 25  LEU A HG   1 
ATOM   374  H HD11 . LEU A 1 25  ? -1.709  -13.187 1.345   1.00 1.85  ? 25  LEU A HD11 1 
ATOM   375  H HD12 . LEU A 1 25  ? -2.816  -14.299 0.541   1.00 1.97  ? 25  LEU A HD12 1 
ATOM   376  H HD13 . LEU A 1 25  ? -1.137  -14.767 0.807   1.00 1.83  ? 25  LEU A HD13 1 
ATOM   377  H HD21 . LEU A 1 25  ? -2.159  -11.830 -2.105  1.00 1.78  ? 25  LEU A HD21 1 
ATOM   378  H HD22 . LEU A 1 25  ? -3.418  -12.767 -1.302  1.00 1.87  ? 25  LEU A HD22 1 
ATOM   379  H HD23 . LEU A 1 25  ? -2.522  -11.541 -0.404  1.00 1.92  ? 25  LEU A HD23 1 
ATOM   380  N N    . LEU A 1 26  ? 1.859   -11.420 -2.821  1.00 0.19  ? 26  LEU A N    1 
ATOM   381  C CA   . LEU A 1 26  ? 2.050   -10.500 -3.968  1.00 0.17  ? 26  LEU A CA   1 
ATOM   382  C C    . LEU A 1 26  ? 2.767   -11.236 -5.096  1.00 0.20  ? 26  LEU A C    1 
ATOM   383  O O    . LEU A 1 26  ? 2.515   -11.010 -6.261  1.00 0.22  ? 26  LEU A O    1 
ATOM   384  C CB   . LEU A 1 26  ? 2.899   -9.316  -3.510  1.00 0.17  ? 26  LEU A CB   1 
ATOM   385  C CG   . LEU A 1 26  ? 2.022   -8.307  -2.766  1.00 0.14  ? 26  LEU A CG   1 
ATOM   386  C CD1  . LEU A 1 26  ? 2.903   -7.415  -1.890  1.00 0.18  ? 26  LEU A CD1  1 
ATOM   387  C CD2  . LEU A 1 26  ? 1.268   -7.439  -3.773  1.00 0.19  ? 26  LEU A CD2  1 
ATOM   388  H H    . LEU A 1 26  ? 2.354   -11.268 -1.993  1.00 0.20  ? 26  LEU A H    1 
ATOM   389  H HA   . LEU A 1 26  ? 1.095   -10.150 -4.313  1.00 0.17  ? 26  LEU A HA   1 
ATOM   390  H HB2  . LEU A 1 26  ? 3.679   -9.670  -2.852  1.00 0.21  ? 26  LEU A HB2  1 
ATOM   391  H HB3  . LEU A 1 26  ? 3.343   -8.845  -4.369  1.00 0.20  ? 26  LEU A HB3  1 
ATOM   392  H HG   . LEU A 1 26  ? 1.316   -8.837  -2.142  1.00 0.20  ? 26  LEU A HG   1 
ATOM   393  H HD11 . LEU A 1 26  ? 3.481   -8.028  -1.214  1.00 1.00  ? 26  LEU A HD11 1 
ATOM   394  H HD12 . LEU A 1 26  ? 3.571   -6.843  -2.516  1.00 1.04  ? 26  LEU A HD12 1 
ATOM   395  H HD13 . LEU A 1 26  ? 2.280   -6.742  -1.321  1.00 1.00  ? 26  LEU A HD13 1 
ATOM   396  H HD21 . LEU A 1 26  ? 1.026   -8.028  -4.646  1.00 1.00  ? 26  LEU A HD21 1 
ATOM   397  H HD22 . LEU A 1 26  ? 0.357   -7.073  -3.323  1.00 1.00  ? 26  LEU A HD22 1 
ATOM   398  H HD23 . LEU A 1 26  ? 1.887   -6.603  -4.062  1.00 1.03  ? 26  LEU A HD23 1 
ATOM   399  N N    . ARG A 1 27  ? 3.664   -12.115 -4.755  1.00 0.23  ? 27  ARG A N    1 
ATOM   400  C CA   . ARG A 1 27  ? 4.405   -12.873 -5.801  1.00 0.26  ? 27  ARG A CA   1 
ATOM   401  C C    . ARG A 1 27  ? 3.408   -13.625 -6.683  1.00 0.26  ? 27  ARG A C    1 
ATOM   402  O O    . ARG A 1 27  ? 3.062   -14.760 -6.420  1.00 0.27  ? 27  ARG A O    1 
ATOM   403  C CB   . ARG A 1 27  ? 5.351   -13.875 -5.134  1.00 0.30  ? 27  ARG A CB   1 
ATOM   404  C CG   . ARG A 1 27  ? 6.310   -14.446 -6.181  1.00 0.39  ? 27  ARG A CG   1 
ATOM   405  C CD   . ARG A 1 27  ? 7.342   -15.344 -5.495  1.00 0.94  ? 27  ARG A CD   1 
ATOM   406  N NE   . ARG A 1 27  ? 8.223   -15.963 -6.525  1.00 1.54  ? 27  ARG A NE   1 
ATOM   407  C CZ   . ARG A 1 27  ? 9.335   -16.546 -6.170  1.00 2.03  ? 27  ARG A CZ   1 
ATOM   408  N NH1  . ARG A 1 27  ? 10.291  -15.848 -5.619  1.00 2.54  ? 27  ARG A NH1  1 
ATOM   409  N NH2  . ARG A 1 27  ? 9.491   -17.827 -6.364  1.00 2.73  ? 27  ARG A NH2  1 
ATOM   410  H H    . ARG A 1 27  ? 3.849   -12.275 -3.808  1.00 0.23  ? 27  ARG A H    1 
ATOM   411  H HA   . ARG A 1 27  ? 4.976   -12.186 -6.405  1.00 0.28  ? 27  ARG A HA   1 
ATOM   412  H HB2  . ARG A 1 27  ? 5.917   -13.375 -4.360  1.00 0.29  ? 27  ARG A HB2  1 
ATOM   413  H HB3  . ARG A 1 27  ? 4.776   -14.678 -4.698  1.00 0.30  ? 27  ARG A HB3  1 
ATOM   414  H HG2  . ARG A 1 27  ? 5.751   -15.025 -6.902  1.00 0.67  ? 27  ARG A HG2  1 
ATOM   415  H HG3  . ARG A 1 27  ? 6.817   -13.637 -6.684  1.00 0.75  ? 27  ARG A HG3  1 
ATOM   416  H HD2  . ARG A 1 27  ? 7.941   -14.752 -4.818  1.00 1.37  ? 27  ARG A HD2  1 
ATOM   417  H HD3  . ARG A 1 27  ? 6.834   -16.119 -4.941  1.00 1.48  ? 27  ARG A HD3  1 
ATOM   418  H HE   . ARG A 1 27  ? 7.965   -15.934 -7.470  1.00 2.11  ? 27  ARG A HE   1 
ATOM   419  H HH11 . ARG A 1 27  ? 10.170  -14.866 -5.470  1.00 2.74  ? 27  ARG A HH11 1 
ATOM   420  H HH12 . ARG A 1 27  ? 11.143  -16.295 -5.347  1.00 3.12  ? 27  ARG A HH12 1 
ATOM   421  H HH21 . ARG A 1 27  ? 8.758   -18.362 -6.785  1.00 3.04  ? 27  ARG A HH21 1 
ATOM   422  H HH22 . ARG A 1 27  ? 10.343  -18.273 -6.091  1.00 3.29  ? 27  ARG A HH22 1 
ATOM   423  N N    . GLY A 1 28  ? 2.939   -12.999 -7.727  1.00 0.27  ? 28  GLY A N    1 
ATOM   424  C CA   . GLY A 1 28  ? 1.962   -13.675 -8.627  1.00 0.29  ? 28  GLY A CA   1 
ATOM   425  C C    . GLY A 1 28  ? 0.938   -12.654 -9.118  1.00 0.29  ? 28  GLY A C    1 
ATOM   426  O O    . GLY A 1 28  ? 0.512   -12.681 -10.255 1.00 0.33  ? 28  GLY A O    1 
ATOM   427  H H    . GLY A 1 28  ? 3.230   -12.084 -7.921  1.00 0.28  ? 28  GLY A H    1 
ATOM   428  H HA2  . GLY A 1 28  ? 2.484   -14.094 -9.470  1.00 0.32  ? 28  GLY A HA2  1 
ATOM   429  H HA3  . GLY A 1 28  ? 1.454   -14.459 -8.086  1.00 0.30  ? 28  GLY A HA3  1 
ATOM   430  N N    . LYS A 1 29  ? 0.543   -11.751 -8.268  1.00 0.26  ? 29  LYS A N    1 
ATOM   431  C CA   . LYS A 1 29  ? -0.446  -10.723 -8.674  1.00 0.28  ? 29  LYS A CA   1 
ATOM   432  C C    . LYS A 1 29  ? 0.087   -9.955  -9.885  1.00 0.27  ? 29  LYS A C    1 
ATOM   433  O O    . LYS A 1 29  ? 1.134   -10.267 -10.418 1.00 0.28  ? 29  LYS A O    1 
ATOM   434  C CB   . LYS A 1 29  ? -0.663  -9.760  -7.509  1.00 0.30  ? 29  LYS A CB   1 
ATOM   435  C CG   . LYS A 1 29  ? -1.306  -10.508 -6.340  1.00 0.63  ? 29  LYS A CG   1 
ATOM   436  C CD   . LYS A 1 29  ? -2.519  -11.293 -6.841  1.00 0.86  ? 29  LYS A CD   1 
ATOM   437  C CE   . LYS A 1 29  ? -3.372  -11.733 -5.649  1.00 1.12  ? 29  LYS A CE   1 
ATOM   438  N NZ   . LYS A 1 29  ? -4.425  -12.678 -6.115  1.00 1.71  ? 29  LYS A NZ   1 
ATOM   439  H H    . LYS A 1 29  ? 0.901   -11.746 -7.359  1.00 0.25  ? 29  LYS A H    1 
ATOM   440  H HA   . LYS A 1 29  ? -1.380  -11.200 -8.927  1.00 0.31  ? 29  LYS A HA   1 
ATOM   441  H HB2  . LYS A 1 29  ? 0.288   -9.351  -7.198  1.00 0.47  ? 29  LYS A HB2  1 
ATOM   442  H HB3  . LYS A 1 29  ? -1.310  -8.962  -7.823  1.00 0.35  ? 29  LYS A HB3  1 
ATOM   443  H HG2  . LYS A 1 29  ? -0.587  -11.191 -5.910  1.00 1.41  ? 29  LYS A HG2  1 
ATOM   444  H HG3  . LYS A 1 29  ? -1.623  -9.800  -5.589  1.00 1.40  ? 29  LYS A HG3  1 
ATOM   445  H HD2  . LYS A 1 29  ? -3.110  -10.665 -7.493  1.00 1.59  ? 29  LYS A HD2  1 
ATOM   446  H HD3  . LYS A 1 29  ? -2.186  -12.164 -7.384  1.00 1.67  ? 29  LYS A HD3  1 
ATOM   447  H HE2  . LYS A 1 29  ? -2.744  -12.225 -4.920  1.00 1.69  ? 29  LYS A HE2  1 
ATOM   448  H HE3  . LYS A 1 29  ? -3.837  -10.869 -5.199  1.00 1.63  ? 29  LYS A HE3  1 
ATOM   449  H HZ1  . LYS A 1 29  ? -4.327  -12.833 -7.138  1.00 2.14  ? 29  LYS A HZ1  1 
ATOM   450  H HZ2  . LYS A 1 29  ? -4.322  -13.586 -5.619  1.00 2.05  ? 29  LYS A HZ2  1 
ATOM   451  H HZ3  . LYS A 1 29  ? -5.364  -12.277 -5.912  1.00 2.21  ? 29  LYS A HZ3  1 
ATOM   452  N N    . ARG A 1 30  ? -0.626  -8.957  -10.328 1.00 0.26  ? 30  ARG A N    1 
ATOM   453  C CA   . ARG A 1 30  ? -0.158  -8.176  -11.507 1.00 0.27  ? 30  ARG A CA   1 
ATOM   454  C C    . ARG A 1 30  ? 0.498   -6.875  -11.039 1.00 0.23  ? 30  ARG A C    1 
ATOM   455  O O    . ARG A 1 30  ? 0.257   -6.400  -9.945  1.00 0.28  ? 30  ARG A O    1 
ATOM   456  C CB   . ARG A 1 30  ? -1.350  -7.852  -12.409 1.00 0.33  ? 30  ARG A CB   1 
ATOM   457  C CG   . ARG A 1 30  ? -2.348  -9.012  -12.368 1.00 0.79  ? 30  ARG A CG   1 
ATOM   458  C CD   . ARG A 1 30  ? -3.565  -8.669  -13.230 1.00 1.18  ? 30  ARG A CD   1 
ATOM   459  N NE   . ARG A 1 30  ? -4.681  -9.601  -12.904 1.00 1.60  ? 30  ARG A NE   1 
ATOM   460  C CZ   . ARG A 1 30  ? -5.387  -10.133 -13.865 1.00 2.31  ? 30  ARG A CZ   1 
ATOM   461  N NH1  . ARG A 1 30  ? -4.824  -10.944 -14.716 1.00 2.97  ? 30  ARG A NH1  1 
ATOM   462  N NH2  . ARG A 1 30  ? -6.657  -9.851  -13.973 1.00 2.98  ? 30  ARG A NH2  1 
ATOM   463  H H    . ARG A 1 30  ? -1.468  -8.722  -9.887  1.00 0.27  ? 30  ARG A H    1 
ATOM   464  H HA   . ARG A 1 30  ? 0.562   -8.761  -12.061 1.00 0.30  ? 30  ARG A HA   1 
ATOM   465  H HB2  . ARG A 1 30  ? -1.829  -6.948  -12.060 1.00 0.59  ? 30  ARG A HB2  1 
ATOM   466  H HB3  . ARG A 1 30  ? -1.008  -7.710  -13.423 1.00 0.55  ? 30  ARG A HB3  1 
ATOM   467  H HG2  . ARG A 1 30  ? -1.877  -9.905  -12.749 1.00 1.21  ? 30  ARG A HG2  1 
ATOM   468  H HG3  . ARG A 1 30  ? -2.665  -9.177  -11.349 1.00 1.37  ? 30  ARG A HG3  1 
ATOM   469  H HD2  . ARG A 1 30  ? -3.875  -7.653  -13.029 1.00 1.87  ? 30  ARG A HD2  1 
ATOM   470  H HD3  . ARG A 1 30  ? -3.306  -8.767  -14.273 1.00 1.72  ? 30  ARG A HD3  1 
ATOM   471  H HE   . ARG A 1 30  ? -4.884  -9.816  -11.969 1.00 2.03  ? 30  ARG A HE   1 
ATOM   472  H HH11 . ARG A 1 30  ? -3.851  -11.160 -14.634 1.00 3.13  ? 30  ARG A HH11 1 
ATOM   473  H HH12 . ARG A 1 30  ? -5.365  -11.351 -15.452 1.00 3.65  ? 30  ARG A HH12 1 
ATOM   474  H HH21 . ARG A 1 30  ? -7.089  -9.229  -13.321 1.00 3.13  ? 30  ARG A HH21 1 
ATOM   475  H HH22 . ARG A 1 30  ? -7.198  -10.258 -14.709 1.00 3.66  ? 30  ARG A HH22 1 
ATOM   476  N N    . ASP A 1 31  ? 1.325   -6.290  -11.864 1.00 0.22  ? 31  ASP A N    1 
ATOM   477  C CA   . ASP A 1 31  ? 1.995   -5.019  -11.472 1.00 0.21  ? 31  ASP A CA   1 
ATOM   478  C C    . ASP A 1 31  ? 0.940   -4.018  -11.001 1.00 0.19  ? 31  ASP A C    1 
ATOM   479  O O    . ASP A 1 31  ? -0.069  -3.815  -11.646 1.00 0.29  ? 31  ASP A O    1 
ATOM   480  C CB   . ASP A 1 31  ? 2.745   -4.443  -12.674 1.00 0.24  ? 31  ASP A CB   1 
ATOM   481  C CG   . ASP A 1 31  ? 3.629   -3.281  -12.217 1.00 0.33  ? 31  ASP A CG   1 
ATOM   482  O OD1  . ASP A 1 31  ? 3.654   -3.016  -11.026 1.00 1.20  ? 31  ASP A OD1  1 
ATOM   483  O OD2  . ASP A 1 31  ? 4.265   -2.677  -13.063 1.00 1.09  ? 31  ASP A OD2  1 
ATOM   484  H H    . ASP A 1 31  ? 1.504   -6.687  -12.742 1.00 0.26  ? 31  ASP A H    1 
ATOM   485  H HA   . ASP A 1 31  ? 2.692   -5.211  -10.670 1.00 0.22  ? 31  ASP A HA   1 
ATOM   486  H HB2  . ASP A 1 31  ? 3.362   -5.213  -13.116 1.00 0.35  ? 31  ASP A HB2  1 
ATOM   487  H HB3  . ASP A 1 31  ? 2.035   -4.086  -13.405 1.00 0.24  ? 31  ASP A HB3  1 
ATOM   488  N N    . GLY A 1 32  ? 1.162   -3.391  -9.879  1.00 0.14  ? 32  GLY A N    1 
ATOM   489  C CA   . GLY A 1 32  ? 0.168   -2.405  -9.372  1.00 0.15  ? 32  GLY A CA   1 
ATOM   490  C C    . GLY A 1 32  ? -0.515  -2.963  -8.122  1.00 0.15  ? 32  GLY A C    1 
ATOM   491  O O    . GLY A 1 32  ? -1.299  -2.288  -7.480  1.00 0.18  ? 32  GLY A O    1 
ATOM   492  H H    . GLY A 1 32  ? 1.982   -3.568  -9.371  1.00 0.16  ? 32  GLY A H    1 
ATOM   493  H HA2  . GLY A 1 32  ? 0.672   -1.481  -9.127  1.00 0.18  ? 32  GLY A HA2  1 
ATOM   494  H HA3  . GLY A 1 32  ? -0.576  -2.220  -10.132 1.00 0.17  ? 32  GLY A HA3  1 
ATOM   495  N N    . THR A 1 33  ? -0.221  -4.188  -7.765  1.00 0.14  ? 33  THR A N    1 
ATOM   496  C CA   . THR A 1 33  ? -0.854  -4.777  -6.550  1.00 0.14  ? 33  THR A CA   1 
ATOM   497  C C    . THR A 1 33  ? -0.272  -4.099  -5.314  1.00 0.17  ? 33  THR A C    1 
ATOM   498  O O    . THR A 1 33  ? 0.809   -3.548  -5.352  1.00 0.37  ? 33  THR A O    1 
ATOM   499  C CB   . THR A 1 33  ? -0.563  -6.279  -6.475  1.00 0.15  ? 33  THR A CB   1 
ATOM   500  O OG1  . THR A 1 33  ? 0.311   -6.655  -7.530  1.00 0.15  ? 33  THR A OG1  1 
ATOM   501  C CG2  . THR A 1 33  ? -1.875  -7.058  -6.588  1.00 0.18  ? 33  THR A CG2  1 
ATOM   502  H H    . THR A 1 33  ? 0.417   -4.715  -8.291  1.00 0.13  ? 33  THR A H    1 
ATOM   503  H HA   . THR A 1 33  ? -1.921  -4.614  -6.582  1.00 0.15  ? 33  THR A HA   1 
ATOM   504  H HB   . THR A 1 33  ? -0.100  -6.508  -5.528  1.00 0.19  ? 33  THR A HB   1 
ATOM   505  H HG1  . THR A 1 33  ? 1.106   -7.031  -7.137  1.00 0.17  ? 33  THR A HG1  1 
ATOM   506  H HG21 . THR A 1 33  ? -2.676  -6.477  -6.156  1.00 1.03  ? 33  THR A HG21 1 
ATOM   507  H HG22 . THR A 1 33  ? -2.092  -7.251  -7.628  1.00 1.02  ? 33  THR A HG22 1 
ATOM   508  H HG23 . THR A 1 33  ? -1.783  -7.995  -6.059  1.00 1.01  ? 33  THR A HG23 1 
ATOM   509  N N    . PHE A 1 34  ? -0.972  -4.129  -4.217  1.00 0.14  ? 34  PHE A N    1 
ATOM   510  C CA   . PHE A 1 34  ? -0.427  -3.480  -2.997  1.00 0.14  ? 34  PHE A CA   1 
ATOM   511  C C    . PHE A 1 34  ? -1.134  -4.023  -1.751  1.00 0.13  ? 34  PHE A C    1 
ATOM   512  O O    . PHE A 1 34  ? -2.296  -4.373  -1.783  1.00 0.14  ? 34  PHE A O    1 
ATOM   513  C CB   . PHE A 1 34  ? -0.630  -1.964  -3.094  1.00 0.15  ? 34  PHE A CB   1 
ATOM   514  C CG   . PHE A 1 34  ? -2.053  -1.608  -2.729  1.00 0.14  ? 34  PHE A CG   1 
ATOM   515  C CD1  . PHE A 1 34  ? -3.080  -1.773  -3.665  1.00 0.14  ? 34  PHE A CD1  1 
ATOM   516  C CD2  . PHE A 1 34  ? -2.340  -1.116  -1.452  1.00 0.16  ? 34  PHE A CD2  1 
ATOM   517  C CE1  . PHE A 1 34  ? -4.397  -1.443  -3.320  1.00 0.16  ? 34  PHE A CE1  1 
ATOM   518  C CE2  . PHE A 1 34  ? -3.656  -0.787  -1.108  1.00 0.18  ? 34  PHE A CE2  1 
ATOM   519  C CZ   . PHE A 1 34  ? -4.685  -0.950  -2.043  1.00 0.18  ? 34  PHE A CZ   1 
ATOM   520  H H    . PHE A 1 34  ? -1.844  -4.575  -4.197  1.00 0.28  ? 34  PHE A H    1 
ATOM   521  H HA   . PHE A 1 34  ? 0.632   -3.692  -2.928  1.00 0.15  ? 34  PHE A HA   1 
ATOM   522  H HB2  . PHE A 1 34  ? 0.049   -1.467  -2.417  1.00 0.16  ? 34  PHE A HB2  1 
ATOM   523  H HB3  . PHE A 1 34  ? -0.428  -1.641  -4.105  1.00 0.16  ? 34  PHE A HB3  1 
ATOM   524  H HD1  . PHE A 1 34  ? -2.858  -2.152  -4.651  1.00 0.15  ? 34  PHE A HD1  1 
ATOM   525  H HD2  . PHE A 1 34  ? -1.546  -0.991  -0.730  1.00 0.18  ? 34  PHE A HD2  1 
ATOM   526  H HE1  . PHE A 1 34  ? -5.189  -1.567  -4.040  1.00 0.18  ? 34  PHE A HE1  1 
ATOM   527  H HE2  . PHE A 1 34  ? -3.878  -0.407  -0.122  1.00 0.21  ? 34  PHE A HE2  1 
ATOM   528  H HZ   . PHE A 1 34  ? -5.701  -0.695  -1.778  1.00 0.20  ? 34  PHE A HZ   1 
ATOM   529  N N    . LEU A 1 35  ? -0.440  -4.072  -0.650  1.00 0.14  ? 35  LEU A N    1 
ATOM   530  C CA   . LEU A 1 35  ? -1.063  -4.564  0.611   1.00 0.14  ? 35  LEU A CA   1 
ATOM   531  C C    . LEU A 1 35  ? -0.486  -3.764  1.779   1.00 0.15  ? 35  LEU A C    1 
ATOM   532  O O    . LEU A 1 35  ? 0.669   -3.390  1.772   1.00 0.22  ? 35  LEU A O    1 
ATOM   533  C CB   . LEU A 1 35  ? -0.765  -6.054  0.801   1.00 0.16  ? 35  LEU A CB   1 
ATOM   534  C CG   . LEU A 1 35  ? 0.736   -6.266  0.980   1.00 0.20  ? 35  LEU A CG   1 
ATOM   535  C CD1  . LEU A 1 35  ? 1.099   -6.145  2.462   1.00 0.51  ? 35  LEU A CD1  1 
ATOM   536  C CD2  . LEU A 1 35  ? 1.111   -7.664  0.478   1.00 0.63  ? 35  LEU A CD2  1 
ATOM   537  H H    . LEU A 1 35  ? 0.493   -3.766  -0.649  1.00 0.15  ? 35  LEU A H    1 
ATOM   538  H HA   . LEU A 1 35  ? -2.131  -4.412  0.566   1.00 0.14  ? 35  LEU A HA   1 
ATOM   539  H HB2  . LEU A 1 35  ? -1.285  -6.414  1.677   1.00 0.20  ? 35  LEU A HB2  1 
ATOM   540  H HB3  . LEU A 1 35  ? -1.102  -6.601  -0.066  1.00 0.18  ? 35  LEU A HB3  1 
ATOM   541  H HG   . LEU A 1 35  ? 1.274   -5.520  0.415   1.00 0.60  ? 35  LEU A HG   1 
ATOM   542  H HD11 . LEU A 1 35  ? 0.236   -6.390  3.065   1.00 1.26  ? 35  LEU A HD11 1 
ATOM   543  H HD12 . LEU A 1 35  ? 1.904   -6.827  2.694   1.00 1.10  ? 35  LEU A HD12 1 
ATOM   544  H HD13 . LEU A 1 35  ? 1.411   -5.134  2.675   1.00 1.23  ? 35  LEU A HD13 1 
ATOM   545  H HD21 . LEU A 1 35  ? 0.532   -8.404  1.011   1.00 1.16  ? 35  LEU A HD21 1 
ATOM   546  H HD22 . LEU A 1 35  ? 0.898   -7.734  -0.578  1.00 1.23  ? 35  LEU A HD22 1 
ATOM   547  H HD23 . LEU A 1 35  ? 2.162   -7.838  0.647   1.00 1.26  ? 35  LEU A HD23 1 
ATOM   548  N N    . VAL A 1 36  ? -1.278  -3.477  2.774   1.00 0.15  ? 36  VAL A N    1 
ATOM   549  C CA   . VAL A 1 36  ? -0.758  -2.681  3.921   1.00 0.17  ? 36  VAL A CA   1 
ATOM   550  C C    . VAL A 1 36  ? -0.643  -3.566  5.165   1.00 0.19  ? 36  VAL A C    1 
ATOM   551  O O    . VAL A 1 36  ? -1.620  -4.087  5.662   1.00 0.25  ? 36  VAL A O    1 
ATOM   552  C CB   . VAL A 1 36  ? -1.717  -1.521  4.205   1.00 0.19  ? 36  VAL A CB   1 
ATOM   553  C CG1  . VAL A 1 36  ? -1.023  -0.480  5.079   1.00 0.25  ? 36  VAL A CG1  1 
ATOM   554  C CG2  . VAL A 1 36  ? -2.133  -0.870  2.887   1.00 0.21  ? 36  VAL A CG2  1 
ATOM   555  H H    . VAL A 1 36  ? -2.213  -3.773  2.761   1.00 0.18  ? 36  VAL A H    1 
ATOM   556  H HA   . VAL A 1 36  ? 0.217   -2.289  3.669   1.00 0.17  ? 36  VAL A HA   1 
ATOM   557  H HB   . VAL A 1 36  ? -2.592  -1.895  4.717   1.00 0.23  ? 36  VAL A HB   1 
ATOM   558  H HG11 . VAL A 1 36  ? -0.147  -0.108  4.568   1.00 1.04  ? 36  VAL A HG11 1 
ATOM   559  H HG12 . VAL A 1 36  ? -1.703  0.337   5.271   1.00 1.02  ? 36  VAL A HG12 1 
ATOM   560  H HG13 . VAL A 1 36  ? -0.730  -0.932  6.014   1.00 1.08  ? 36  VAL A HG13 1 
ATOM   561  H HG21 . VAL A 1 36  ? -2.563  -1.617  2.236   1.00 0.99  ? 36  VAL A HG21 1 
ATOM   562  H HG22 . VAL A 1 36  ? -2.863  -0.098  3.082   1.00 1.05  ? 36  VAL A HG22 1 
ATOM   563  H HG23 . VAL A 1 36  ? -1.267  -0.434  2.412   1.00 1.02  ? 36  VAL A HG23 1 
ATOM   564  N N    . ARG A 1 37  ? 0.547   -3.729  5.674   1.00 0.26  ? 37  ARG A N    1 
ATOM   565  C CA   . ARG A 1 37  ? 0.734   -4.570  6.889   1.00 0.30  ? 37  ARG A CA   1 
ATOM   566  C C    . ARG A 1 37  ? 1.446   -3.753  7.967   1.00 0.26  ? 37  ARG A C    1 
ATOM   567  O O    . ARG A 1 37  ? 1.698   -2.575  7.804   1.00 0.29  ? 37  ARG A O    1 
ATOM   568  C CB   . ARG A 1 37  ? 1.590   -5.792  6.546   1.00 0.39  ? 37  ARG A CB   1 
ATOM   569  C CG   . ARG A 1 37  ? 2.773   -5.359  5.677   1.00 0.42  ? 37  ARG A CG   1 
ATOM   570  C CD   . ARG A 1 37  ? 4.065   -5.952  6.243   1.00 0.70  ? 37  ARG A CD   1 
ATOM   571  N NE   . ARG A 1 37  ? 5.233   -5.210  5.692   1.00 0.65  ? 37  ARG A NE   1 
ATOM   572  C CZ   . ARG A 1 37  ? 6.343   -5.140  6.374   1.00 0.62  ? 37  ARG A CZ   1 
ATOM   573  N NH1  . ARG A 1 37  ? 6.319   -4.751  7.619   1.00 1.32  ? 37  ARG A NH1  1 
ATOM   574  N NH2  . ARG A 1 37  ? 7.477   -5.459  5.811   1.00 1.28  ? 37  ARG A NH2  1 
ATOM   575  H H    . ARG A 1 37  ? 1.318   -3.293  5.260   1.00 0.33  ? 37  ARG A H    1 
ATOM   576  H HA   . ARG A 1 37  ? -0.229  -4.896  7.257   1.00 0.38  ? 37  ARG A HA   1 
ATOM   577  H HB2  . ARG A 1 37  ? 1.957   -6.240  7.456   1.00 0.40  ? 37  ARG A HB2  1 
ATOM   578  H HB3  . ARG A 1 37  ? 0.995   -6.510  6.006   1.00 0.51  ? 37  ARG A HB3  1 
ATOM   579  H HG2  . ARG A 1 37  ? 2.626   -5.712  4.666   1.00 0.67  ? 37  ARG A HG2  1 
ATOM   580  H HG3  . ARG A 1 37  ? 2.844   -4.282  5.675   1.00 0.59  ? 37  ARG A HG3  1 
ATOM   581  H HD2  . ARG A 1 37  ? 4.058   -5.865  7.320   1.00 1.10  ? 37  ARG A HD2  1 
ATOM   582  H HD3  . ARG A 1 37  ? 4.134   -6.993  5.966   1.00 1.23  ? 37  ARG A HD3  1 
ATOM   583  H HE   . ARG A 1 37  ? 5.169   -4.775  4.816   1.00 0.96  ? 37  ARG A HE   1 
ATOM   584  H HH11 . ARG A 1 37  ? 5.451   -4.507  8.051   1.00 2.09  ? 37  ARG A HH11 1 
ATOM   585  H HH12 . ARG A 1 37  ? 7.170   -4.696  8.142   1.00 1.37  ? 37  ARG A HH12 1 
ATOM   586  H HH21 . ARG A 1 37  ? 7.494   -5.757  4.857   1.00 2.05  ? 37  ARG A HH21 1 
ATOM   587  H HH22 . ARG A 1 37  ? 8.327   -5.404  6.335   1.00 1.34  ? 37  ARG A HH22 1 
ATOM   588  N N    . GLU A 1 38  ? 1.777   -4.372  9.065   1.00 0.35  ? 38  GLU A N    1 
ATOM   589  C CA   . GLU A 1 38  ? 2.481   -3.636  10.153  1.00 0.38  ? 38  GLU A CA   1 
ATOM   590  C C    . GLU A 1 38  ? 3.778   -4.369  10.501  1.00 0.38  ? 38  GLU A C    1 
ATOM   591  O O    . GLU A 1 38  ? 4.275   -5.169  9.734   1.00 0.44  ? 38  GLU A O    1 
ATOM   592  C CB   . GLU A 1 38  ? 1.586   -3.572  11.392  1.00 0.50  ? 38  GLU A CB   1 
ATOM   593  C CG   . GLU A 1 38  ? 1.202   -2.117  11.670  1.00 1.00  ? 38  GLU A CG   1 
ATOM   594  C CD   . GLU A 1 38  ? 0.472   -2.029  13.012  1.00 1.15  ? 38  GLU A CD   1 
ATOM   595  O OE1  . GLU A 1 38  ? -0.615  -2.573  13.110  1.00 1.68  ? 38  GLU A OE1  1 
ATOM   596  O OE2  . GLU A 1 38  ? 1.014   -1.419  13.920  1.00 1.51  ? 38  GLU A OE2  1 
ATOM   597  H H    . GLU A 1 38  ? 1.566   -5.323  9.173   1.00 0.46  ? 38  GLU A H    1 
ATOM   598  H HA   . GLU A 1 38  ? 2.711   -2.634  9.820   1.00 0.46  ? 38  GLU A HA   1 
ATOM   599  H HB2  . GLU A 1 38  ? 0.695   -4.154  11.222  1.00 0.86  ? 38  GLU A HB2  1 
ATOM   600  H HB3  . GLU A 1 38  ? 2.119   -3.970  12.243  1.00 0.58  ? 38  GLU A HB3  1 
ATOM   601  H HG2  . GLU A 1 38  ? 2.094   -1.510  11.703  1.00 1.29  ? 38  GLU A HG2  1 
ATOM   602  H HG3  . GLU A 1 38  ? 0.552   -1.761  10.885  1.00 1.44  ? 38  GLU A HG3  1 
ATOM   603  N N    . SER A 1 39  ? 4.328   -4.103  11.653  1.00 0.46  ? 39  SER A N    1 
ATOM   604  C CA   . SER A 1 39  ? 5.591   -4.786  12.051  1.00 0.59  ? 39  SER A CA   1 
ATOM   605  C C    . SER A 1 39  ? 5.990   -4.345  13.462  1.00 0.64  ? 39  SER A C    1 
ATOM   606  O O    . SER A 1 39  ? 5.170   -3.900  14.238  1.00 1.03  ? 39  SER A O    1 
ATOM   607  C CB   . SER A 1 39  ? 6.704   -4.416  11.068  1.00 0.69  ? 39  SER A CB   1 
ATOM   608  O OG   . SER A 1 39  ? 7.643   -5.482  11.001  1.00 0.85  ? 39  SER A OG   1 
ATOM   609  H H    . SER A 1 39  ? 3.909   -3.454  12.257  1.00 0.50  ? 39  SER A H    1 
ATOM   610  H HA   . SER A 1 39  ? 5.441   -5.854  12.038  1.00 0.65  ? 39  SER A HA   1 
ATOM   611  H HB2  . SER A 1 39  ? 6.284   -4.252  10.090  1.00 0.77  ? 39  SER A HB2  1 
ATOM   612  H HB3  . SER A 1 39  ? 7.194   -3.512  11.405  1.00 0.67  ? 39  SER A HB3  1 
ATOM   613  H HG   . SER A 1 39  ? 7.936   -5.561  10.091  1.00 1.18  ? 39  SER A HG   1 
ATOM   614  N N    . SER A 1 40  ? 7.246   -4.467  13.799  1.00 0.63  ? 40  SER A N    1 
ATOM   615  C CA   . SER A 1 40  ? 7.697   -4.057  15.159  1.00 0.68  ? 40  SER A CA   1 
ATOM   616  C C    . SER A 1 40  ? 7.898   -2.540  15.196  1.00 0.64  ? 40  SER A C    1 
ATOM   617  O O    . SER A 1 40  ? 8.386   -1.994  16.165  1.00 0.79  ? 40  SER A O    1 
ATOM   618  C CB   . SER A 1 40  ? 9.018   -4.753  15.489  1.00 0.81  ? 40  SER A CB   1 
ATOM   619  O OG   . SER A 1 40  ? 8.782   -5.781  16.441  1.00 1.56  ? 40  SER A OG   1 
ATOM   620  H H    . SER A 1 40  ? 7.892   -4.830  13.157  1.00 0.89  ? 40  SER A H    1 
ATOM   621  H HA   . SER A 1 40  ? 6.950   -4.339  15.886  1.00 0.75  ? 40  SER A HA   1 
ATOM   622  H HB2  . SER A 1 40  ? 9.432   -5.187  14.595  1.00 1.36  ? 40  SER A HB2  1 
ATOM   623  H HB3  . SER A 1 40  ? 9.715   -4.028  15.891  1.00 1.16  ? 40  SER A HB3  1 
ATOM   624  H HG   . SER A 1 40  ? 9.537   -6.373  16.432  1.00 1.85  ? 40  SER A HG   1 
ATOM   625  N N    . LYS A 1 41  ? 7.524   -1.855  14.150  1.00 0.56  ? 41  LYS A N    1 
ATOM   626  C CA   . LYS A 1 41  ? 7.691   -0.381  14.126  1.00 0.63  ? 41  LYS A CA   1 
ATOM   627  C C    . LYS A 1 41  ? 7.047   0.229   15.373  1.00 0.82  ? 41  LYS A C    1 
ATOM   628  O O    . LYS A 1 41  ? 6.525   -0.468  16.219  1.00 0.90  ? 41  LYS A O    1 
ATOM   629  C CB   . LYS A 1 41  ? 7.009   0.175   12.877  1.00 0.59  ? 41  LYS A CB   1 
ATOM   630  C CG   . LYS A 1 41  ? 7.648   -0.434  11.629  1.00 0.66  ? 41  LYS A CG   1 
ATOM   631  C CD   . LYS A 1 41  ? 6.921   0.077   10.384  1.00 0.67  ? 41  LYS A CD   1 
ATOM   632  C CE   . LYS A 1 41  ? 7.152   -0.889  9.222   1.00 0.59  ? 41  LYS A CE   1 
ATOM   633  N NZ   . LYS A 1 41  ? 8.610   -0.971  8.925   1.00 0.74  ? 41  LYS A NZ   1 
ATOM   634  H H    . LYS A 1 41  ? 7.131   -2.308  13.378  1.00 0.53  ? 41  LYS A H    1 
ATOM   635  H HA   . LYS A 1 41  ? 8.743   -0.134  14.103  1.00 0.69  ? 41  LYS A HA   1 
ATOM   636  H HB2  . LYS A 1 41  ? 5.958   -0.073  12.902  1.00 0.65  ? 41  LYS A HB2  1 
ATOM   637  H HB3  . LYS A 1 41  ? 7.126   1.242   12.853  1.00 0.79  ? 41  LYS A HB3  1 
ATOM   638  H HG2  . LYS A 1 41  ? 8.690   -0.150  11.582  1.00 1.15  ? 41  LYS A HG2  1 
ATOM   639  H HG3  . LYS A 1 41  ? 7.570   -1.511  11.672  1.00 0.91  ? 41  LYS A HG3  1 
ATOM   640  H HD2  . LYS A 1 41  ? 5.863   0.149   10.590  1.00 1.17  ? 41  LYS A HD2  1 
ATOM   641  H HD3  . LYS A 1 41  ? 7.304   1.052   10.119  1.00 1.32  ? 41  LYS A HD3  1 
ATOM   642  H HE2  . LYS A 1 41  ? 6.784   -1.869  9.490   1.00 1.00  ? 41  LYS A HE2  1 
ATOM   643  H HE3  . LYS A 1 41  ? 6.626   -0.534  8.348   1.00 0.96  ? 41  LYS A HE3  1 
ATOM   644  H HZ1  . LYS A 1 41  ? 9.024   -0.018  8.953   1.00 1.21  ? 41  LYS A HZ1  1 
ATOM   645  H HZ2  . LYS A 1 41  ? 9.076   -1.569  9.636   1.00 1.16  ? 41  LYS A HZ2  1 
ATOM   646  H HZ3  . LYS A 1 41  ? 8.749   -1.383  7.979   1.00 1.34  ? 41  LYS A HZ3  1 
ATOM   647  N N    . GLN A 1 42  ? 7.078   1.528   15.489  1.00 0.96  ? 42  GLN A N    1 
ATOM   648  C CA   . GLN A 1 42  ? 6.465   2.187   16.675  1.00 1.19  ? 42  GLN A CA   1 
ATOM   649  C C    . GLN A 1 42  ? 4.997   2.505   16.376  1.00 1.16  ? 42  GLN A C    1 
ATOM   650  O O    . GLN A 1 42  ? 4.338   3.213   17.111  1.00 1.84  ? 42  GLN A O    1 
ATOM   651  C CB   . GLN A 1 42  ? 7.222   3.482   16.979  1.00 1.34  ? 42  GLN A CB   1 
ATOM   652  C CG   . GLN A 1 42  ? 6.460   4.282   18.033  1.00 2.01  ? 42  GLN A CG   1 
ATOM   653  C CD   . GLN A 1 42  ? 7.451   4.910   19.015  1.00 2.38  ? 42  GLN A CD   1 
ATOM   654  O OE1  . GLN A 1 42  ? 7.516   6.116   19.143  1.00 2.78  ? 42  GLN A OE1  1 
ATOM   655  N NE2  . GLN A 1 42  ? 8.230   4.135   19.720  1.00 2.84  ? 42  GLN A NE2  1 
ATOM   656  H H    . GLN A 1 42  ? 7.502   2.072   14.792  1.00 0.97  ? 42  GLN A H    1 
ATOM   657  H HA   . GLN A 1 42  ? 6.525   1.525   17.527  1.00 1.37  ? 42  GLN A HA   1 
ATOM   658  H HB2  . GLN A 1 42  ? 8.210   3.243   17.350  1.00 1.50  ? 42  GLN A HB2  1 
ATOM   659  H HB3  . GLN A 1 42  ? 7.309   4.068   16.076  1.00 1.90  ? 42  GLN A HB3  1 
ATOM   660  H HG2  . GLN A 1 42  ? 5.888   5.059   17.547  1.00 2.58  ? 42  GLN A HG2  1 
ATOM   661  H HG3  . GLN A 1 42  ? 5.792   3.624   18.569  1.00 2.40  ? 42  GLN A HG3  1 
ATOM   662  H HE21 . GLN A 1 42  ? 8.178   3.163   19.616  1.00 3.13  ? 42  GLN A HE21 1 
ATOM   663  H HE22 . GLN A 1 42  ? 8.869   4.527   20.352  1.00 3.19  ? 42  GLN A HE22 1 
ATOM   664  N N    . GLY A 1 43  ? 4.479   1.983   15.300  1.00 0.84  ? 43  GLY A N    1 
ATOM   665  C CA   . GLY A 1 43  ? 3.056   2.250   14.949  1.00 0.88  ? 43  GLY A CA   1 
ATOM   666  C C    . GLY A 1 43  ? 2.950   2.617   13.466  1.00 0.75  ? 43  GLY A C    1 
ATOM   667  O O    . GLY A 1 43  ? 1.878   2.878   12.958  1.00 0.86  ? 43  GLY A O    1 
ATOM   668  H H    . GLY A 1 43  ? 5.027   1.413   14.726  1.00 1.16  ? 43  GLY A H    1 
ATOM   669  H HA2  . GLY A 1 43  ? 2.465   1.366   15.146  1.00 1.02  ? 43  GLY A HA2  1 
ATOM   670  H HA3  . GLY A 1 43  ? 2.686   3.070   15.546  1.00 0.94  ? 43  GLY A HA3  1 
ATOM   671  N N    . CYS A 1 44  ? 4.054   2.641   12.767  1.00 0.59  ? 44  CYS A N    1 
ATOM   672  C CA   . CYS A 1 44  ? 4.015   2.990   11.321  1.00 0.50  ? 44  CYS A CA   1 
ATOM   673  C C    . CYS A 1 44  ? 3.468   1.804   10.525  1.00 0.43  ? 44  CYS A C    1 
ATOM   674  O O    . CYS A 1 44  ? 2.923   0.871   11.079  1.00 0.52  ? 44  CYS A O    1 
ATOM   675  C CB   . CYS A 1 44  ? 5.431   3.316   10.847  1.00 0.51  ? 44  CYS A CB   1 
ATOM   676  S SG   . CYS A 1 44  ? 5.700   5.104   10.933  1.00 0.76  ? 44  CYS A SG   1 
ATOM   677  H H    . CYS A 1 44  ? 4.909   2.429   13.192  1.00 0.61  ? 44  CYS A H    1 
ATOM   678  H HA   . CYS A 1 44  ? 3.378   3.850   11.174  1.00 0.61  ? 44  CYS A HA   1 
ATOM   679  H HB2  . CYS A 1 44  ? 6.147   2.814   11.480  1.00 0.56  ? 44  CYS A HB2  1 
ATOM   680  H HB3  . CYS A 1 44  ? 5.555   2.982   9.830   1.00 0.57  ? 44  CYS A HB3  1 
ATOM   681  H HG   . CYS A 1 44  ? 6.052   5.308   11.802  1.00 1.20  ? 44  CYS A HG   1 
ATOM   682  N N    . TYR A 1 45  ? 3.609   1.831   9.226   1.00 0.38  ? 45  TYR A N    1 
ATOM   683  C CA   . TYR A 1 45  ? 3.096   0.702   8.400   1.00 0.36  ? 45  TYR A CA   1 
ATOM   684  C C    . TYR A 1 45  ? 4.029   0.457   7.216   1.00 0.27  ? 45  TYR A C    1 
ATOM   685  O O    . TYR A 1 45  ? 4.941   1.216   6.954   1.00 0.34  ? 45  TYR A O    1 
ATOM   686  C CB   . TYR A 1 45  ? 1.714   1.049   7.843   1.00 0.52  ? 45  TYR A CB   1 
ATOM   687  C CG   . TYR A 1 45  ? 0.696   1.093   8.953   1.00 0.37  ? 45  TYR A CG   1 
ATOM   688  C CD1  . TYR A 1 45  ? 0.026   -0.075  9.333   1.00 1.25  ? 45  TYR A CD1  1 
ATOM   689  C CD2  . TYR A 1 45  ? 0.408   2.304   9.590   1.00 1.30  ? 45  TYR A CD2  1 
ATOM   690  C CE1  . TYR A 1 45  ? -0.929  -0.033  10.354  1.00 1.39  ? 45  TYR A CE1  1 
ATOM   691  C CE2  . TYR A 1 45  ? -0.547  2.348   10.611  1.00 1.56  ? 45  TYR A CE2  1 
ATOM   692  C CZ   . TYR A 1 45  ? -1.217  1.179   10.994  1.00 1.12  ? 45  TYR A CZ   1 
ATOM   693  O OH   . TYR A 1 45  ? -2.159  1.223   12.000  1.00 1.57  ? 45  TYR A OH   1 
ATOM   694  H H    . TYR A 1 45  ? 4.051   2.593   8.797   1.00 0.46  ? 45  TYR A H    1 
ATOM   695  H HA   . TYR A 1 45  ? 3.030   -0.191  9.002   1.00 0.41  ? 45  TYR A HA   1 
ATOM   696  H HB2  . TYR A 1 45  ? 1.756   2.010   7.356   1.00 0.83  ? 45  TYR A HB2  1 
ATOM   697  H HB3  . TYR A 1 45  ? 1.423   0.297   7.123   1.00 0.87  ? 45  TYR A HB3  1 
ATOM   698  H HD1  . TYR A 1 45  ? 0.248   -1.010  8.839   1.00 2.12  ? 45  TYR A HD1  1 
ATOM   699  H HD2  . TYR A 1 45  ? 0.926   3.206   9.295   1.00 2.11  ? 45  TYR A HD2  1 
ATOM   700  H HE1  . TYR A 1 45  ? -1.445  -0.934  10.648  1.00 2.21  ? 45  TYR A HE1  1 
ATOM   701  H HE2  . TYR A 1 45  ? -0.769  3.282   11.100  1.00 2.46  ? 45  TYR A HE2  1 
ATOM   702  H HH   . TYR A 1 45  ? -2.638  0.391   11.994  1.00 1.77  ? 45  TYR A HH   1 
ATOM   703  N N    . ALA A 1 46  ? 3.775   -0.588  6.483   1.00 0.25  ? 46  ALA A N    1 
ATOM   704  C CA   . ALA A 1 46  ? 4.603   -0.894  5.285   1.00 0.22  ? 46  ALA A CA   1 
ATOM   705  C C    . ALA A 1 46  ? 3.681   -1.426  4.196   1.00 0.18  ? 46  ALA A C    1 
ATOM   706  O O    . ALA A 1 46  ? 2.976   -2.394  4.389   1.00 0.27  ? 46  ALA A O    1 
ATOM   707  C CB   . ALA A 1 46  ? 5.652   -1.957  5.613   1.00 0.34  ? 46  ALA A CB   1 
ATOM   708  H H    . ALA A 1 46  ? 3.016   -1.164  6.711   1.00 0.34  ? 46  ALA A H    1 
ATOM   709  H HA   . ALA A 1 46  ? 5.088   0.008   4.945   1.00 0.26  ? 46  ALA A HA   1 
ATOM   710  H HB1  . ALA A 1 46  ? 5.769   -2.032  6.682   1.00 1.14  ? 46  ALA A HB1  1 
ATOM   711  H HB2  . ALA A 1 46  ? 5.333   -2.909  5.215   1.00 1.06  ? 46  ALA A HB2  1 
ATOM   712  H HB3  . ALA A 1 46  ? 6.596   -1.680  5.164   1.00 0.99  ? 46  ALA A HB3  1 
ATOM   713  N N    . CYS A 1 47  ? 3.666   -0.805  3.055   1.00 0.18  ? 47  CYS A N    1 
ATOM   714  C CA   . CYS A 1 47  ? 2.769   -1.288  1.976   1.00 0.20  ? 47  CYS A CA   1 
ATOM   715  C C    . CYS A 1 47  ? 3.556   -2.162  1.001   1.00 0.16  ? 47  CYS A C    1 
ATOM   716  O O    . CYS A 1 47  ? 4.328   -1.677  0.197   1.00 0.18  ? 47  CYS A O    1 
ATOM   717  C CB   . CYS A 1 47  ? 2.182   -0.090  1.227   1.00 0.32  ? 47  CYS A CB   1 
ATOM   718  S SG   . CYS A 1 47  ? 0.708   -0.610  0.315   1.00 0.76  ? 47  CYS A SG   1 
ATOM   719  H H    . CYS A 1 47  ? 4.230   -0.017  2.912   1.00 0.27  ? 47  CYS A H    1 
ATOM   720  H HA   . CYS A 1 47  ? 1.966   -1.866  2.408   1.00 0.22  ? 47  CYS A HA   1 
ATOM   721  H HB2  . CYS A 1 47  ? 1.914   0.681   1.935   1.00 0.56  ? 47  CYS A HB2  1 
ATOM   722  H HB3  . CYS A 1 47  ? 2.916   0.296   0.536   1.00 0.56  ? 47  CYS A HB3  1 
ATOM   723  H HG   . CYS A 1 47  ? 0.493   0.079   -0.318  1.00 1.00  ? 47  CYS A HG   1 
ATOM   724  N N    . SER A 1 48  ? 3.353   -3.451  1.058   1.00 0.14  ? 48  SER A N    1 
ATOM   725  C CA   . SER A 1 48  ? 4.072   -4.356  0.119   1.00 0.14  ? 48  SER A CA   1 
ATOM   726  C C    . SER A 1 48  ? 3.433   -4.201  -1.258  1.00 0.13  ? 48  SER A C    1 
ATOM   727  O O    . SER A 1 48  ? 2.333   -4.657  -1.499  1.00 0.14  ? 48  SER A O    1 
ATOM   728  C CB   . SER A 1 48  ? 3.951   -5.806  0.592   1.00 0.15  ? 48  SER A CB   1 
ATOM   729  O OG   . SER A 1 48  ? 4.101   -5.853  2.005   1.00 0.47  ? 48  SER A OG   1 
ATOM   730  H H    . SER A 1 48  ? 2.715   -3.818  1.708   1.00 0.17  ? 48  SER A H    1 
ATOM   731  H HA   . SER A 1 48  ? 5.113   -4.074  0.067   1.00 0.15  ? 48  SER A HA   1 
ATOM   732  H HB2  . SER A 1 48  ? 2.985   -6.195  0.324   1.00 0.31  ? 48  SER A HB2  1 
ATOM   733  H HB3  . SER A 1 48  ? 4.720   -6.401  0.119   1.00 0.28  ? 48  SER A HB3  1 
ATOM   734  H HG   . SER A 1 48  ? 3.330   -5.440  2.400   1.00 0.87  ? 48  SER A HG   1 
ATOM   735  N N    . VAL A 1 49  ? 4.096   -3.530  -2.153  1.00 0.14  ? 49  VAL A N    1 
ATOM   736  C CA   . VAL A 1 49  ? 3.501   -3.312  -3.508  1.00 0.14  ? 49  VAL A CA   1 
ATOM   737  C C    . VAL A 1 49  ? 4.303   -4.050  -4.583  1.00 0.14  ? 49  VAL A C    1 
ATOM   738  O O    . VAL A 1 49  ? 5.508   -4.161  -4.505  1.00 0.20  ? 49  VAL A O    1 
ATOM   739  C CB   . VAL A 1 49  ? 3.512   -1.817  -3.825  1.00 0.16  ? 49  VAL A CB   1 
ATOM   740  C CG1  . VAL A 1 49  ? 4.921   -1.262  -3.602  1.00 0.18  ? 49  VAL A CG1  1 
ATOM   741  C CG2  . VAL A 1 49  ? 3.108   -1.602  -5.286  1.00 0.17  ? 49  VAL A CG2  1 
ATOM   742  H H    . VAL A 1 49  ? 4.975   -3.147  -1.925  1.00 0.15  ? 49  VAL A H    1 
ATOM   743  H HA   . VAL A 1 49  ? 2.480   -3.669  -3.509  1.00 0.15  ? 49  VAL A HA   1 
ATOM   744  H HB   . VAL A 1 49  ? 2.816   -1.305  -3.177  1.00 0.19  ? 49  VAL A HB   1 
ATOM   745  H HG11 . VAL A 1 49  ? 5.641   -2.062  -3.690  1.00 1.05  ? 49  VAL A HG11 1 
ATOM   746  H HG12 . VAL A 1 49  ? 5.132   -0.506  -4.345  1.00 0.99  ? 49  VAL A HG12 1 
ATOM   747  H HG13 . VAL A 1 49  ? 4.985   -0.827  -2.617  1.00 1.07  ? 49  VAL A HG13 1 
ATOM   748  H HG21 . VAL A 1 49  ? 3.713   -2.232  -5.923  1.00 0.97  ? 49  VAL A HG21 1 
ATOM   749  H HG22 . VAL A 1 49  ? 2.067   -1.855  -5.413  1.00 1.00  ? 49  VAL A HG22 1 
ATOM   750  H HG23 . VAL A 1 49  ? 3.263   -0.567  -5.554  1.00 0.97  ? 49  VAL A HG23 1 
ATOM   751  N N    . VAL A 1 50  ? 3.640   -4.534  -5.603  1.00 0.16  ? 50  VAL A N    1 
ATOM   752  C CA   . VAL A 1 50  ? 4.367   -5.242  -6.696  1.00 0.15  ? 50  VAL A CA   1 
ATOM   753  C C    . VAL A 1 50  ? 4.822   -4.216  -7.736  1.00 0.15  ? 50  VAL A C    1 
ATOM   754  O O    . VAL A 1 50  ? 4.033   -3.449  -8.251  1.00 0.16  ? 50  VAL A O    1 
ATOM   755  C CB   . VAL A 1 50  ? 3.442   -6.272  -7.351  1.00 0.15  ? 50  VAL A CB   1 
ATOM   756  C CG1  . VAL A 1 50  ? 4.052   -6.744  -8.673  1.00 0.16  ? 50  VAL A CG1  1 
ATOM   757  C CG2  . VAL A 1 50  ? 3.281   -7.470  -6.415  1.00 0.19  ? 50  VAL A CG2  1 
ATOM   758  H H    . VAL A 1 50  ? 2.668   -4.417  -5.657  1.00 0.23  ? 50  VAL A H    1 
ATOM   759  H HA   . VAL A 1 50  ? 5.228   -5.741  -6.289  1.00 0.15  ? 50  VAL A HA   1 
ATOM   760  H HB   . VAL A 1 50  ? 2.478   -5.823  -7.537  1.00 0.17  ? 50  VAL A HB   1 
ATOM   761  H HG11 . VAL A 1 50  ? 5.020   -6.285  -8.808  1.00 1.02  ? 50  VAL A HG11 1 
ATOM   762  H HG12 . VAL A 1 50  ? 4.162   -7.818  -8.655  1.00 1.05  ? 50  VAL A HG12 1 
ATOM   763  H HG13 . VAL A 1 50  ? 3.403   -6.462  -9.489  1.00 1.00  ? 50  VAL A HG13 1 
ATOM   764  H HG21 . VAL A 1 50  ? 4.142   -7.542  -5.768  1.00 1.01  ? 50  VAL A HG21 1 
ATOM   765  H HG22 . VAL A 1 50  ? 2.391   -7.342  -5.817  1.00 1.02  ? 50  VAL A HG22 1 
ATOM   766  H HG23 . VAL A 1 50  ? 3.193   -8.375  -7.000  1.00 1.07  ? 50  VAL A HG23 1 
ATOM   767  N N    . VAL A 1 51  ? 6.091   -4.191  -8.042  1.00 0.15  ? 51  VAL A N    1 
ATOM   768  C CA   . VAL A 1 51  ? 6.595   -3.205  -9.040  1.00 0.16  ? 51  VAL A CA   1 
ATOM   769  C C    . VAL A 1 51  ? 7.343   -3.930  -10.158 1.00 0.17  ? 51  VAL A C    1 
ATOM   770  O O    . VAL A 1 51  ? 8.339   -4.584  -9.929  1.00 0.18  ? 51  VAL A O    1 
ATOM   771  C CB   . VAL A 1 51  ? 7.544   -2.224  -8.348  1.00 0.20  ? 51  VAL A CB   1 
ATOM   772  C CG1  . VAL A 1 51  ? 8.161   -1.289  -9.390  1.00 0.26  ? 51  VAL A CG1  1 
ATOM   773  C CG2  . VAL A 1 51  ? 6.762   -1.400  -7.323  1.00 0.23  ? 51  VAL A CG2  1 
ATOM   774  H H    . VAL A 1 51  ? 6.714   -4.814  -7.612  1.00 0.15  ? 51  VAL A H    1 
ATOM   775  H HA   . VAL A 1 51  ? 5.762   -2.661  -9.459  1.00 0.18  ? 51  VAL A HA   1 
ATOM   776  H HB   . VAL A 1 51  ? 8.328   -2.775  -7.849  1.00 0.22  ? 51  VAL A HB   1 
ATOM   777  H HG11 . VAL A 1 51  ? 7.928   -1.649  -10.381 1.00 1.03  ? 51  VAL A HG11 1 
ATOM   778  H HG12 . VAL A 1 51  ? 7.761   -0.295  -9.264  1.00 1.04  ? 51  VAL A HG12 1 
ATOM   779  H HG13 . VAL A 1 51  ? 9.233   -1.264  -9.259  1.00 0.99  ? 51  VAL A HG13 1 
ATOM   780  H HG21 . VAL A 1 51  ? 5.705   -1.470  -7.535  1.00 1.07  ? 51  VAL A HG21 1 
ATOM   781  H HG22 . VAL A 1 51  ? 6.956   -1.782  -6.331  1.00 1.01  ? 51  VAL A HG22 1 
ATOM   782  H HG23 . VAL A 1 51  ? 7.074   -0.368  -7.378  1.00 1.02  ? 51  VAL A HG23 1 
ATOM   783  N N    . ASP A 1 52  ? 6.871   -3.806  -11.367 1.00 0.20  ? 52  ASP A N    1 
ATOM   784  C CA   . ASP A 1 52  ? 7.549   -4.472  -12.516 1.00 0.25  ? 52  ASP A CA   1 
ATOM   785  C C    . ASP A 1 52  ? 7.504   -5.995  -12.344 1.00 0.24  ? 52  ASP A C    1 
ATOM   786  O O    . ASP A 1 52  ? 8.140   -6.730  -13.074 1.00 0.30  ? 52  ASP A O    1 
ATOM   787  C CB   . ASP A 1 52  ? 9.003   -3.999  -12.585 1.00 0.29  ? 52  ASP A CB   1 
ATOM   788  C CG   . ASP A 1 52  ? 9.769   -4.831  -13.616 1.00 0.35  ? 52  ASP A CG   1 
ATOM   789  O OD1  . ASP A 1 52  ? 9.431   -4.745  -14.786 1.00 1.06  ? 52  ASP A OD1  1 
ATOM   790  O OD2  . ASP A 1 52  ? 10.680  -5.538  -13.219 1.00 0.99  ? 52  ASP A OD2  1 
ATOM   791  H H    . ASP A 1 52  ? 6.072   -3.264  -11.522 1.00 0.22  ? 52  ASP A H    1 
ATOM   792  H HA   . ASP A 1 52  ? 7.044   -4.203  -13.431 1.00 0.29  ? 52  ASP A HA   1 
ATOM   793  H HB2  . ASP A 1 52  ? 9.028   -2.958  -12.872 1.00 0.32  ? 52  ASP A HB2  1 
ATOM   794  H HB3  . ASP A 1 52  ? 9.463   -4.115  -11.618 1.00 0.27  ? 52  ASP A HB3  1 
ATOM   795  N N    . GLY A 1 53  ? 6.750   -6.480  -11.394 1.00 0.21  ? 53  GLY A N    1 
ATOM   796  C CA   . GLY A 1 53  ? 6.664   -7.953  -11.195 1.00 0.24  ? 53  GLY A CA   1 
ATOM   797  C C    . GLY A 1 53  ? 7.441   -8.358  -9.941  1.00 0.23  ? 53  GLY A C    1 
ATOM   798  O O    . GLY A 1 53  ? 7.247   -9.427  -9.397  1.00 0.26  ? 53  GLY A O    1 
ATOM   799  H H    . GLY A 1 53  ? 6.237   -5.881  -10.821 1.00 0.18  ? 53  GLY A H    1 
ATOM   800  H HA2  . GLY A 1 53  ? 5.629   -8.239  -11.084 1.00 0.26  ? 53  GLY A HA2  1 
ATOM   801  H HA3  . GLY A 1 53  ? 7.084   -8.451  -12.051 1.00 0.26  ? 53  GLY A HA3  1 
ATOM   802  N N    . GLU A 1 54  ? 8.317   -7.513  -9.477  1.00 0.21  ? 54  GLU A N    1 
ATOM   803  C CA   . GLU A 1 54  ? 9.101   -7.845  -8.260  1.00 0.23  ? 54  GLU A CA   1 
ATOM   804  C C    . GLU A 1 54  ? 8.469   -7.151  -7.054  1.00 0.21  ? 54  GLU A C    1 
ATOM   805  O O    . GLU A 1 54  ? 8.567   -5.950  -6.896  1.00 0.21  ? 54  GLU A O    1 
ATOM   806  C CB   . GLU A 1 54  ? 10.542  -7.363  -8.435  1.00 0.27  ? 54  GLU A CB   1 
ATOM   807  C CG   . GLU A 1 54  ? 11.472  -8.199  -7.552  1.00 0.35  ? 54  GLU A CG   1 
ATOM   808  C CD   . GLU A 1 54  ? 12.867  -7.573  -7.543  1.00 1.20  ? 54  GLU A CD   1 
ATOM   809  O OE1  . GLU A 1 54  ? 13.053  -6.579  -8.226  1.00 1.77  ? 54  GLU A OE1  1 
ATOM   810  O OE2  . GLU A 1 54  ? 13.726  -8.098  -6.855  1.00 2.06  ? 54  GLU A OE2  1 
ATOM   811  H H    . GLU A 1 54  ? 8.456   -6.659  -9.926  1.00 0.20  ? 54  GLU A H    1 
ATOM   812  H HA   . GLU A 1 54  ? 9.091   -8.911  -8.111  1.00 0.27  ? 54  GLU A HA   1 
ATOM   813  H HB2  . GLU A 1 54  ? 10.834  -7.470  -9.469  1.00 0.29  ? 54  GLU A HB2  1 
ATOM   814  H HB3  . GLU A 1 54  ? 10.612  -6.325  -8.145  1.00 0.25  ? 54  GLU A HB3  1 
ATOM   815  H HG2  . GLU A 1 54  ? 11.082  -8.227  -6.544  1.00 1.01  ? 54  GLU A HG2  1 
ATOM   816  H HG3  . GLU A 1 54  ? 11.532  -9.203  -7.942  1.00 0.86  ? 54  GLU A HG3  1 
ATOM   817  N N    . VAL A 1 55  ? 7.810   -7.893  -6.206  1.00 0.19  ? 55  VAL A N    1 
ATOM   818  C CA   . VAL A 1 55  ? 7.163   -7.265  -5.022  1.00 0.17  ? 55  VAL A CA   1 
ATOM   819  C C    . VAL A 1 55  ? 8.223   -6.733  -4.060  1.00 0.17  ? 55  VAL A C    1 
ATOM   820  O O    . VAL A 1 55  ? 9.256   -7.337  -3.852  1.00 0.28  ? 55  VAL A O    1 
ATOM   821  C CB   . VAL A 1 55  ? 6.280   -8.286  -4.303  1.00 0.17  ? 55  VAL A CB   1 
ATOM   822  C CG1  . VAL A 1 55  ? 7.117   -9.507  -3.916  1.00 0.20  ? 55  VAL A CG1  1 
ATOM   823  C CG2  . VAL A 1 55  ? 5.700   -7.648  -3.040  1.00 0.17  ? 55  VAL A CG2  1 
ATOM   824  H H    . VAL A 1 55  ? 7.734   -8.858  -6.355  1.00 0.20  ? 55  VAL A H    1 
ATOM   825  H HA   . VAL A 1 55  ? 6.553   -6.442  -5.350  1.00 0.18  ? 55  VAL A HA   1 
ATOM   826  H HB   . VAL A 1 55  ? 5.473   -8.591  -4.959  1.00 0.20  ? 55  VAL A HB   1 
ATOM   827  H HG11 . VAL A 1 55  ? 7.721   -9.812  -4.756  1.00 1.01  ? 55  VAL A HG11 1 
ATOM   828  H HG12 . VAL A 1 55  ? 7.759   -9.253  -3.085  1.00 1.05  ? 55  VAL A HG12 1 
ATOM   829  H HG13 . VAL A 1 55  ? 6.462   -10.316 -3.630  1.00 1.03  ? 55  VAL A HG13 1 
ATOM   830  H HG21 . VAL A 1 55  ? 5.266   -6.691  -3.288  1.00 0.97  ? 55  VAL A HG21 1 
ATOM   831  H HG22 . VAL A 1 55  ? 4.938   -8.294  -2.629  1.00 1.04  ? 55  VAL A HG22 1 
ATOM   832  H HG23 . VAL A 1 55  ? 6.485   -7.510  -2.313  1.00 0.95  ? 55  VAL A HG23 1 
ATOM   833  N N    . LYS A 1 56  ? 7.961   -5.600  -3.474  1.00 0.20  ? 56  LYS A N    1 
ATOM   834  C CA   . LYS A 1 56  ? 8.926   -4.997  -2.519  1.00 0.19  ? 56  LYS A CA   1 
ATOM   835  C C    . LYS A 1 56  ? 8.150   -4.434  -1.331  1.00 0.18  ? 56  LYS A C    1 
ATOM   836  O O    . LYS A 1 56  ? 6.944   -4.288  -1.381  1.00 0.20  ? 56  LYS A O    1 
ATOM   837  C CB   . LYS A 1 56  ? 9.686   -3.865  -3.213  1.00 0.21  ? 56  LYS A CB   1 
ATOM   838  C CG   . LYS A 1 56  ? 11.191  -4.113  -3.102  1.00 0.27  ? 56  LYS A CG   1 
ATOM   839  C CD   . LYS A 1 56  ? 11.940  -3.122  -3.996  1.00 1.07  ? 56  LYS A CD   1 
ATOM   840  C CE   . LYS A 1 56  ? 13.423  -3.495  -4.041  1.00 1.26  ? 56  LYS A CE   1 
ATOM   841  N NZ   . LYS A 1 56  ? 14.114  -2.662  -5.063  1.00 1.96  ? 56  LYS A NZ   1 
ATOM   842  H H    . LYS A 1 56  ? 7.119   -5.142  -3.663  1.00 0.29  ? 56  LYS A H    1 
ATOM   843  H HA   . LYS A 1 56  ? 9.624   -5.749  -2.178  1.00 0.21  ? 56  LYS A HA   1 
ATOM   844  H HB2  . LYS A 1 56  ? 9.401   -3.828  -4.256  1.00 0.24  ? 56  LYS A HB2  1 
ATOM   845  H HB3  . LYS A 1 56  ? 9.441   -2.925  -2.740  1.00 0.19  ? 56  LYS A HB3  1 
ATOM   846  H HG2  . LYS A 1 56  ? 11.503  -3.980  -2.076  1.00 0.94  ? 56  LYS A HG2  1 
ATOM   847  H HG3  . LYS A 1 56  ? 11.414  -5.121  -3.419  1.00 0.84  ? 56  LYS A HG3  1 
ATOM   848  H HD2  . LYS A 1 56  ? 11.528  -3.157  -4.995  1.00 1.63  ? 56  LYS A HD2  1 
ATOM   849  H HD3  . LYS A 1 56  ? 11.833  -2.125  -3.596  1.00 1.68  ? 56  LYS A HD3  1 
ATOM   850  H HE2  . LYS A 1 56  ? 13.868  -3.320  -3.072  1.00 1.63  ? 56  LYS A HE2  1 
ATOM   851  H HE3  . LYS A 1 56  ? 13.524  -4.539  -4.298  1.00 1.62  ? 56  LYS A HE3  1 
ATOM   852  H HZ1  . LYS A 1 56  ? 14.002  -1.656  -4.825  1.00 2.52  ? 56  LYS A HZ1  1 
ATOM   853  H HZ2  . LYS A 1 56  ? 15.126  -2.900  -5.079  1.00 2.25  ? 56  LYS A HZ2  1 
ATOM   854  H HZ3  . LYS A 1 56  ? 13.699  -2.845  -5.999  1.00 2.39  ? 56  LYS A HZ3  1 
ATOM   855  N N    . HIS A 1 57  ? 8.822   -4.109  -0.263  1.00 0.17  ? 57  HIS A N    1 
ATOM   856  C CA   . HIS A 1 57  ? 8.105   -3.553  0.913   1.00 0.17  ? 57  HIS A CA   1 
ATOM   857  C C    . HIS A 1 57  ? 8.400   -2.059  1.016   1.00 0.17  ? 57  HIS A C    1 
ATOM   858  O O    . HIS A 1 57  ? 9.536   -1.638  0.954   1.00 0.22  ? 57  HIS A O    1 
ATOM   859  C CB   . HIS A 1 57  ? 8.590   -4.251  2.187   1.00 0.21  ? 57  HIS A CB   1 
ATOM   860  C CG   . HIS A 1 57  ? 7.951   -5.609  2.299   1.00 0.26  ? 57  HIS A CG   1 
ATOM   861  N ND1  . HIS A 1 57  ? 6.669   -5.786  2.795   1.00 0.31  ? 57  HIS A ND1  1 
ATOM   862  C CD2  . HIS A 1 57  ? 8.412   -6.866  1.994   1.00 0.36  ? 57  HIS A CD2  1 
ATOM   863  C CE1  . HIS A 1 57  ? 6.406   -7.106  2.774   1.00 0.38  ? 57  HIS A CE1  1 
ATOM   864  N NE2  . HIS A 1 57  ? 7.435   -7.810  2.295   1.00 0.40  ? 57  HIS A NE2  1 
ATOM   865  H H    . HIS A 1 57  ? 9.795   -4.225  -0.237  1.00 0.18  ? 57  HIS A H    1 
ATOM   866  H HA   . HIS A 1 57  ? 7.042   -3.706  0.795   1.00 0.16  ? 57  HIS A HA   1 
ATOM   867  H HB2  . HIS A 1 57  ? 9.663   -4.361  2.149   1.00 0.24  ? 57  HIS A HB2  1 
ATOM   868  H HB3  . HIS A 1 57  ? 8.319   -3.656  3.047   1.00 0.21  ? 57  HIS A HB3  1 
ATOM   869  H HD1  . HIS A 1 57  ? 6.064   -5.080  3.103   1.00 0.35  ? 57  HIS A HD1  1 
ATOM   870  H HD2  . HIS A 1 57  ? 9.387   -7.089  1.587   1.00 0.43  ? 57  HIS A HD2  1 
ATOM   871  H HE1  . HIS A 1 57  ? 5.478   -7.544  3.111   1.00 0.45  ? 57  HIS A HE1  1 
ATOM   872  N N    . CYS A 1 58  ? 7.390   -1.254  1.180   1.00 0.17  ? 58  CYS A N    1 
ATOM   873  C CA   . CYS A 1 58  ? 7.621   0.213   1.300   1.00 0.19  ? 58  CYS A CA   1 
ATOM   874  C C    . CYS A 1 58  ? 6.986   0.700   2.600   1.00 0.19  ? 58  CYS A C    1 
ATOM   875  O O    . CYS A 1 58  ? 6.297   -0.038  3.270   1.00 0.36  ? 58  CYS A O    1 
ATOM   876  C CB   . CYS A 1 58  ? 6.982   0.935   0.110   1.00 0.29  ? 58  CYS A CB   1 
ATOM   877  S SG   . CYS A 1 58  ? 7.584   0.206   -1.433  1.00 0.37  ? 58  CYS A SG   1 
ATOM   878  H H    . CYS A 1 58  ? 6.477   -1.612  1.230   1.00 0.18  ? 58  CYS A H    1 
ATOM   879  H HA   . CYS A 1 58  ? 8.685   0.411   1.319   1.00 0.21  ? 58  CYS A HA   1 
ATOM   880  H HB2  . CYS A 1 58  ? 5.908   0.832   0.163   1.00 0.29  ? 58  CYS A HB2  1 
ATOM   881  H HB3  . CYS A 1 58  ? 7.246   1.981   0.141   1.00 0.44  ? 58  CYS A HB3  1 
ATOM   882  H HG   . CYS A 1 58  ? 7.921   0.916   -1.984  1.00 0.42  ? 58  CYS A HG   1 
ATOM   883  N N    . VAL A 1 59  ? 7.211   1.930   2.968   1.00 0.24  ? 59  VAL A N    1 
ATOM   884  C CA   . VAL A 1 59  ? 6.610   2.443   4.232   1.00 0.24  ? 59  VAL A CA   1 
ATOM   885  C C    . VAL A 1 59  ? 5.496   3.435   3.898   1.00 0.35  ? 59  VAL A C    1 
ATOM   886  O O    . VAL A 1 59  ? 5.513   4.083   2.870   1.00 0.59  ? 59  VAL A O    1 
ATOM   887  C CB   . VAL A 1 59  ? 7.690   3.131   5.070   1.00 0.32  ? 59  VAL A CB   1 
ATOM   888  C CG1  . VAL A 1 59  ? 7.035   3.985   6.159   1.00 0.45  ? 59  VAL A CG1  1 
ATOM   889  C CG2  . VAL A 1 59  ? 8.572   2.066   5.725   1.00 0.36  ? 59  VAL A CG2  1 
ATOM   890  H H    . VAL A 1 59  ? 7.772   2.515   2.417   1.00 0.39  ? 59  VAL A H    1 
ATOM   891  H HA   . VAL A 1 59  ? 6.196   1.616   4.790   1.00 0.22  ? 59  VAL A HA   1 
ATOM   892  H HB   . VAL A 1 59  ? 8.295   3.761   4.433   1.00 0.35  ? 59  VAL A HB   1 
ATOM   893  H HG11 . VAL A 1 59  ? 6.263   3.411   6.650   1.00 1.06  ? 59  VAL A HG11 1 
ATOM   894  H HG12 . VAL A 1 59  ? 7.781   4.279   6.884   1.00 1.09  ? 59  VAL A HG12 1 
ATOM   895  H HG13 . VAL A 1 59  ? 6.600   4.867   5.713   1.00 1.16  ? 59  VAL A HG13 1 
ATOM   896  H HG21 . VAL A 1 59  ? 8.329   1.097   5.314   1.00 0.97  ? 59  VAL A HG21 1 
ATOM   897  H HG22 . VAL A 1 59  ? 9.610   2.289   5.532   1.00 1.03  ? 59  VAL A HG22 1 
ATOM   898  H HG23 . VAL A 1 59  ? 8.397   2.058   6.790   1.00 1.07  ? 59  VAL A HG23 1 
ATOM   899  N N    . ILE A 1 60  ? 4.523   3.555   4.757   1.00 0.32  ? 60  ILE A N    1 
ATOM   900  C CA   . ILE A 1 60  ? 3.405   4.500   4.489   1.00 0.43  ? 60  ILE A CA   1 
ATOM   901  C C    . ILE A 1 60  ? 3.593   5.764   5.338   1.00 0.65  ? 60  ILE A C    1 
ATOM   902  O O    . ILE A 1 60  ? 3.517   6.872   4.846   1.00 1.42  ? 60  ILE A O    1 
ATOM   903  C CB   . ILE A 1 60  ? 2.068   3.800   4.815   1.00 0.41  ? 60  ILE A CB   1 
ATOM   904  C CG1  . ILE A 1 60  ? 1.064   4.088   3.699   1.00 0.55  ? 60  ILE A CG1  1 
ATOM   905  C CG2  . ILE A 1 60  ? 1.492   4.289   6.150   1.00 0.67  ? 60  ILE A CG2  1 
ATOM   906  C CD1  . ILE A 1 60  ? 0.200   2.849   3.464   1.00 0.54  ? 60  ILE A CD1  1 
ATOM   907  H H    . ILE A 1 60  ? 4.526   3.021   5.580   1.00 0.37  ? 60  ILE A H    1 
ATOM   908  H HA   . ILE A 1 60  ? 3.417   4.773   3.444   1.00 0.56  ? 60  ILE A HA   1 
ATOM   909  H HB   . ILE A 1 60  ? 2.234   2.734   4.875   1.00 0.47  ? 60  ILE A HB   1 
ATOM   910  H HG12 . ILE A 1 60  ? 0.435   4.920   3.986   1.00 0.78  ? 60  ILE A HG12 1 
ATOM   911  H HG13 . ILE A 1 60  ? 1.594   4.333   2.790   1.00 0.74  ? 60  ILE A HG13 1 
ATOM   912  H HG21 . ILE A 1 60  ? 1.424   5.367   6.139   1.00 1.27  ? 60  ILE A HG21 1 
ATOM   913  H HG22 . ILE A 1 60  ? 0.508   3.867   6.292   1.00 1.09  ? 60  ILE A HG22 1 
ATOM   914  H HG23 . ILE A 1 60  ? 2.138   3.976   6.957   1.00 1.37  ? 60  ILE A HG23 1 
ATOM   915  H HD11 . ILE A 1 60  ? 0.836   1.982   3.363   1.00 1.27  ? 60  ILE A HD11 1 
ATOM   916  H HD12 . ILE A 1 60  ? -0.466  2.711   4.303   1.00 1.08  ? 60  ILE A HD12 1 
ATOM   917  H HD13 . ILE A 1 60  ? -0.379  2.979   2.562   1.00 1.11  ? 60  ILE A HD13 1 
ATOM   918  N N    . ASN A 1 61  ? 3.837   5.602   6.610   1.00 0.82  ? 61  ASN A N    1 
ATOM   919  C CA   . ASN A 1 61  ? 4.029   6.789   7.489   1.00 0.95  ? 61  ASN A CA   1 
ATOM   920  C C    . ASN A 1 61  ? 5.347   6.649   8.255   1.00 1.13  ? 61  ASN A C    1 
ATOM   921  O O    . ASN A 1 61  ? 5.971   5.607   8.247   1.00 1.81  ? 61  ASN A O    1 
ATOM   922  C CB   . ASN A 1 61  ? 2.869   6.878   8.484   1.00 1.66  ? 61  ASN A CB   1 
ATOM   923  C CG   . ASN A 1 61  ? 2.433   8.336   8.635   1.00 2.30  ? 61  ASN A CG   1 
ATOM   924  O OD1  . ASN A 1 61  ? 2.208   9.020   7.656   1.00 2.66  ? 61  ASN A OD1  1 
ATOM   925  N ND2  . ASN A 1 61  ? 2.303   8.844   9.830   1.00 3.08  ? 61  ASN A ND2  1 
ATOM   926  H H    . ASN A 1 61  ? 3.893   4.700   6.986   1.00 1.39  ? 61  ASN A H    1 
ATOM   927  H HA   . ASN A 1 61  ? 4.055   7.685   6.886   1.00 1.63  ? 61  ASN A HA   1 
ATOM   928  H HB2  . ASN A 1 61  ? 2.039   6.288   8.120   1.00 2.28  ? 61  ASN A HB2  1 
ATOM   929  H HB3  . ASN A 1 61  ? 3.188   6.498   9.443   1.00 1.85  ? 61  ASN A HB3  1 
ATOM   930  H HD21 . ASN A 1 61  ? 2.484   8.292   10.619  1.00 3.37  ? 61  ASN A HD21 1 
ATOM   931  H HD22 . ASN A 1 61  ? 2.024   9.777   9.939   1.00 3.64  ? 61  ASN A HD22 1 
ATOM   932  N N    . LYS A 1 62  ? 5.774   7.689   8.916   1.00 1.54  ? 62  LYS A N    1 
ATOM   933  C CA   . LYS A 1 62  ? 7.049   7.615   9.683   1.00 2.46  ? 62  LYS A CA   1 
ATOM   934  C C    . LYS A 1 62  ? 6.837   8.199   11.081  1.00 2.59  ? 62  LYS A C    1 
ATOM   935  O O    . LYS A 1 62  ? 7.092   7.555   12.078  1.00 3.10  ? 62  LYS A O    1 
ATOM   936  C CB   . LYS A 1 62  ? 8.131   8.416   8.954   1.00 3.38  ? 62  LYS A CB   1 
ATOM   937  C CG   . LYS A 1 62  ? 9.332   7.512   8.669   1.00 3.99  ? 62  LYS A CG   1 
ATOM   938  C CD   . LYS A 1 62  ? 10.242  8.180   7.637   1.00 5.00  ? 62  LYS A CD   1 
ATOM   939  C CE   . LYS A 1 62  ? 10.922  9.397   8.266   1.00 5.72  ? 62  LYS A CE   1 
ATOM   940  N NZ   . LYS A 1 62  ? 12.150  8.961   8.989   1.00 6.40  ? 62  LYS A NZ   1 
ATOM   941  H H    . LYS A 1 62  ? 5.254   8.521   8.910   1.00 1.68  ? 62  LYS A H    1 
ATOM   942  H HA   . LYS A 1 62  ? 7.359   6.584   9.766   1.00 2.82  ? 62  LYS A HA   1 
ATOM   943  H HB2  . LYS A 1 62  ? 7.733   8.793   8.023   1.00 3.77  ? 62  LYS A HB2  1 
ATOM   944  H HB3  . LYS A 1 62  ? 8.445   9.243   9.573   1.00 3.74  ? 62  LYS A HB3  1 
ATOM   945  H HG2  . LYS A 1 62  ? 9.883   7.347   9.584   1.00 4.01  ? 62  LYS A HG2  1 
ATOM   946  H HG3  . LYS A 1 62  ? 8.985   6.565   8.282   1.00 4.21  ? 62  LYS A HG3  1 
ATOM   947  H HD2  . LYS A 1 62  ? 10.994  7.475   7.311   1.00 5.38  ? 62  LYS A HD2  1 
ATOM   948  H HD3  . LYS A 1 62  ? 9.653   8.496   6.789   1.00 5.19  ? 62  LYS A HD3  1 
ATOM   949  H HE2  . LYS A 1 62  ? 11.191  10.100  7.491   1.00 5.92  ? 62  LYS A HE2  1 
ATOM   950  H HE3  . LYS A 1 62  ? 10.244  9.869   8.961   1.00 5.91  ? 62  LYS A HE3  1 
ATOM   951  H HZ1  . LYS A 1 62  ? 12.689  8.302   8.392   1.00 6.46  ? 62  LYS A HZ1  1 
ATOM   952  H HZ2  . LYS A 1 62  ? 12.737  9.792   9.206   1.00 6.66  ? 62  LYS A HZ2  1 
ATOM   953  H HZ3  . LYS A 1 62  ? 11.882  8.485   9.872   1.00 6.87  ? 62  LYS A HZ3  1 
ATOM   954  N N    . THR A 1 63  ? 6.368   9.414   11.161  1.00 2.57  ? 63  THR A N    1 
ATOM   955  C CA   . THR A 1 63  ? 6.138   10.038  12.495  1.00 2.87  ? 63  THR A CA   1 
ATOM   956  C C    . THR A 1 63  ? 4.634   10.190  12.730  1.00 2.84  ? 63  THR A C    1 
ATOM   957  O O    . THR A 1 63  ? 3.870   10.398  11.809  1.00 3.37  ? 63  THR A O    1 
ATOM   958  C CB   . THR A 1 63  ? 6.806   11.414  12.537  1.00 3.27  ? 63  THR A CB   1 
ATOM   959  O OG1  . THR A 1 63  ? 6.161   12.279  11.612  1.00 3.67  ? 63  THR A OG1  1 
ATOM   960  C CG2  . THR A 1 63  ? 8.283   11.277  12.166  1.00 3.78  ? 63  THR A CG2  1 
ATOM   961  H H    . THR A 1 63  ? 6.167   9.916   10.345  1.00 2.70  ? 63  THR A H    1 
ATOM   962  H HA   . THR A 1 63  ? 6.560   9.409   13.265  1.00 3.07  ? 63  THR A HA   1 
ATOM   963  H HB   . THR A 1 63  ? 6.725   11.825  13.532  1.00 3.37  ? 63  THR A HB   1 
ATOM   964  H HG1  . THR A 1 63  ? 6.695   13.073  11.525  1.00 3.91  ? 63  THR A HG1  1 
ATOM   965  H HG21 . THR A 1 63  ? 8.386   10.570  11.356  1.00 4.19  ? 63  THR A HG21 1 
ATOM   966  H HG22 . THR A 1 63  ? 8.668   12.237  11.857  1.00 4.00  ? 63  THR A HG22 1 
ATOM   967  H HG23 . THR A 1 63  ? 8.837   10.926  13.023  1.00 4.06  ? 63  THR A HG23 1 
ATOM   968  N N    . ALA A 1 64  ? 4.200   10.085  13.957  1.00 2.70  ? 64  ALA A N    1 
ATOM   969  C CA   . ALA A 1 64  ? 2.745   10.220  14.244  1.00 2.84  ? 64  ALA A CA   1 
ATOM   970  C C    . ALA A 1 64  ? 2.245   11.569  13.736  1.00 2.42  ? 64  ALA A C    1 
ATOM   971  O O    . ALA A 1 64  ? 2.619   12.615  14.226  1.00 2.81  ? 64  ALA A O    1 
ATOM   972  C CB   . ALA A 1 64  ? 2.504   10.116  15.752  1.00 3.64  ? 64  ALA A CB   1 
ATOM   973  H H    . ALA A 1 64  ? 4.831   9.915   14.688  1.00 2.88  ? 64  ALA A H    1 
ATOM   974  H HA   . ALA A 1 64  ? 2.203   9.433   13.735  1.00 3.07  ? 64  ALA A HA   1 
ATOM   975  H HB1  . ALA A 1 64  ? 3.075   10.879  16.261  1.00 4.01  ? 64  ALA A HB1  1 
ATOM   976  H HB2  . ALA A 1 64  ? 1.453   10.253  15.960  1.00 3.88  ? 64  ALA A HB2  1 
ATOM   977  H HB3  . ALA A 1 64  ? 2.816   9.141   16.099  1.00 4.08  ? 64  ALA A HB3  1 
ATOM   978  N N    . THR A 1 65  ? 1.393   11.533  12.755  1.00 2.31  ? 65  THR A N    1 
ATOM   979  C CA   . THR A 1 65  ? 0.834   12.786  12.177  1.00 2.36  ? 65  THR A CA   1 
ATOM   980  C C    . THR A 1 65  ? -0.277  12.422  11.190  1.00 1.95  ? 65  THR A C    1 
ATOM   981  O O    . THR A 1 65  ? -1.215  13.168  10.991  1.00 2.30  ? 65  THR A O    1 
ATOM   982  C CB   . THR A 1 65  ? 1.934   13.557  11.437  1.00 2.85  ? 65  THR A CB   1 
ATOM   983  O OG1  . THR A 1 65  ? 2.970   13.901  12.344  1.00 3.23  ? 65  THR A OG1  1 
ATOM   984  C CG2  . THR A 1 65  ? 1.343   14.830  10.830  1.00 3.50  ? 65  THR A CG2  1 
ATOM   985  H H    . THR A 1 65  ? 1.114   10.668  12.398  1.00 2.68  ? 65  THR A H    1 
ATOM   986  H HA   . THR A 1 65  ? 0.429   13.402  12.968  1.00 2.78  ? 65  THR A HA   1 
ATOM   987  H HB   . THR A 1 65  ? 2.334   12.941  10.647  1.00 2.85  ? 65  THR A HB   1 
ATOM   988  H HG1  . THR A 1 65  ? 3.740   14.158  11.831  1.00 3.28  ? 65  THR A HG1  1 
ATOM   989  H HG21 . THR A 1 65  ? 0.816   15.383  11.596  1.00 3.76  ? 65  THR A HG21 1 
ATOM   990  H HG22 . THR A 1 65  ? 2.138   15.440  10.429  1.00 3.94  ? 65  THR A HG22 1 
ATOM   991  H HG23 . THR A 1 65  ? 0.655   14.568  10.040  1.00 3.74  ? 65  THR A HG23 1 
ATOM   992  N N    . GLY A 1 66  ? -0.176  11.276  10.569  1.00 1.60  ? 66  GLY A N    1 
ATOM   993  C CA   . GLY A 1 66  ? -1.223  10.858  9.594   1.00 1.47  ? 66  GLY A CA   1 
ATOM   994  C C    . GLY A 1 66  ? -0.833  9.514   8.975   1.00 1.27  ? 66  GLY A C    1 
ATOM   995  O O    . GLY A 1 66  ? -0.140  8.721   9.578   1.00 1.49  ? 66  GLY A O    1 
ATOM   996  H H    . GLY A 1 66  ? 0.591   10.687  10.744  1.00 1.78  ? 66  GLY A H    1 
ATOM   997  H HA2  . GLY A 1 66  ? -2.171  10.761  10.105  1.00 1.70  ? 66  GLY A HA2  1 
ATOM   998  H HA3  . GLY A 1 66  ? -1.307  11.600  8.815   1.00 1.55  ? 66  GLY A HA3  1 
ATOM   999  N N    . TYR A 1 67  ? -1.273  9.253   7.774   1.00 1.08  ? 67  TYR A N    1 
ATOM   1000 C CA   . TYR A 1 67  ? -0.924  7.961   7.118   1.00 0.95  ? 67  TYR A CA   1 
ATOM   1001 C C    . TYR A 1 67  ? -0.511  8.222   5.669   1.00 1.04  ? 67  TYR A C    1 
ATOM   1002 O O    . TYR A 1 67  ? -0.844  7.472   4.773   1.00 1.83  ? 67  TYR A O    1 
ATOM   1003 C CB   . TYR A 1 67  ? -2.140  7.029   7.140   1.00 0.90  ? 67  TYR A CB   1 
ATOM   1004 C CG   . TYR A 1 67  ? -2.371  6.532   8.548   1.00 0.87  ? 67  TYR A CG   1 
ATOM   1005 C CD1  . TYR A 1 67  ? -1.306  6.007   9.290   1.00 1.51  ? 67  TYR A CD1  1 
ATOM   1006 C CD2  . TYR A 1 67  ? -3.652  6.594   9.111   1.00 1.63  ? 67  TYR A CD2  1 
ATOM   1007 C CE1  . TYR A 1 67  ? -1.521  5.544   10.594  1.00 1.79  ? 67  TYR A CE1  1 
ATOM   1008 C CE2  . TYR A 1 67  ? -3.868  6.133   10.415  1.00 1.97  ? 67  TYR A CE2  1 
ATOM   1009 C CZ   . TYR A 1 67  ? -2.802  5.607   11.157  1.00 1.70  ? 67  TYR A CZ   1 
ATOM   1010 O OH   . TYR A 1 67  ? -3.014  5.150   12.441  1.00 2.24  ? 67  TYR A OH   1 
ATOM   1011 H H    . TYR A 1 67  ? -1.832  9.906   7.303   1.00 1.23  ? 67  TYR A H    1 
ATOM   1012 H HA   . TYR A 1 67  ? -0.106  7.497   7.648   1.00 0.99  ? 67  TYR A HA   1 
ATOM   1013 H HB2  . TYR A 1 67  ? -3.012  7.567   6.799   1.00 1.07  ? 67  TYR A HB2  1 
ATOM   1014 H HB3  . TYR A 1 67  ? -1.958  6.187   6.488   1.00 1.13  ? 67  TYR A HB3  1 
ATOM   1015 H HD1  . TYR A 1 67  ? -0.318  5.959   8.856   1.00 2.27  ? 67  TYR A HD1  1 
ATOM   1016 H HD2  . TYR A 1 67  ? -4.473  7.001   8.539   1.00 2.35  ? 67  TYR A HD2  1 
ATOM   1017 H HE1  . TYR A 1 67  ? -0.699  5.140   11.165  1.00 2.56  ? 67  TYR A HE1  1 
ATOM   1018 H HE2  . TYR A 1 67  ? -4.856  6.180   10.850  1.00 2.81  ? 67  TYR A HE2  1 
ATOM   1019 H HH   . TYR A 1 67  ? -2.421  4.410   12.595  1.00 2.59  ? 67  TYR A HH   1 
ATOM   1020 N N    . GLY A 1 68  ? 0.214   9.283   5.429   1.00 1.08  ? 68  GLY A N    1 
ATOM   1021 C CA   . GLY A 1 68  ? 0.646   9.590   4.036   1.00 1.07  ? 68  GLY A CA   1 
ATOM   1022 C C    . GLY A 1 68  ? 1.450   8.414   3.478   1.00 1.03  ? 68  GLY A C    1 
ATOM   1023 O O    . GLY A 1 68  ? 1.381   7.310   3.979   1.00 1.91  ? 68  GLY A O    1 
ATOM   1024 H H    . GLY A 1 68  ? 0.472   9.875   6.165   1.00 1.67  ? 68  GLY A H    1 
ATOM   1025 H HA2  . GLY A 1 68  ? -0.225  9.760   3.419   1.00 1.14  ? 68  GLY A HA2  1 
ATOM   1026 H HA3  . GLY A 1 68  ? 1.266   10.474  4.038   1.00 1.15  ? 68  GLY A HA3  1 
ATOM   1027 N N    . PHE A 1 69  ? 2.210   8.641   2.441   1.00 0.82  ? 69  PHE A N    1 
ATOM   1028 C CA   . PHE A 1 69  ? 3.016   7.533   1.851   1.00 0.66  ? 69  PHE A CA   1 
ATOM   1029 C C    . PHE A 1 69  ? 4.502   7.874   1.954   1.00 0.70  ? 69  PHE A C    1 
ATOM   1030 O O    . PHE A 1 69  ? 5.344   7.195   1.400   1.00 1.64  ? 69  PHE A O    1 
ATOM   1031 C CB   . PHE A 1 69  ? 2.641   7.352   0.380   1.00 0.67  ? 69  PHE A CB   1 
ATOM   1032 C CG   . PHE A 1 69  ? 2.407   5.887   0.099   1.00 0.52  ? 69  PHE A CG   1 
ATOM   1033 C CD1  . PHE A 1 69  ? 3.333   4.935   0.540   1.00 1.27  ? 69  PHE A CD1  1 
ATOM   1034 C CD2  . PHE A 1 69  ? 1.264   5.481   -0.598  1.00 1.24  ? 69  PHE A CD2  1 
ATOM   1035 C CE1  . PHE A 1 69  ? 3.117   3.577   0.281   1.00 1.25  ? 69  PHE A CE1  1 
ATOM   1036 C CE2  . PHE A 1 69  ? 1.046   4.124   -0.857  1.00 1.21  ? 69  PHE A CE2  1 
ATOM   1037 C CZ   . PHE A 1 69  ? 1.973   3.172   -0.417  1.00 0.37  ? 69  PHE A CZ   1 
ATOM   1038 H H    . PHE A 1 69  ? 2.251   9.538   2.050   1.00 1.48  ? 69  PHE A H    1 
ATOM   1039 H HA   . PHE A 1 69  ? 2.817   6.618   2.390   1.00 0.66  ? 69  PHE A HA   1 
ATOM   1040 H HB2  . PHE A 1 69  ? 1.742   7.910   0.165   1.00 0.82  ? 69  PHE A HB2  1 
ATOM   1041 H HB3  . PHE A 1 69  ? 3.445   7.713   -0.244  1.00 0.76  ? 69  PHE A HB3  1 
ATOM   1042 H HD1  . PHE A 1 69  ? 4.215   5.248   1.079   1.00 2.14  ? 69  PHE A HD1  1 
ATOM   1043 H HD2  . PHE A 1 69  ? 0.548   6.216   -0.937  1.00 2.12  ? 69  PHE A HD2  1 
ATOM   1044 H HE1  . PHE A 1 69  ? 3.831   2.842   0.620   1.00 2.13  ? 69  PHE A HE1  1 
ATOM   1045 H HE2  . PHE A 1 69  ? 0.164   3.810   -1.396  1.00 2.08  ? 69  PHE A HE2  1 
ATOM   1046 H HZ   . PHE A 1 69  ? 1.807   2.125   -0.616  1.00 0.40  ? 69  PHE A HZ   1 
ATOM   1047 N N    . ALA A 1 70  ? 4.834   8.921   2.656   1.00 0.72  ? 70  ALA A N    1 
ATOM   1048 C CA   . ALA A 1 70  ? 6.267   9.301   2.787   1.00 0.69  ? 70  ALA A CA   1 
ATOM   1049 C C    . ALA A 1 70  ? 6.367   10.718  3.357   1.00 0.89  ? 70  ALA A C    1 
ATOM   1050 O O    . ALA A 1 70  ? 7.339   11.074  3.992   1.00 1.59  ? 70  ALA A O    1 
ATOM   1051 C CB   . ALA A 1 70  ? 6.930   9.251   1.408   1.00 0.62  ? 70  ALA A CB   1 
ATOM   1052 H H    . ALA A 1 70  ? 4.143   9.459   3.093   1.00 1.46  ? 70  ALA A H    1 
ATOM   1053 H HA   . ALA A 1 70  ? 6.764   8.610   3.451   1.00 0.86  ? 70  ALA A HA   1 
ATOM   1054 H HB1  . ALA A 1 70  ? 6.176   9.362   0.643   1.00 1.18  ? 70  ALA A HB1  1 
ATOM   1055 H HB2  . ALA A 1 70  ? 7.650   10.049  1.324   1.00 1.32  ? 70  ALA A HB2  1 
ATOM   1056 H HB3  . ALA A 1 70  ? 7.429   8.300   1.284   1.00 1.08  ? 70  ALA A HB3  1 
ATOM   1057 N N    . GLU A 1 71  ? 5.364   11.527  3.142   1.00 1.24  ? 71  GLU A N    1 
ATOM   1058 C CA   . GLU A 1 71  ? 5.400   12.917  3.680   1.00 1.46  ? 71  GLU A CA   1 
ATOM   1059 C C    . GLU A 1 71  ? 4.120   13.177  4.483   1.00 1.46  ? 71  GLU A C    1 
ATOM   1060 O O    . GLU A 1 71  ? 3.057   12.723  4.111   1.00 1.90  ? 71  GLU A O    1 
ATOM   1061 C CB   . GLU A 1 71  ? 5.491   13.913  2.521   1.00 1.99  ? 71  GLU A CB   1 
ATOM   1062 C CG   . GLU A 1 71  ? 6.737   14.784  2.696   1.00 2.72  ? 71  GLU A CG   1 
ATOM   1063 C CD   . GLU A 1 71  ? 7.262   15.210  1.323   1.00 3.47  ? 71  GLU A CD   1 
ATOM   1064 O OE1  . GLU A 1 71  ? 8.016   14.450  0.737   1.00 3.89  ? 71  GLU A OE1  1 
ATOM   1065 O OE2  . GLU A 1 71  ? 6.900   16.288  0.881   1.00 4.03  ? 71  GLU A OE2  1 
ATOM   1066 H H    . GLU A 1 71  ? 4.587   11.219  2.632   1.00 1.81  ? 71  GLU A H    1 
ATOM   1067 H HA   . GLU A 1 71  ? 6.261   13.029  4.321   1.00 1.67  ? 71  GLU A HA   1 
ATOM   1068 H HB2  . GLU A 1 71  ? 5.555   13.374  1.587   1.00 2.38  ? 71  GLU A HB2  1 
ATOM   1069 H HB3  . GLU A 1 71  ? 4.613   14.540  2.516   1.00 2.17  ? 71  GLU A HB3  1 
ATOM   1070 H HG2  . GLU A 1 71  ? 6.484   15.662  3.272   1.00 2.99  ? 71  GLU A HG2  1 
ATOM   1071 H HG3  . GLU A 1 71  ? 7.501   14.221  3.212   1.00 3.08  ? 71  GLU A HG3  1 
ATOM   1072 N N    . PRO A 1 72  ? 4.262   13.897  5.567   1.00 1.80  ? 72  PRO A N    1 
ATOM   1073 C CA   . PRO A 1 72  ? 3.132   14.229  6.451   1.00 2.19  ? 72  PRO A CA   1 
ATOM   1074 C C    . PRO A 1 72  ? 2.309   15.380  5.866   1.00 1.84  ? 72  PRO A C    1 
ATOM   1075 O O    . PRO A 1 72  ? 2.788   16.487  5.718   1.00 2.26  ? 72  PRO A O    1 
ATOM   1076 C CB   . PRO A 1 72  ? 3.811   14.654  7.755   1.00 3.19  ? 72  PRO A CB   1 
ATOM   1077 C CG   . PRO A 1 72  ? 5.247   15.088  7.377   1.00 3.42  ? 72  PRO A CG   1 
ATOM   1078 C CD   . PRO A 1 72  ? 5.559   14.445  6.013   1.00 2.54  ? 72  PRO A CD   1 
ATOM   1079 H HA   . PRO A 1 72  ? 2.513   13.363  6.622   1.00 2.58  ? 72  PRO A HA   1 
ATOM   1080 H HB2  . PRO A 1 72  ? 3.273   15.482  8.199   1.00 3.43  ? 72  PRO A HB2  1 
ATOM   1081 H HB3  . PRO A 1 72  ? 3.851   13.823  8.442   1.00 3.81  ? 72  PRO A HB3  1 
ATOM   1082 H HG2  . PRO A 1 72  ? 5.300   16.165  7.303   1.00 3.69  ? 72  PRO A HG2  1 
ATOM   1083 H HG3  . PRO A 1 72  ? 5.948   14.733  8.116   1.00 4.18  ? 72  PRO A HG3  1 
ATOM   1084 H HD2  . PRO A 1 72  ? 5.917   15.192  5.317   1.00 2.61  ? 72  PRO A HD2  1 
ATOM   1085 H HD3  . PRO A 1 72  ? 6.280   13.650  6.124   1.00 2.80  ? 72  PRO A HD3  1 
ATOM   1086 N N    . TYR A 1 73  ? 1.071   15.129  5.539   1.00 1.88  ? 73  TYR A N    1 
ATOM   1087 C CA   . TYR A 1 73  ? 0.214   16.208  4.973   1.00 2.16  ? 73  TYR A CA   1 
ATOM   1088 C C    . TYR A 1 73  ? -1.230  15.992  5.426   1.00 2.37  ? 73  TYR A C    1 
ATOM   1089 O O    . TYR A 1 73  ? -1.645  14.883  5.697   1.00 3.15  ? 73  TYR A O    1 
ATOM   1090 C CB   . TYR A 1 73  ? 0.278   16.169  3.445   1.00 2.84  ? 73  TYR A CB   1 
ATOM   1091 C CG   . TYR A 1 73  ? 0.571   17.553  2.918   1.00 3.25  ? 73  TYR A CG   1 
ATOM   1092 C CD1  . TYR A 1 73  ? 1.555   18.341  3.528   1.00 3.89  ? 73  TYR A CD1  1 
ATOM   1093 C CD2  . TYR A 1 73  ? -0.140  18.050  1.820   1.00 3.63  ? 73  TYR A CD2  1 
ATOM   1094 C CE1  . TYR A 1 73  ? 1.826   19.625  3.041   1.00 4.63  ? 73  TYR A CE1  1 
ATOM   1095 C CE2  . TYR A 1 73  ? 0.131   19.334  1.332   1.00 4.38  ? 73  TYR A CE2  1 
ATOM   1096 C CZ   . TYR A 1 73  ? 1.114   20.121  1.942   1.00 4.78  ? 73  TYR A CZ   1 
ATOM   1097 O OH   . TYR A 1 73  ? 1.383   21.387  1.460   1.00 5.71  ? 73  TYR A OH   1 
ATOM   1098 H H    . TYR A 1 73  ? 0.703   14.230  5.673   1.00 2.23  ? 73  TYR A H    1 
ATOM   1099 H HA   . TYR A 1 73  ? 0.563   17.167  5.325   1.00 2.39  ? 73  TYR A HA   1 
ATOM   1100 H HB2  . TYR A 1 73  ? 1.060   15.493  3.134   1.00 3.13  ? 73  TYR A HB2  1 
ATOM   1101 H HB3  . TYR A 1 73  ? -0.668  15.829  3.053   1.00 3.32  ? 73  TYR A HB3  1 
ATOM   1102 H HD1  . TYR A 1 73  ? 2.103   17.959  4.376   1.00 4.15  ? 73  TYR A HD1  1 
ATOM   1103 H HD2  . TYR A 1 73  ? -0.900  17.443  1.349   1.00 3.73  ? 73  TYR A HD2  1 
ATOM   1104 H HE1  . TYR A 1 73  ? 2.585   20.232  3.512   1.00 5.34  ? 73  TYR A HE1  1 
ATOM   1105 H HE2  . TYR A 1 73  ? -0.418  19.717  0.485   1.00 4.94  ? 73  TYR A HE2  1 
ATOM   1106 H HH   . TYR A 1 73  ? 1.856   21.294  0.630   1.00 5.86  ? 73  TYR A HH   1 
ATOM   1107 N N    . ASN A 1 74  ? -2.000  17.043  5.513   1.00 2.18  ? 74  ASN A N    1 
ATOM   1108 C CA   . ASN A 1 74  ? -3.414  16.890  5.954   1.00 2.62  ? 74  ASN A CA   1 
ATOM   1109 C C    . ASN A 1 74  ? -3.455  16.043  7.228   1.00 2.01  ? 74  ASN A C    1 
ATOM   1110 O O    . ASN A 1 74  ? -2.472  15.925  7.933   1.00 2.22  ? 74  ASN A O    1 
ATOM   1111 C CB   . ASN A 1 74  ? -4.219  16.205  4.846   1.00 3.58  ? 74  ASN A CB   1 
ATOM   1112 C CG   . ASN A 1 74  ? -5.254  17.184  4.285   1.00 4.29  ? 74  ASN A CG   1 
ATOM   1113 O OD1  . ASN A 1 74  ? -6.140  17.619  4.993   1.00 4.60  ? 74  ASN A OD1  1 
ATOM   1114 N ND2  . ASN A 1 74  ? -5.176  17.553  3.036   1.00 5.01  ? 74  ASN A ND2  1 
ATOM   1115 H H    . ASN A 1 74  ? -1.646  17.930  5.292   1.00 2.19  ? 74  ASN A H    1 
ATOM   1116 H HA   . ASN A 1 74  ? -3.835  17.864  6.156   1.00 3.21  ? 74  ASN A HA   1 
ATOM   1117 H HB2  . ASN A 1 74  ? -3.551  15.896  4.055   1.00 3.90  ? 74  ASN A HB2  1 
ATOM   1118 H HB3  . ASN A 1 74  ? -4.725  15.340  5.247   1.00 4.02  ? 74  ASN A HB3  1 
ATOM   1119 H HD21 . ASN A 1 74  ? -4.459  17.204  2.467   1.00 5.11  ? 74  ASN A HD21 1 
ATOM   1120 H HD22 . ASN A 1 74  ? -5.835  18.179  2.668   1.00 5.66  ? 74  ASN A HD22 1 
ATOM   1121 N N    . LEU A 1 75  ? -4.579  15.456  7.538   1.00 2.02  ? 75  LEU A N    1 
ATOM   1122 C CA   . LEU A 1 75  ? -4.664  14.626  8.773   1.00 1.91  ? 75  LEU A CA   1 
ATOM   1123 C C    . LEU A 1 75  ? -5.266  13.256  8.432   1.00 1.75  ? 75  LEU A C    1 
ATOM   1124 O O    . LEU A 1 75  ? -4.638  12.445  7.780   1.00 2.27  ? 75  LEU A O    1 
ATOM   1125 C CB   . LEU A 1 75  ? -5.534  15.350  9.804   1.00 2.51  ? 75  LEU A CB   1 
ATOM   1126 C CG   . LEU A 1 75  ? -4.914  16.712  10.125  1.00 3.28  ? 75  LEU A CG   1 
ATOM   1127 C CD1  . LEU A 1 75  ? -5.693  17.814  9.403   1.00 3.96  ? 75  LEU A CD1  1 
ATOM   1128 C CD2  . LEU A 1 75  ? -4.971  16.954  11.636  1.00 3.83  ? 75  LEU A CD2  1 
ATOM   1129 H H    . LEU A 1 75  ? -5.366  15.564  6.965   1.00 2.58  ? 75  LEU A H    1 
ATOM   1130 H HA   . LEU A 1 75  ? -3.673  14.488  9.177   1.00 2.26  ? 75  LEU A HA   1 
ATOM   1131 H HB2  . LEU A 1 75  ? -6.527  15.491  9.400   1.00 2.91  ? 75  LEU A HB2  1 
ATOM   1132 H HB3  . LEU A 1 75  ? -5.591  14.760  10.706  1.00 2.69  ? 75  LEU A HB3  1 
ATOM   1133 H HG   . LEU A 1 75  ? -3.885  16.725  9.796   1.00 3.57  ? 75  LEU A HG   1 
ATOM   1134 H HD11 . LEU A 1 75  ? -6.706  17.483  9.224   1.00 4.48  ? 75  LEU A HD11 1 
ATOM   1135 H HD12 . LEU A 1 75  ? -5.709  18.704  10.014  1.00 4.15  ? 75  LEU A HD12 1 
ATOM   1136 H HD13 . LEU A 1 75  ? -5.214  18.034  8.459   1.00 4.20  ? 75  LEU A HD13 1 
ATOM   1137 H HD21 . LEU A 1 75  ? -4.821  16.020  12.156  1.00 4.27  ? 75  LEU A HD21 1 
ATOM   1138 H HD22 . LEU A 1 75  ? -4.197  17.652  11.918  1.00 4.07  ? 75  LEU A HD22 1 
ATOM   1139 H HD23 . LEU A 1 75  ? -5.936  17.361  11.901  1.00 4.10  ? 75  LEU A HD23 1 
ATOM   1140 N N    . TYR A 1 76  ? -6.472  12.982  8.862   1.00 1.75  ? 76  TYR A N    1 
ATOM   1141 C CA   . TYR A 1 76  ? -7.085  11.660  8.550   1.00 1.73  ? 76  TYR A CA   1 
ATOM   1142 C C    . TYR A 1 76  ? -6.419  10.575  9.401   1.00 1.41  ? 76  TYR A C    1 
ATOM   1143 O O    . TYR A 1 76  ? -5.219  10.387  9.356   1.00 1.92  ? 76  TYR A O    1 
ATOM   1144 C CB   . TYR A 1 76  ? -6.882  11.344  7.065   1.00 2.31  ? 76  TYR A CB   1 
ATOM   1145 C CG   . TYR A 1 76  ? -7.074  12.603  6.251   1.00 3.26  ? 76  TYR A CG   1 
ATOM   1146 C CD1  . TYR A 1 76  ? -8.027  13.552  6.637   1.00 3.96  ? 76  TYR A CD1  1 
ATOM   1147 C CD2  . TYR A 1 76  ? -6.293  12.821  5.108   1.00 3.87  ? 76  TYR A CD2  1 
ATOM   1148 C CE1  . TYR A 1 76  ? -8.200  14.719  5.883   1.00 4.86  ? 76  TYR A CE1  1 
ATOM   1149 C CE2  . TYR A 1 76  ? -6.466  13.988  4.354   1.00 4.80  ? 76  TYR A CE2  1 
ATOM   1150 C CZ   . TYR A 1 76  ? -7.420  14.938  4.741   1.00 5.16  ? 76  TYR A CZ   1 
ATOM   1151 O OH   . TYR A 1 76  ? -7.591  16.089  3.999   1.00 6.12  ? 76  TYR A OH   1 
ATOM   1152 H H    . TYR A 1 76  ? -6.973  13.638  9.387   1.00 2.23  ? 76  TYR A H    1 
ATOM   1153 H HA   . TYR A 1 76  ? -8.143  11.692  8.769   1.00 2.22  ? 76  TYR A HA   1 
ATOM   1154 H HB2  . TYR A 1 76  ? -5.883  10.964  6.914   1.00 2.34  ? 76  TYR A HB2  1 
ATOM   1155 H HB3  . TYR A 1 76  ? -7.601  10.600  6.754   1.00 2.42  ? 76  TYR A HB3  1 
ATOM   1156 H HD1  . TYR A 1 76  ? -8.630  13.384  7.517   1.00 4.06  ? 76  TYR A HD1  1 
ATOM   1157 H HD2  . TYR A 1 76  ? -5.558  12.088  4.810   1.00 3.90  ? 76  TYR A HD2  1 
ATOM   1158 H HE1  . TYR A 1 76  ? -8.937  15.451  6.182   1.00 5.51  ? 76  TYR A HE1  1 
ATOM   1159 H HE2  . TYR A 1 76  ? -5.863  14.157  3.474   1.00 5.44  ? 76  TYR A HE2  1 
ATOM   1160 H HH   . TYR A 1 76  ? -8.204  15.894  3.286   1.00 6.49  ? 76  TYR A HH   1 
ATOM   1161 N N    . SER A 1 77  ? -7.187  9.861   10.179  1.00 1.49  ? 77  SER A N    1 
ATOM   1162 C CA   . SER A 1 77  ? -6.598  8.791   11.035  1.00 2.04  ? 77  SER A CA   1 
ATOM   1163 C C    . SER A 1 77  ? -6.840  7.424   10.389  1.00 1.77  ? 77  SER A C    1 
ATOM   1164 O O    . SER A 1 77  ? -7.165  6.462   11.057  1.00 2.39  ? 77  SER A O    1 
ATOM   1165 C CB   . SER A 1 77  ? -7.255  8.825   12.415  1.00 2.97  ? 77  SER A CB   1 
ATOM   1166 O OG   . SER A 1 77  ? -6.799  7.717   13.179  1.00 3.69  ? 77  SER A OG   1 
ATOM   1167 H H    . SER A 1 77  ? -8.152  10.030  10.203  1.00 1.75  ? 77  SER A H    1 
ATOM   1168 H HA   . SER A 1 77  ? -5.536  8.957   11.139  1.00 2.41  ? 77  SER A HA   1 
ATOM   1169 H HB2  . SER A 1 77  ? -6.990  9.737   12.921  1.00 3.30  ? 77  SER A HB2  1 
ATOM   1170 H HB3  . SER A 1 77  ? -8.330  8.778   12.300  1.00 3.17  ? 77  SER A HB3  1 
ATOM   1171 H HG   . SER A 1 77  ? -7.549  7.355   13.656  1.00 4.13  ? 77  SER A HG   1 
ATOM   1172 N N    . SER A 1 78  ? -6.684  7.332   9.098   1.00 1.09  ? 78  SER A N    1 
ATOM   1173 C CA   . SER A 1 78  ? -6.905  6.027   8.412   1.00 0.85  ? 78  SER A CA   1 
ATOM   1174 C C    . SER A 1 78  ? -6.044  5.967   7.149   1.00 0.62  ? 78  SER A C    1 
ATOM   1175 O O    . SER A 1 78  ? -5.688  6.981   6.582   1.00 0.73  ? 78  SER A O    1 
ATOM   1176 C CB   . SER A 1 78  ? -8.380  5.894   8.032   1.00 0.92  ? 78  SER A CB   1 
ATOM   1177 O OG   . SER A 1 78  ? -9.138  5.585   9.196   1.00 1.87  ? 78  SER A OG   1 
ATOM   1178 H H    . SER A 1 78  ? -6.421  8.120   8.579   1.00 1.11  ? 78  SER A H    1 
ATOM   1179 H HA   . SER A 1 78  ? -6.629  5.220   9.075   1.00 0.92  ? 78  SER A HA   1 
ATOM   1180 H HB2  . SER A 1 78  ? -8.733  6.822   7.616   1.00 1.05  ? 78  SER A HB2  1 
ATOM   1181 H HB3  . SER A 1 78  ? -8.492  5.107   7.298   1.00 1.23  ? 78  SER A HB3  1 
ATOM   1182 H HG   . SER A 1 78  ? -10.064 5.743   8.997   1.00 2.08  ? 78  SER A HG   1 
ATOM   1183 N N    . LEU A 1 79  ? -5.706  4.788   6.701   1.00 0.47  ? 79  LEU A N    1 
ATOM   1184 C CA   . LEU A 1 79  ? -4.867  4.674   5.474   1.00 0.36  ? 79  LEU A CA   1 
ATOM   1185 C C    . LEU A 1 79  ? -5.765  4.631   4.241   1.00 0.31  ? 79  LEU A C    1 
ATOM   1186 O O    . LEU A 1 79  ? -5.370  5.018   3.162   1.00 0.29  ? 79  LEU A O    1 
ATOM   1187 C CB   . LEU A 1 79  ? -4.032  3.393   5.539   1.00 0.52  ? 79  LEU A CB   1 
ATOM   1188 C CG   . LEU A 1 79  ? -3.454  3.228   6.945   1.00 0.67  ? 79  LEU A CG   1 
ATOM   1189 C CD1  . LEU A 1 79  ? -4.128  2.044   7.640   1.00 1.23  ? 79  LEU A CD1  1 
ATOM   1190 C CD2  . LEU A 1 79  ? -1.947  2.974   6.849   1.00 1.48  ? 79  LEU A CD2  1 
ATOM   1191 H H    . LEU A 1 79  ? -6.001  3.980   7.170   1.00 0.61  ? 79  LEU A H    1 
ATOM   1192 H HA   . LEU A 1 79  ? -4.212  5.527   5.409   1.00 0.43  ? 79  LEU A HA   1 
ATOM   1193 H HB2  . LEU A 1 79  ? -4.657  2.545   5.302   1.00 0.56  ? 79  LEU A HB2  1 
ATOM   1194 H HB3  . LEU A 1 79  ? -3.224  3.454   4.824   1.00 0.60  ? 79  LEU A HB3  1 
ATOM   1195 H HG   . LEU A 1 79  ? -3.632  4.129   7.515   1.00 1.00  ? 79  LEU A HG   1 
ATOM   1196 H HD11 . LEU A 1 79  ? -4.765  1.529   6.936   1.00 1.77  ? 79  LEU A HD11 1 
ATOM   1197 H HD12 . LEU A 1 79  ? -3.372  1.365   8.006   1.00 1.82  ? 79  LEU A HD12 1 
ATOM   1198 H HD13 . LEU A 1 79  ? -4.721  2.403   8.468   1.00 1.74  ? 79  LEU A HD13 1 
ATOM   1199 H HD21 . LEU A 1 79  ? -1.481  3.778   6.299   1.00 1.99  ? 79  LEU A HD21 1 
ATOM   1200 H HD22 . LEU A 1 79  ? -1.527  2.925   7.842   1.00 1.83  ? 79  LEU A HD22 1 
ATOM   1201 H HD23 . LEU A 1 79  ? -1.773  2.038   6.338   1.00 2.12  ? 79  LEU A HD23 1 
ATOM   1202 N N    . LYS A 1 80  ? -6.972  4.161   4.393   1.00 0.31  ? 80  LYS A N    1 
ATOM   1203 C CA   . LYS A 1 80  ? -7.898  4.089   3.227   1.00 0.31  ? 80  LYS A CA   1 
ATOM   1204 C C    . LYS A 1 80  ? -7.777  5.367   2.395   1.00 0.30  ? 80  LYS A C    1 
ATOM   1205 O O    . LYS A 1 80  ? -7.901  5.346   1.187   1.00 0.31  ? 80  LYS A O    1 
ATOM   1206 C CB   . LYS A 1 80  ? -9.336  3.938   3.725   1.00 0.37  ? 80  LYS A CB   1 
ATOM   1207 C CG   . LYS A 1 80  ? -10.298 4.037   2.540   1.00 1.30  ? 80  LYS A CG   1 
ATOM   1208 C CD   . LYS A 1 80  ? -11.740 3.962   3.045   1.00 1.58  ? 80  LYS A CD   1 
ATOM   1209 C CE   . LYS A 1 80  ? -12.465 5.267   2.713   1.00 1.72  ? 80  LYS A CE   1 
ATOM   1210 N NZ   . LYS A 1 80  ? -12.706 6.035   3.966   1.00 2.15  ? 80  LYS A NZ   1 
ATOM   1211 H H    . LYS A 1 80  ? -7.267  3.853   5.274   1.00 0.35  ? 80  LYS A H    1 
ATOM   1212 H HA   . LYS A 1 80  ? -7.639  3.237   2.616   1.00 0.29  ? 80  LYS A HA   1 
ATOM   1213 H HB2  . LYS A 1 80  ? -9.451  2.977   4.206   1.00 1.01  ? 80  LYS A HB2  1 
ATOM   1214 H HB3  . LYS A 1 80  ? -9.557  4.724   4.432   1.00 1.01  ? 80  LYS A HB3  1 
ATOM   1215 H HG2  . LYS A 1 80  ? -10.143 4.974   2.027   1.00 2.02  ? 80  LYS A HG2  1 
ATOM   1216 H HG3  . LYS A 1 80  ? -10.115 3.219   1.859   1.00 1.93  ? 80  LYS A HG3  1 
ATOM   1217 H HD2  . LYS A 1 80  ? -12.245 3.135   2.568   1.00 1.97  ? 80  LYS A HD2  1 
ATOM   1218 H HD3  . LYS A 1 80  ? -11.739 3.815   4.114   1.00 2.29  ? 80  LYS A HD3  1 
ATOM   1219 H HE2  . LYS A 1 80  ? -11.859 5.855   2.041   1.00 2.23  ? 80  LYS A HE2  1 
ATOM   1220 H HE3  . LYS A 1 80  ? -13.411 5.043   2.242   1.00 2.06  ? 80  LYS A HE3  1 
ATOM   1221 H HZ1  . LYS A 1 80  ? -11.827 6.082   4.519   1.00 2.40  ? 80  LYS A HZ1  1 
ATOM   1222 H HZ2  . LYS A 1 80  ? -13.019 6.999   3.727   1.00 2.67  ? 80  LYS A HZ2  1 
ATOM   1223 H HZ3  . LYS A 1 80  ? -13.441 5.562   4.528   1.00 2.41  ? 80  LYS A HZ3  1 
ATOM   1224 N N    . GLU A 1 81  ? -7.532  6.482   3.031   1.00 0.32  ? 81  GLU A N    1 
ATOM   1225 C CA   . GLU A 1 81  ? -7.401  7.755   2.268   1.00 0.35  ? 81  GLU A CA   1 
ATOM   1226 C C    . GLU A 1 81  ? -6.056  7.774   1.546   1.00 0.32  ? 81  GLU A C    1 
ATOM   1227 O O    . GLU A 1 81  ? -5.987  8.010   0.359   1.00 0.33  ? 81  GLU A O    1 
ATOM   1228 C CB   . GLU A 1 81  ? -7.488  8.942   3.230   1.00 0.41  ? 81  GLU A CB   1 
ATOM   1229 C CG   . GLU A 1 81  ? -8.821  9.664   3.025   1.00 0.70  ? 81  GLU A CG   1 
ATOM   1230 C CD   . GLU A 1 81  ? -8.947  10.803  4.040   1.00 1.35  ? 81  GLU A CD   1 
ATOM   1231 O OE1  . GLU A 1 81  ? -9.164  10.511  5.204   1.00 1.93  ? 81  GLU A OE1  1 
ATOM   1232 O OE2  . GLU A 1 81  ? -8.825  11.946  3.634   1.00 2.12  ? 81  GLU A OE2  1 
ATOM   1233 H H    . GLU A 1 81  ? -7.433  6.480   4.005   1.00 0.33  ? 81  GLU A H    1 
ATOM   1234 H HA   . GLU A 1 81  ? -8.196  7.820   1.541   1.00 0.38  ? 81  GLU A HA   1 
ATOM   1235 H HB2  . GLU A 1 81  ? -7.421  8.587   4.248   1.00 0.50  ? 81  GLU A HB2  1 
ATOM   1236 H HB3  . GLU A 1 81  ? -6.676  9.627   3.032   1.00 0.55  ? 81  GLU A HB3  1 
ATOM   1237 H HG2  . GLU A 1 81  ? -8.862  10.067  2.023   1.00 1.22  ? 81  GLU A HG2  1 
ATOM   1238 H HG3  . GLU A 1 81  ? -9.633  8.967   3.166   1.00 1.36  ? 81  GLU A HG3  1 
ATOM   1239 N N    . LEU A 1 82  ? -4.985  7.516   2.244   1.00 0.32  ? 82  LEU A N    1 
ATOM   1240 C CA   . LEU A 1 82  ? -3.652  7.505   1.582   1.00 0.32  ? 82  LEU A CA   1 
ATOM   1241 C C    . LEU A 1 82  ? -3.707  6.542   0.402   1.00 0.27  ? 82  LEU A C    1 
ATOM   1242 O O    . LEU A 1 82  ? -3.595  6.927   -0.746  1.00 0.33  ? 82  LEU A O    1 
ATOM   1243 C CB   . LEU A 1 82  ? -2.596  7.024   2.580   1.00 0.36  ? 82  LEU A CB   1 
ATOM   1244 C CG   . LEU A 1 82  ? -1.230  6.880   1.895   1.00 0.37  ? 82  LEU A CG   1 
ATOM   1245 C CD1  . LEU A 1 82  ? -1.182  5.559   1.127   1.00 1.10  ? 82  LEU A CD1  1 
ATOM   1246 C CD2  . LEU A 1 82  ? -0.998  8.043   0.922   1.00 0.98  ? 82  LEU A CD2  1 
ATOM   1247 H H    . LEU A 1 82  ? -5.059  7.316   3.201   1.00 0.34  ? 82  LEU A H    1 
ATOM   1248 H HA   . LEU A 1 82  ? -3.406  8.498   1.236   1.00 0.36  ? 82  LEU A HA   1 
ATOM   1249 H HB2  . LEU A 1 82  ? -2.520  7.733   3.387   1.00 0.46  ? 82  LEU A HB2  1 
ATOM   1250 H HB3  . LEU A 1 82  ? -2.894  6.066   2.978   1.00 0.39  ? 82  LEU A HB3  1 
ATOM   1251 H HG   . LEU A 1 82  ? -0.454  6.882   2.647   1.00 1.11  ? 82  LEU A HG   1 
ATOM   1252 H HD11 . LEU A 1 82  ? -1.891  4.868   1.555   1.00 1.64  ? 82  LEU A HD11 1 
ATOM   1253 H HD12 . LEU A 1 82  ? -1.430  5.735   0.091   1.00 1.65  ? 82  LEU A HD12 1 
ATOM   1254 H HD13 . LEU A 1 82  ? -0.189  5.141   1.194   1.00 1.73  ? 82  LEU A HD13 1 
ATOM   1255 H HD21 . LEU A 1 82  ? -1.843  8.133   0.257   1.00 1.50  ? 82  LEU A HD21 1 
ATOM   1256 H HD22 . LEU A 1 82  ? -0.879  8.960   1.479   1.00 1.71  ? 82  LEU A HD22 1 
ATOM   1257 H HD23 . LEU A 1 82  ? -0.105  7.854   0.345   1.00 1.49  ? 82  LEU A HD23 1 
ATOM   1258 N N    . VAL A 1 83  ? -3.885  5.287   0.689   1.00 0.22  ? 83  VAL A N    1 
ATOM   1259 C CA   . VAL A 1 83  ? -3.962  4.266   -0.391  1.00 0.18  ? 83  VAL A CA   1 
ATOM   1260 C C    . VAL A 1 83  ? -4.858  4.779   -1.525  1.00 0.16  ? 83  VAL A C    1 
ATOM   1261 O O    . VAL A 1 83  ? -4.596  4.535   -2.685  1.00 0.15  ? 83  VAL A O    1 
ATOM   1262 C CB   . VAL A 1 83  ? -4.543  2.971   0.195   1.00 0.19  ? 83  VAL A CB   1 
ATOM   1263 C CG1  . VAL A 1 83  ? -5.086  2.077   -0.922  1.00 0.20  ? 83  VAL A CG1  1 
ATOM   1264 C CG2  . VAL A 1 83  ? -3.446  2.214   0.941   1.00 0.24  ? 83  VAL A CG2  1 
ATOM   1265 H H    . VAL A 1 83  ? -3.971  5.014   1.626   1.00 0.27  ? 83  VAL A H    1 
ATOM   1266 H HA   . VAL A 1 83  ? -2.971  4.075   -0.774  1.00 0.19  ? 83  VAL A HA   1 
ATOM   1267 H HB   . VAL A 1 83  ? -5.342  3.213   0.880   1.00 0.21  ? 83  VAL A HB   1 
ATOM   1268 H HG11 . VAL A 1 83  ? -4.344  1.983   -1.699  1.00 1.00  ? 83  VAL A HG11 1 
ATOM   1269 H HG12 . VAL A 1 83  ? -5.314  1.101   -0.518  1.00 1.02  ? 83  VAL A HG12 1 
ATOM   1270 H HG13 . VAL A 1 83  ? -5.983  2.517   -1.328  1.00 1.00  ? 83  VAL A HG13 1 
ATOM   1271 H HG21 . VAL A 1 83  ? -2.488  2.438   0.495   1.00 1.06  ? 83  VAL A HG21 1 
ATOM   1272 H HG22 . VAL A 1 83  ? -3.441  2.517   1.976   1.00 1.10  ? 83  VAL A HG22 1 
ATOM   1273 H HG23 . VAL A 1 83  ? -3.634  1.153   0.876   1.00 0.92  ? 83  VAL A HG23 1 
ATOM   1274 N N    . LEU A 1 84  ? -5.917  5.478   -1.205  1.00 0.21  ? 84  LEU A N    1 
ATOM   1275 C CA   . LEU A 1 84  ? -6.826  5.987   -2.274  1.00 0.24  ? 84  LEU A CA   1 
ATOM   1276 C C    . LEU A 1 84  ? -6.100  7.022   -3.138  1.00 0.25  ? 84  LEU A C    1 
ATOM   1277 O O    . LEU A 1 84  ? -6.218  7.026   -4.346  1.00 0.32  ? 84  LEU A O    1 
ATOM   1278 C CB   . LEU A 1 84  ? -8.057  6.634   -1.633  1.00 0.31  ? 84  LEU A CB   1 
ATOM   1279 C CG   . LEU A 1 84  ? -9.324  5.966   -2.170  1.00 0.76  ? 84  LEU A CG   1 
ATOM   1280 C CD1  . LEU A 1 84  ? -9.251  5.884   -3.695  1.00 1.12  ? 84  LEU A CD1  1 
ATOM   1281 C CD2  . LEU A 1 84  ? -9.440  4.555   -1.589  1.00 1.85  ? 84  LEU A CD2  1 
ATOM   1282 H H    . LEU A 1 84  ? -6.121  5.661   -0.263  1.00 0.25  ? 84  LEU A H    1 
ATOM   1283 H HA   . LEU A 1 84  ? -7.138  5.162   -2.895  1.00 0.24  ? 84  LEU A HA   1 
ATOM   1284 H HB2  . LEU A 1 84  ? -8.010  6.511   -0.561  1.00 0.61  ? 84  LEU A HB2  1 
ATOM   1285 H HB3  . LEU A 1 84  ? -8.078  7.686   -1.874  1.00 0.66  ? 84  LEU A HB3  1 
ATOM   1286 H HG   . LEU A 1 84  ? -10.188 6.548   -1.881  1.00 1.31  ? 84  LEU A HG   1 
ATOM   1287 H HD11 . LEU A 1 84  ? -8.401  6.451   -4.044  1.00 1.59  ? 84  LEU A HD11 1 
ATOM   1288 H HD12 . LEU A 1 84  ? -9.144  4.852   -3.995  1.00 1.62  ? 84  LEU A HD12 1 
ATOM   1289 H HD13 . LEU A 1 84  ? -10.156 6.290   -4.122  1.00 1.69  ? 84  LEU A HD13 1 
ATOM   1290 H HD21 . LEU A 1 84  ? -8.497  4.268   -1.148  1.00 2.41  ? 84  LEU A HD21 1 
ATOM   1291 H HD22 . LEU A 1 84  ? -10.211 4.538   -0.835  1.00 2.39  ? 84  LEU A HD22 1 
ATOM   1292 H HD23 . LEU A 1 84  ? -9.693  3.861   -2.377  1.00 2.31  ? 84  LEU A HD23 1 
ATOM   1293 N N    . HIS A 1 85  ? -5.354  7.900   -2.533  1.00 0.32  ? 85  HIS A N    1 
ATOM   1294 C CA   . HIS A 1 85  ? -4.628  8.928   -3.327  1.00 0.34  ? 85  HIS A CA   1 
ATOM   1295 C C    . HIS A 1 85  ? -3.658  8.238   -4.278  1.00 0.30  ? 85  HIS A C    1 
ATOM   1296 O O    . HIS A 1 85  ? -3.777  8.328   -5.483  1.00 0.31  ? 85  HIS A O    1 
ATOM   1297 C CB   . HIS A 1 85  ? -3.838  9.830   -2.386  1.00 0.41  ? 85  HIS A CB   1 
ATOM   1298 C CG   . HIS A 1 85  ? -3.345  11.033  -3.139  1.00 0.46  ? 85  HIS A CG   1 
ATOM   1299 N ND1  . HIS A 1 85  ? -3.972  12.265  -3.059  1.00 0.55  ? 85  HIS A ND1  1 
ATOM   1300 C CD2  . HIS A 1 85  ? -2.285  11.204  -3.990  1.00 0.47  ? 85  HIS A CD2  1 
ATOM   1301 C CE1  . HIS A 1 85  ? -3.288  13.118  -3.845  1.00 0.59  ? 85  HIS A CE1  1 
ATOM   1302 N NE2  . HIS A 1 85  ? -2.250  12.522  -4.436  1.00 0.54  ? 85  HIS A NE2  1 
ATOM   1303 H H    . HIS A 1 85  ? -5.269  7.885   -1.561  1.00 0.41  ? 85  HIS A H    1 
ATOM   1304 H HA   . HIS A 1 85  ? -5.334  9.520   -3.891  1.00 0.38  ? 85  HIS A HA   1 
ATOM   1305 H HB2  . HIS A 1 85  ? -4.472  10.143  -1.575  1.00 0.45  ? 85  HIS A HB2  1 
ATOM   1306 H HB3  . HIS A 1 85  ? -2.994  9.282   -1.993  1.00 0.39  ? 85  HIS A HB3  1 
ATOM   1307 H HD1  . HIS A 1 85  ? -4.768  12.479  -2.529  1.00 0.59  ? 85  HIS A HD1  1 
ATOM   1308 H HD2  . HIS A 1 85  ? -1.583  10.431  -4.273  1.00 0.45  ? 85  HIS A HD2  1 
ATOM   1309 H HE1  . HIS A 1 85  ? -3.549  14.158  -3.982  1.00 0.67  ? 85  HIS A HE1  1 
ATOM   1310 N N    . TYR A 1 86  ? -2.694  7.555   -3.736  1.00 0.28  ? 86  TYR A N    1 
ATOM   1311 C CA   . TYR A 1 86  ? -1.706  6.857   -4.588  1.00 0.27  ? 86  TYR A CA   1 
ATOM   1312 C C    . TYR A 1 86  ? -2.416  5.808   -5.444  1.00 0.26  ? 86  TYR A C    1 
ATOM   1313 O O    . TYR A 1 86  ? -1.861  5.296   -6.394  1.00 0.30  ? 86  TYR A O    1 
ATOM   1314 C CB   . TYR A 1 86  ? -0.667  6.189   -3.692  1.00 0.30  ? 86  TYR A CB   1 
ATOM   1315 C CG   . TYR A 1 86  ? 0.270   7.240   -3.148  1.00 0.33  ? 86  TYR A CG   1 
ATOM   1316 C CD1  . TYR A 1 86  ? -0.159  8.096   -2.126  1.00 1.30  ? 86  TYR A CD1  1 
ATOM   1317 C CD2  . TYR A 1 86  ? 1.564   7.363   -3.666  1.00 1.22  ? 86  TYR A CD2  1 
ATOM   1318 C CE1  . TYR A 1 86  ? 0.706   9.074   -1.622  1.00 1.34  ? 86  TYR A CE1  1 
ATOM   1319 C CE2  . TYR A 1 86  ? 2.430   8.342   -3.162  1.00 1.23  ? 86  TYR A CE2  1 
ATOM   1320 C CZ   . TYR A 1 86  ? 2.000   9.198   -2.141  1.00 0.49  ? 86  TYR A CZ   1 
ATOM   1321 O OH   . TYR A 1 86  ? 2.851   10.163  -1.646  1.00 0.59  ? 86  TYR A OH   1 
ATOM   1322 H H    . TYR A 1 86  ? -2.618  7.502   -2.763  1.00 0.29  ? 86  TYR A H    1 
ATOM   1323 H HA   . TYR A 1 86  ? -1.218  7.574   -5.232  1.00 0.28  ? 86  TYR A HA   1 
ATOM   1324 H HB2  . TYR A 1 86  ? -1.164  5.692   -2.874  1.00 0.35  ? 86  TYR A HB2  1 
ATOM   1325 H HB3  . TYR A 1 86  ? -0.108  5.471   -4.264  1.00 0.33  ? 86  TYR A HB3  1 
ATOM   1326 H HD1  . TYR A 1 86  ? -1.156  8.001   -1.725  1.00 2.20  ? 86  TYR A HD1  1 
ATOM   1327 H HD2  . TYR A 1 86  ? 1.896   6.704   -4.454  1.00 2.14  ? 86  TYR A HD2  1 
ATOM   1328 H HE1  . TYR A 1 86  ? 0.375   9.734   -0.836  1.00 2.26  ? 86  TYR A HE1  1 
ATOM   1329 H HE2  . TYR A 1 86  ? 3.429   8.438   -3.562  1.00 2.13  ? 86  TYR A HE2  1 
ATOM   1330 H HH   . TYR A 1 86  ? 2.645   10.992  -2.085  1.00 0.85  ? 86  TYR A HH   1 
ATOM   1331 N N    . GLN A 1 87  ? -3.644  5.486   -5.126  1.00 0.26  ? 87  GLN A N    1 
ATOM   1332 C CA   . GLN A 1 87  ? -4.369  4.477   -5.943  1.00 0.30  ? 87  GLN A CA   1 
ATOM   1333 C C    . GLN A 1 87  ? -4.378  4.944   -7.403  1.00 0.34  ? 87  GLN A C    1 
ATOM   1334 O O    . GLN A 1 87  ? -4.410  4.151   -8.323  1.00 0.42  ? 87  GLN A O    1 
ATOM   1335 C CB   . GLN A 1 87  ? -5.804  4.318   -5.412  1.00 0.35  ? 87  GLN A CB   1 
ATOM   1336 C CG   . GLN A 1 87  ? -6.763  5.278   -6.131  1.00 0.71  ? 87  GLN A CG   1 
ATOM   1337 C CD   . GLN A 1 87  ? -7.355  4.584   -7.358  1.00 0.98  ? 87  GLN A CD   1 
ATOM   1338 O OE1  . GLN A 1 87  ? -6.849  4.723   -8.453  1.00 1.97  ? 87  GLN A OE1  1 
ATOM   1339 N NE2  . GLN A 1 87  ? -8.417  3.836   -7.220  1.00 1.34  ? 87  GLN A NE2  1 
ATOM   1340 H H    . GLN A 1 87  ? -4.087  5.910   -4.362  1.00 0.25  ? 87  GLN A H    1 
ATOM   1341 H HA   . GLN A 1 87  ? -3.854  3.530   -5.875  1.00 0.33  ? 87  GLN A HA   1 
ATOM   1342 H HB2  . GLN A 1 87  ? -6.130  3.305   -5.571  1.00 0.72  ? 87  GLN A HB2  1 
ATOM   1343 H HB3  . GLN A 1 87  ? -5.818  4.531   -4.353  1.00 0.32  ? 87  GLN A HB3  1 
ATOM   1344 H HG2  . GLN A 1 87  ? -7.559  5.563   -5.458  1.00 1.29  ? 87  GLN A HG2  1 
ATOM   1345 H HG3  . GLN A 1 87  ? -6.224  6.160   -6.443  1.00 1.51  ? 87  GLN A HG3  1 
ATOM   1346 H HE21 . GLN A 1 87  ? -8.826  3.724   -6.337  1.00 1.69  ? 87  GLN A HE21 1 
ATOM   1347 H HE22 . GLN A 1 87  ? -8.804  3.387   -8.000  1.00 1.89  ? 87  GLN A HE22 1 
ATOM   1348 N N    . HIS A 1 88  ? -4.343  6.232   -7.611  1.00 0.35  ? 88  HIS A N    1 
ATOM   1349 C CA   . HIS A 1 88  ? -4.344  6.768   -8.999  1.00 0.44  ? 88  HIS A CA   1 
ATOM   1350 C C    . HIS A 1 88  ? -3.086  7.613   -9.218  1.00 0.36  ? 88  HIS A C    1 
ATOM   1351 O O    . HIS A 1 88  ? -2.835  8.097   -10.304 1.00 0.39  ? 88  HIS A O    1 
ATOM   1352 C CB   . HIS A 1 88  ? -5.586  7.637   -9.210  1.00 0.55  ? 88  HIS A CB   1 
ATOM   1353 C CG   . HIS A 1 88  ? -5.663  8.674   -8.123  1.00 0.95  ? 88  HIS A CG   1 
ATOM   1354 N ND1  . HIS A 1 88  ? -4.977  9.875   -8.196  1.00 1.89  ? 88  HIS A ND1  1 
ATOM   1355 C CD2  . HIS A 1 88  ? -6.342  8.703   -6.930  1.00 1.20  ? 88  HIS A CD2  1 
ATOM   1356 C CE1  . HIS A 1 88  ? -5.255  10.570  -7.078  1.00 2.69  ? 88  HIS A CE1  1 
ATOM   1357 N NE2  . HIS A 1 88  ? -6.084  9.902   -6.272  1.00 2.30  ? 88  HIS A NE2  1 
ATOM   1358 H H    . HIS A 1 88  ? -4.315  6.848   -6.852  1.00 0.32  ? 88  HIS A H    1 
ATOM   1359 H HA   . HIS A 1 88  ? -4.355  5.949   -9.703  1.00 0.52  ? 88  HIS A HA   1 
ATOM   1360 H HB2  . HIS A 1 88  ? -5.524  8.127   -10.170 1.00 1.19  ? 88  HIS A HB2  1 
ATOM   1361 H HB3  . HIS A 1 88  ? -6.469  7.017   -9.178  1.00 1.09  ? 88  HIS A HB3  1 
ATOM   1362 H HD1  . HIS A 1 88  ? -4.395  10.165  -8.929  1.00 1.99  ? 88  HIS A HD1  1 
ATOM   1363 H HD2  . HIS A 1 88  ? -6.982  7.916   -6.559  1.00 0.73  ? 88  HIS A HD2  1 
ATOM   1364 H HE1  . HIS A 1 88  ? -4.856  11.550  -6.860  1.00 3.55  ? 88  HIS A HE1  1 
ATOM   1365 N N    . THR A 1 89  ? -2.289  7.795   -8.196  1.00 0.31  ? 89  THR A N    1 
ATOM   1366 C CA   . THR A 1 89  ? -1.051  8.610   -8.359  1.00 0.29  ? 89  THR A CA   1 
ATOM   1367 C C    . THR A 1 89  ? 0.148   7.677   -8.555  1.00 0.26  ? 89  THR A C    1 
ATOM   1368 O O    . THR A 1 89  ? 0.221   6.614   -7.972  1.00 0.40  ? 89  THR A O    1 
ATOM   1369 C CB   . THR A 1 89  ? -0.834  9.466   -7.109  1.00 0.33  ? 89  THR A CB   1 
ATOM   1370 O OG1  . THR A 1 89  ? -2.093  9.879   -6.596  1.00 0.40  ? 89  THR A OG1  1 
ATOM   1371 C CG2  . THR A 1 89  ? 0.003   10.695  -7.468  1.00 0.40  ? 89  THR A CG2  1 
ATOM   1372 H H    . THR A 1 89  ? -2.506  7.400   -7.324  1.00 0.32  ? 89  THR A H    1 
ATOM   1373 H HA   . THR A 1 89  ? -1.152  9.251   -9.222  1.00 0.33  ? 89  THR A HA   1 
ATOM   1374 H HB   . THR A 1 89  ? -0.312  8.887   -6.361  1.00 0.32  ? 89  THR A HB   1 
ATOM   1375 H HG1  . THR A 1 89  ? -2.003  10.780  -6.276  1.00 0.96  ? 89  THR A HG1  1 
ATOM   1376 H HG21 . THR A 1 89  ? 0.247   10.669  -8.520  1.00 1.02  ? 89  THR A HG21 1 
ATOM   1377 H HG22 . THR A 1 89  ? -0.559  11.591  -7.250  1.00 1.06  ? 89  THR A HG22 1 
ATOM   1378 H HG23 . THR A 1 89  ? 0.915   10.691  -6.888  1.00 1.15  ? 89  THR A HG23 1 
ATOM   1379 N N    . SER A 1 90  ? 1.084   8.066   -9.379  1.00 0.24  ? 90  SER A N    1 
ATOM   1380 C CA   . SER A 1 90  ? 2.273   7.199   -9.623  1.00 0.22  ? 90  SER A CA   1 
ATOM   1381 C C    . SER A 1 90  ? 3.233   7.279   -8.433  1.00 0.21  ? 90  SER A C    1 
ATOM   1382 O O    . SER A 1 90  ? 3.352   8.299   -7.785  1.00 0.25  ? 90  SER A O    1 
ATOM   1383 C CB   . SER A 1 90  ? 2.992   7.671   -10.887 1.00 0.25  ? 90  SER A CB   1 
ATOM   1384 O OG   . SER A 1 90  ? 3.960   6.702   -11.266 1.00 0.31  ? 90  SER A OG   1 
ATOM   1385 H H    . SER A 1 90  ? 1.001   8.924   -9.844  1.00 0.34  ? 90  SER A H    1 
ATOM   1386 H HA   . SER A 1 90  ? 1.950   6.177   -9.756  1.00 0.26  ? 90  SER A HA   1 
ATOM   1387 H HB2  . SER A 1 90  ? 2.280   7.792   -11.686 1.00 0.30  ? 90  SER A HB2  1 
ATOM   1388 H HB3  . SER A 1 90  ? 3.474   8.620   -10.693 1.00 0.31  ? 90  SER A HB3  1 
ATOM   1389 H HG   . SER A 1 90  ? 3.673   6.301   -12.089 1.00 0.71  ? 90  SER A HG   1 
ATOM   1390 N N    . LEU A 1 91  ? 3.920   6.206   -8.145  1.00 0.21  ? 91  LEU A N    1 
ATOM   1391 C CA   . LEU A 1 91  ? 4.872   6.208   -7.007  1.00 0.22  ? 91  LEU A CA   1 
ATOM   1392 C C    . LEU A 1 91  ? 6.304   6.332   -7.544  1.00 0.21  ? 91  LEU A C    1 
ATOM   1393 O O    . LEU A 1 91  ? 7.261   6.022   -6.863  1.00 0.38  ? 91  LEU A O    1 
ATOM   1394 C CB   . LEU A 1 91  ? 4.730   4.891   -6.241  1.00 0.27  ? 91  LEU A CB   1 
ATOM   1395 C CG   . LEU A 1 91  ? 3.495   4.948   -5.338  1.00 0.26  ? 91  LEU A CG   1 
ATOM   1396 C CD1  . LEU A 1 91  ? 2.820   3.575   -5.311  1.00 0.28  ? 91  LEU A CD1  1 
ATOM   1397 C CD2  . LEU A 1 91  ? 3.913   5.334   -3.917  1.00 0.37  ? 91  LEU A CD2  1 
ATOM   1398 H H    . LEU A 1 91  ? 3.809   5.395   -8.680  1.00 0.24  ? 91  LEU A H    1 
ATOM   1399 H HA   . LEU A 1 91  ? 4.655   7.036   -6.350  1.00 0.24  ? 91  LEU A HA   1 
ATOM   1400 H HB2  . LEU A 1 91  ? 4.624   4.078   -6.944  1.00 0.33  ? 91  LEU A HB2  1 
ATOM   1401 H HB3  . LEU A 1 91  ? 5.606   4.732   -5.640  1.00 0.36  ? 91  LEU A HB3  1 
ATOM   1402 H HG   . LEU A 1 91  ? 2.801   5.681   -5.724  1.00 0.32  ? 91  LEU A HG   1 
ATOM   1403 H HD11 . LEU A 1 91  ? 3.093   3.021   -6.196  1.00 1.01  ? 91  LEU A HD11 1 
ATOM   1404 H HD12 . LEU A 1 91  ? 3.143   3.033   -4.434  1.00 1.15  ? 91  LEU A HD12 1 
ATOM   1405 H HD13 . LEU A 1 91  ? 1.748   3.702   -5.280  1.00 1.00  ? 91  LEU A HD13 1 
ATOM   1406 H HD21 . LEU A 1 91  ? 4.881   4.910   -3.698  1.00 1.08  ? 91  LEU A HD21 1 
ATOM   1407 H HD22 . LEU A 1 91  ? 3.963   6.409   -3.835  1.00 1.13  ? 91  LEU A HD22 1 
ATOM   1408 H HD23 . LEU A 1 91  ? 3.186   4.953   -3.213  1.00 1.04  ? 91  LEU A HD23 1 
ATOM   1409 N N    . VAL A 1 92  ? 6.454   6.777   -8.764  1.00 0.20  ? 92  VAL A N    1 
ATOM   1410 C CA   . VAL A 1 92  ? 7.822   6.914   -9.348  1.00 0.18  ? 92  VAL A CA   1 
ATOM   1411 C C    . VAL A 1 92  ? 8.401   8.284   -8.997  1.00 0.21  ? 92  VAL A C    1 
ATOM   1412 O O    . VAL A 1 92  ? 9.598   8.490   -9.038  1.00 0.22  ? 92  VAL A O    1 
ATOM   1413 C CB   . VAL A 1 92  ? 7.744   6.777   -10.869 1.00 0.19  ? 92  VAL A CB   1 
ATOM   1414 C CG1  . VAL A 1 92  ? 6.997   7.978   -11.452 1.00 0.25  ? 92  VAL A CG1  1 
ATOM   1415 C CG2  . VAL A 1 92  ? 9.158   6.726   -11.449 1.00 0.23  ? 92  VAL A CG2  1 
ATOM   1416 H H    . VAL A 1 92  ? 5.668   7.016   -9.298  1.00 0.34  ? 92  VAL A H    1 
ATOM   1417 H HA   . VAL A 1 92  ? 8.462   6.140   -8.950  1.00 0.18  ? 92  VAL A HA   1 
ATOM   1418 H HB   . VAL A 1 92  ? 7.216   5.871   -11.122 1.00 0.21  ? 92  VAL A HB   1 
ATOM   1419 H HG11 . VAL A 1 92  ? 6.768   8.677   -10.661 1.00 0.99  ? 92  VAL A HG11 1 
ATOM   1420 H HG12 . VAL A 1 92  ? 7.618   8.463   -12.191 1.00 1.00  ? 92  VAL A HG12 1 
ATOM   1421 H HG13 . VAL A 1 92  ? 6.082   7.642   -11.915 1.00 1.07  ? 92  VAL A HG13 1 
ATOM   1422 H HG21 . VAL A 1 92  ? 9.818   7.330   -10.844 1.00 1.00  ? 92  VAL A HG21 1 
ATOM   1423 H HG22 . VAL A 1 92  ? 9.509   5.704   -11.454 1.00 0.94  ? 92  VAL A HG22 1 
ATOM   1424 H HG23 . VAL A 1 92  ? 9.146   7.107   -12.460 1.00 1.11  ? 92  VAL A HG23 1 
ATOM   1425 N N    . GLN A 1 93  ? 7.566   9.227   -8.658  1.00 0.23  ? 93  GLN A N    1 
ATOM   1426 C CA   . GLN A 1 93  ? 8.077   10.583  -8.313  1.00 0.27  ? 93  GLN A CA   1 
ATOM   1427 C C    . GLN A 1 93  ? 9.266   10.457  -7.360  1.00 0.27  ? 93  GLN A C    1 
ATOM   1428 O O    . GLN A 1 93  ? 10.100  11.338  -7.274  1.00 0.31  ? 93  GLN A O    1 
ATOM   1429 C CB   . GLN A 1 93  ? 6.966   11.393  -7.640  1.00 0.30  ? 93  GLN A CB   1 
ATOM   1430 C CG   . GLN A 1 93  ? 7.177   12.882  -7.924  1.00 0.73  ? 93  GLN A CG   1 
ATOM   1431 C CD   . GLN A 1 93  ? 5.830   13.605  -7.890  1.00 1.32  ? 93  GLN A CD   1 
ATOM   1432 O OE1  . GLN A 1 93  ? 4.790   12.979  -7.960  1.00 2.15  ? 93  GLN A OE1  1 
ATOM   1433 N NE2  . GLN A 1 93  ? 5.803   14.905  -7.786  1.00 1.96  ? 93  GLN A NE2  1 
ATOM   1434 H H    . GLN A 1 93  ? 6.603   9.044   -8.635  1.00 0.24  ? 93  GLN A H    1 
ATOM   1435 H HA   . GLN A 1 93  ? 8.393   11.085  -9.213  1.00 0.28  ? 93  GLN A HA   1 
ATOM   1436 H HB2  . GLN A 1 93  ? 6.008   11.082  -8.032  1.00 0.58  ? 93  GLN A HB2  1 
ATOM   1437 H HB3  . GLN A 1 93  ? 6.992   11.225  -6.574  1.00 0.54  ? 93  GLN A HB3  1 
ATOM   1438 H HG2  . GLN A 1 93  ? 7.832   13.301  -7.174  1.00 1.43  ? 93  GLN A HG2  1 
ATOM   1439 H HG3  . GLN A 1 93  ? 7.624   13.002  -8.899  1.00 1.33  ? 93  GLN A HG3  1 
ATOM   1440 H HE21 . GLN A 1 93  ? 6.641   15.409  -7.730  1.00 2.24  ? 93  GLN A HE21 1 
ATOM   1441 H HE22 . GLN A 1 93  ? 4.946   15.377  -7.763  1.00 2.62  ? 93  GLN A HE22 1 
ATOM   1442 N N    . HIS A 1 94  ? 9.353   9.373   -6.641  1.00 0.24  ? 94  HIS A N    1 
ATOM   1443 C CA   . HIS A 1 94  ? 10.489  9.198   -5.694  1.00 0.26  ? 94  HIS A CA   1 
ATOM   1444 C C    . HIS A 1 94  ? 11.524  8.245   -6.295  1.00 0.24  ? 94  HIS A C    1 
ATOM   1445 O O    . HIS A 1 94  ? 12.707  8.364   -6.044  1.00 0.27  ? 94  HIS A O    1 
ATOM   1446 C CB   . HIS A 1 94  ? 9.971   8.624   -4.374  1.00 0.26  ? 94  HIS A CB   1 
ATOM   1447 C CG   . HIS A 1 94  ? 10.349  9.545   -3.247  1.00 0.34  ? 94  HIS A CG   1 
ATOM   1448 N ND1  . HIS A 1 94  ? 11.288  9.196   -2.289  1.00 1.12  ? 94  HIS A ND1  1 
ATOM   1449 C CD2  . HIS A 1 94  ? 9.925   10.807  -2.912  1.00 1.14  ? 94  HIS A CD2  1 
ATOM   1450 C CE1  . HIS A 1 94  ? 11.397  10.228  -1.433  1.00 0.85  ? 94  HIS A CE1  1 
ATOM   1451 N NE2  . HIS A 1 94  ? 10.587  11.236  -1.766  1.00 0.79  ? 94  HIS A NE2  1 
ATOM   1452 H H    . HIS A 1 94  ? 8.670   8.676   -6.723  1.00 0.22  ? 94  HIS A H    1 
ATOM   1453 H HA   . HIS A 1 94  ? 10.950  10.153  -5.512  1.00 0.30  ? 94  HIS A HA   1 
ATOM   1454 H HB2  . HIS A 1 94  ? 8.896   8.531   -4.418  1.00 0.27  ? 94  HIS A HB2  1 
ATOM   1455 H HB3  . HIS A 1 94  ? 10.410  7.652   -4.206  1.00 0.29  ? 94  HIS A HB3  1 
ATOM   1456 H HD1  . HIS A 1 94  ? 11.783  8.351   -2.243  1.00 1.97  ? 94  HIS A HD1  1 
ATOM   1457 H HD2  . HIS A 1 94  ? 9.187   11.380  -3.456  1.00 2.11  ? 94  HIS A HD2  1 
ATOM   1458 H HE1  . HIS A 1 94  ? 12.060  10.240  -0.580  1.00 1.47  ? 94  HIS A HE1  1 
ATOM   1459 N N    . ASN A 1 95  ? 11.092  7.302   -7.083  1.00 0.20  ? 95  ASN A N    1 
ATOM   1460 C CA   . ASN A 1 95  ? 12.060  6.347   -7.693  1.00 0.20  ? 95  ASN A CA   1 
ATOM   1461 C C    . ASN A 1 95  ? 11.702  6.119   -9.163  1.00 0.22  ? 95  ASN A C    1 
ATOM   1462 O O    . ASN A 1 95  ? 10.570  5.835   -9.499  1.00 0.36  ? 95  ASN A O    1 
ATOM   1463 C CB   . ASN A 1 95  ? 12.004  5.016   -6.940  1.00 0.19  ? 95  ASN A CB   1 
ATOM   1464 C CG   . ASN A 1 95  ? 12.824  5.122   -5.656  1.00 0.21  ? 95  ASN A CG   1 
ATOM   1465 O OD1  . ASN A 1 95  ? 14.030  5.265   -5.699  1.00 0.26  ? 95  ASN A OD1  1 
ATOM   1466 N ND2  . ASN A 1 95  ? 12.214  5.058   -4.506  1.00 0.23  ? 95  ASN A ND2  1 
ATOM   1467 H H    . ASN A 1 95  ? 10.134  7.221   -7.273  1.00 0.19  ? 95  ASN A H    1 
ATOM   1468 H HA   . ASN A 1 95  ? 13.057  6.755   -7.627  1.00 0.24  ? 95  ASN A HA   1 
ATOM   1469 H HB2  . ASN A 1 95  ? 10.980  4.787   -6.690  1.00 0.17  ? 95  ASN A HB2  1 
ATOM   1470 H HB3  . ASN A 1 95  ? 12.410  4.232   -7.561  1.00 0.21  ? 95  ASN A HB3  1 
ATOM   1471 H HD21 . ASN A 1 95  ? 11.241  4.943   -4.473  1.00 0.23  ? 95  ASN A HD21 1 
ATOM   1472 H HD22 . ASN A 1 95  ? 12.726  5.124   -3.677  1.00 0.27  ? 95  ASN A HD22 1 
ATOM   1473 N N    . ASP A 1 96  ? 12.660  6.243   -10.042 1.00 0.24  ? 96  ASP A N    1 
ATOM   1474 C CA   . ASP A 1 96  ? 12.378  6.034   -11.490 1.00 0.25  ? 96  ASP A CA   1 
ATOM   1475 C C    . ASP A 1 96  ? 12.206  4.539   -11.773 1.00 0.24  ? 96  ASP A C    1 
ATOM   1476 O O    . ASP A 1 96  ? 11.951  4.135   -12.890 1.00 0.28  ? 96  ASP A O    1 
ATOM   1477 C CB   . ASP A 1 96  ? 13.545  6.577   -12.319 1.00 0.32  ? 96  ASP A CB   1 
ATOM   1478 C CG   . ASP A 1 96  ? 14.033  7.893   -11.712 1.00 1.45  ? 96  ASP A CG   1 
ATOM   1479 O OD1  . ASP A 1 96  ? 13.215  8.782   -11.538 1.00 2.19  ? 96  ASP A OD1  1 
ATOM   1480 O OD2  . ASP A 1 96  ? 15.217  7.990   -11.432 1.00 2.27  ? 96  ASP A OD2  1 
ATOM   1481 H H    . ASP A 1 96  ? 13.567  6.472   -9.749  1.00 0.34  ? 96  ASP A H    1 
ATOM   1482 H HA   . ASP A 1 96  ? 11.472  6.557   -11.760 1.00 0.25  ? 96  ASP A HA   1 
ATOM   1483 H HB2  . ASP A 1 96  ? 14.351  5.858   -12.319 1.00 0.97  ? 96  ASP A HB2  1 
ATOM   1484 H HB3  . ASP A 1 96  ? 13.216  6.750   -13.333 1.00 1.14  ? 96  ASP A HB3  1 
ATOM   1485 N N    . SER A 1 97  ? 12.341  3.715   -10.771 1.00 0.24  ? 97  SER A N    1 
ATOM   1486 C CA   . SER A 1 97  ? 12.180  2.250   -10.986 1.00 0.27  ? 97  SER A CA   1 
ATOM   1487 C C    . SER A 1 97  ? 10.900  1.780   -10.298 1.00 0.25  ? 97  SER A C    1 
ATOM   1488 O O    . SER A 1 97  ? 10.698  0.603   -10.070 1.00 0.31  ? 97  SER A O    1 
ATOM   1489 C CB   . SER A 1 97  ? 13.381  1.511   -10.392 1.00 0.31  ? 97  SER A CB   1 
ATOM   1490 O OG   . SER A 1 97  ? 14.532  2.339   -10.480 1.00 1.35  ? 97  SER A OG   1 
ATOM   1491 H H    . SER A 1 97  ? 12.543  4.058   -9.875  1.00 0.24  ? 97  SER A H    1 
ATOM   1492 H HA   . SER A 1 97  ? 12.118  2.045   -12.044 1.00 0.30  ? 97  SER A HA   1 
ATOM   1493 H HB2  . SER A 1 97  ? 13.188  1.280   -9.358  1.00 1.04  ? 97  SER A HB2  1 
ATOM   1494 H HB3  . SER A 1 97  ? 13.543  0.591   -10.940 1.00 1.08  ? 97  SER A HB3  1 
ATOM   1495 H HG   . SER A 1 97  ? 15.213  1.960   -9.920  1.00 1.65  ? 97  SER A HG   1 
ATOM   1496 N N    . LEU A 1 98  ? 10.033  2.695   -9.964  1.00 0.19  ? 98  LEU A N    1 
ATOM   1497 C CA   . LEU A 1 98  ? 8.764   2.310   -9.287  1.00 0.18  ? 98  LEU A CA   1 
ATOM   1498 C C    . LEU A 1 98  ? 7.600   2.457   -10.266 1.00 0.20  ? 98  LEU A C    1 
ATOM   1499 O O    . LEU A 1 98  ? 7.107   1.491   -10.815 1.00 0.29  ? 98  LEU A O    1 
ATOM   1500 C CB   . LEU A 1 98  ? 8.539   3.224   -8.080  1.00 0.15  ? 98  LEU A CB   1 
ATOM   1501 C CG   . LEU A 1 98  ? 9.516   2.843   -6.969  1.00 0.17  ? 98  LEU A CG   1 
ATOM   1502 C CD1  . LEU A 1 98  ? 9.182   3.631   -5.701  1.00 0.17  ? 98  LEU A CD1  1 
ATOM   1503 C CD2  . LEU A 1 98  ? 9.401   1.344   -6.680  1.00 0.26  ? 98  LEU A CD2  1 
ATOM   1504 H H    . LEU A 1 98  ? 10.218  3.638   -10.156 1.00 0.18  ? 98  LEU A H    1 
ATOM   1505 H HA   . LEU A 1 98  ? 8.826   1.289   -8.958  1.00 0.21  ? 98  LEU A HA   1 
ATOM   1506 H HB2  . LEU A 1 98  ? 8.705   4.253   -8.369  1.00 0.13  ? 98  LEU A HB2  1 
ATOM   1507 H HB3  . LEU A 1 98  ? 7.526   3.109   -7.723  1.00 0.17  ? 98  LEU A HB3  1 
ATOM   1508 H HG   . LEU A 1 98  ? 10.524  3.075   -7.282  1.00 0.19  ? 98  LEU A HG   1 
ATOM   1509 H HD11 . LEU A 1 98  ? 8.937   4.649   -5.964  1.00 0.99  ? 98  LEU A HD11 1 
ATOM   1510 H HD12 . LEU A 1 98  ? 8.337   3.174   -5.205  1.00 1.02  ? 98  LEU A HD12 1 
ATOM   1511 H HD13 . LEU A 1 98  ? 10.034  3.626   -5.038  1.00 0.98  ? 98  LEU A HD13 1 
ATOM   1512 H HD21 . LEU A 1 98  ? 8.453   0.979   -7.048  1.00 1.07  ? 98  LEU A HD21 1 
ATOM   1513 H HD22 . LEU A 1 98  ? 10.204  0.820   -7.175  1.00 0.99  ? 98  LEU A HD22 1 
ATOM   1514 H HD23 . LEU A 1 98  ? 9.463   1.177   -5.616  1.00 0.98  ? 98  LEU A HD23 1 
ATOM   1515 N N    . ASN A 1 99  ? 7.158   3.660   -10.488 1.00 0.18  ? 99  ASN A N    1 
ATOM   1516 C CA   . ASN A 1 99  ? 6.026   3.882   -11.429 1.00 0.21  ? 99  ASN A CA   1 
ATOM   1517 C C    . ASN A 1 99  ? 4.899   2.906   -11.101 1.00 0.19  ? 99  ASN A C    1 
ATOM   1518 O O    . ASN A 1 99  ? 4.225   2.396   -11.975 1.00 0.24  ? 99  ASN A O    1 
ATOM   1519 C CB   . ASN A 1 99  ? 6.506   3.656   -12.863 1.00 0.27  ? 99  ASN A CB   1 
ATOM   1520 C CG   . ASN A 1 99  ? 5.326   3.789   -13.828 1.00 0.31  ? 99  ASN A CG   1 
ATOM   1521 O OD1  . ASN A 1 99  ? 4.255   4.213   -13.441 1.00 0.95  ? 99  ASN A OD1  1 
ATOM   1522 N ND2  . ASN A 1 99  ? 5.477   3.442   -15.077 1.00 1.16  ? 99  ASN A ND2  1 
ATOM   1523 H H    . ASN A 1 99  ? 7.574   4.417   -10.032 1.00 0.19  ? 99  ASN A H    1 
ATOM   1524 H HA   . ASN A 1 99  ? 5.663   4.892   -11.324 1.00 0.23  ? 99  ASN A HA   1 
ATOM   1525 H HB2  . ASN A 1 99  ? 7.259   4.392   -13.110 1.00 0.30  ? 99  ASN A HB2  1 
ATOM   1526 H HB3  . ASN A 1 99  ? 6.929   2.667   -12.947 1.00 0.28  ? 99  ASN A HB3  1 
ATOM   1527 H HD21 . ASN A 1 99  ? 6.341   3.099   -15.389 1.00 1.91  ? 99  ASN A HD21 1 
ATOM   1528 H HD22 . ASN A 1 99  ? 4.728   3.524   -15.702 1.00 1.19  ? 99  ASN A HD22 1 
ATOM   1529 N N    . VAL A 1 100 ? 4.689   2.645   -9.843  1.00 0.17  ? 100 VAL A N    1 
ATOM   1530 C CA   . VAL A 1 100 ? 3.612   1.708   -9.442  1.00 0.17  ? 100 VAL A CA   1 
ATOM   1531 C C    . VAL A 1 100 ? 2.567   2.460   -8.619  1.00 0.19  ? 100 VAL A C    1 
ATOM   1532 O O    . VAL A 1 100 ? 2.783   3.579   -8.196  1.00 0.23  ? 100 VAL A O    1 
ATOM   1533 C CB   . VAL A 1 100 ? 4.216   0.590   -8.600  1.00 0.18  ? 100 VAL A CB   1 
ATOM   1534 C CG1  . VAL A 1 100 ? 4.846   -0.456  -9.518  1.00 0.19  ? 100 VAL A CG1  1 
ATOM   1535 C CG2  . VAL A 1 100 ? 5.290   1.171   -7.678  1.00 0.20  ? 100 VAL A CG2  1 
ATOM   1536 H H    . VAL A 1 100 ? 5.244   3.065   -9.158  1.00 0.17  ? 100 VAL A H    1 
ATOM   1537 H HA   . VAL A 1 100 ? 3.149   1.289   -10.322 1.00 0.18  ? 100 VAL A HA   1 
ATOM   1538 H HB   . VAL A 1 100 ? 3.442   0.135   -8.008  1.00 0.20  ? 100 VAL A HB   1 
ATOM   1539 H HG11 . VAL A 1 100 ? 4.698   -0.168  -10.548 1.00 0.95  ? 100 VAL A HG11 1 
ATOM   1540 H HG12 . VAL A 1 100 ? 5.904   -0.526  -9.313  1.00 1.04  ? 100 VAL A HG12 1 
ATOM   1541 H HG13 . VAL A 1 100 ? 4.381   -1.415  -9.343  1.00 0.99  ? 100 VAL A HG13 1 
ATOM   1542 H HG21 . VAL A 1 100 ? 4.980   2.148   -7.336  1.00 0.96  ? 100 VAL A HG21 1 
ATOM   1543 H HG22 . VAL A 1 100 ? 5.426   0.519   -6.828  1.00 0.99  ? 100 VAL A HG22 1 
ATOM   1544 H HG23 . VAL A 1 100 ? 6.221   1.257   -8.220  1.00 0.91  ? 100 VAL A HG23 1 
ATOM   1545 N N    . THR A 1 101 ? 1.436   1.856   -8.390  1.00 0.19  ? 101 THR A N    1 
ATOM   1546 C CA   . THR A 1 101 ? 0.376   2.537   -7.596  1.00 0.23  ? 101 THR A CA   1 
ATOM   1547 C C    . THR A 1 101 ? -0.564  1.487   -7.003  1.00 0.22  ? 101 THR A C    1 
ATOM   1548 O O    . THR A 1 101 ? -0.562  0.341   -7.408  1.00 0.32  ? 101 THR A O    1 
ATOM   1549 C CB   . THR A 1 101 ? -0.420  3.475   -8.508  1.00 0.28  ? 101 THR A CB   1 
ATOM   1550 O OG1  . THR A 1 101 ? -1.219  2.704   -9.394  1.00 0.32  ? 101 THR A OG1  1 
ATOM   1551 C CG2  . THR A 1 101 ? 0.544   4.345   -9.314  1.00 0.34  ? 101 THR A CG2  1 
ATOM   1552 H H    . THR A 1 101 ? 1.282   0.954   -8.740  1.00 0.19  ? 101 THR A H    1 
ATOM   1553 H HA   . THR A 1 101 ? 0.830   3.106   -6.799  1.00 0.26  ? 101 THR A HA   1 
ATOM   1554 H HB   . THR A 1 101 ? -1.054  4.107   -7.908  1.00 0.33  ? 101 THR A HB   1 
ATOM   1555 H HG1  . THR A 1 101 ? -2.052  3.164   -9.517  1.00 0.82  ? 101 THR A HG1  1 
ATOM   1556 H HG21 . THR A 1 101 ? 1.198   4.878   -8.638  1.00 1.02  ? 101 THR A HG21 1 
ATOM   1557 H HG22 . THR A 1 101 ? 1.134   3.721   -9.968  1.00 1.04  ? 101 THR A HG22 1 
ATOM   1558 H HG23 . THR A 1 101 ? -0.019  5.055   -9.903  1.00 0.97  ? 101 THR A HG23 1 
ATOM   1559 N N    . LEU A 1 102 ? -1.373  1.868   -6.054  1.00 0.17  ? 102 LEU A N    1 
ATOM   1560 C CA   . LEU A 1 102 ? -2.315  0.887   -5.448  1.00 0.16  ? 102 LEU A CA   1 
ATOM   1561 C C    . LEU A 1 102 ? -3.547  0.765   -6.345  1.00 0.18  ? 102 LEU A C    1 
ATOM   1562 O O    . LEU A 1 102 ? -4.612  1.256   -6.025  1.00 0.23  ? 102 LEU A O    1 
ATOM   1563 C CB   . LEU A 1 102 ? -2.743  1.364   -4.051  1.00 0.16  ? 102 LEU A CB   1 
ATOM   1564 C CG   . LEU A 1 102 ? -1.537  1.888   -3.252  1.00 0.18  ? 102 LEU A CG   1 
ATOM   1565 C CD1  . LEU A 1 102 ? -0.246  1.177   -3.678  1.00 0.20  ? 102 LEU A CD1  1 
ATOM   1566 C CD2  . LEU A 1 102 ? -1.393  3.390   -3.489  1.00 0.23  ? 102 LEU A CD2  1 
ATOM   1567 H H    . LEU A 1 102 ? -1.364  2.797   -5.745  1.00 0.23  ? 102 LEU A H    1 
ATOM   1568 H HA   . LEU A 1 102 ? -1.832  -0.075  -5.369  1.00 0.15  ? 102 LEU A HA   1 
ATOM   1569 H HB2  . LEU A 1 102 ? -3.468  2.156   -4.154  1.00 0.18  ? 102 LEU A HB2  1 
ATOM   1570 H HB3  . LEU A 1 102 ? -3.191  0.543   -3.517  1.00 0.17  ? 102 LEU A HB3  1 
ATOM   1571 H HG   . LEU A 1 102 ? -1.707  1.709   -2.200  1.00 0.22  ? 102 LEU A HG   1 
ATOM   1572 H HD11 . LEU A 1 102 ? -0.488  0.223   -4.118  1.00 1.00  ? 102 LEU A HD11 1 
ATOM   1573 H HD12 . LEU A 1 102 ? 0.279   1.786   -4.400  1.00 1.02  ? 102 LEU A HD12 1 
ATOM   1574 H HD13 . LEU A 1 102 ? 0.382   1.025   -2.813  1.00 1.08  ? 102 LEU A HD13 1 
ATOM   1575 H HD21 . LEU A 1 102 ? -2.073  3.698   -4.271  1.00 1.03  ? 102 LEU A HD21 1 
ATOM   1576 H HD22 . LEU A 1 102 ? -1.629  3.919   -2.578  1.00 0.94  ? 102 LEU A HD22 1 
ATOM   1577 H HD23 . LEU A 1 102 ? -0.379  3.612   -3.785  1.00 1.04  ? 102 LEU A HD23 1 
ATOM   1578 N N    . ALA A 1 103 ? -3.410  0.116   -7.469  1.00 0.18  ? 103 ALA A N    1 
ATOM   1579 C CA   . ALA A 1 103 ? -4.572  -0.034  -8.387  1.00 0.22  ? 103 ALA A CA   1 
ATOM   1580 C C    . ALA A 1 103 ? -5.189  -1.417  -8.196  1.00 0.20  ? 103 ALA A C    1 
ATOM   1581 O O    . ALA A 1 103 ? -6.330  -1.654  -8.543  1.00 0.25  ? 103 ALA A O    1 
ATOM   1582 C CB   . ALA A 1 103 ? -4.104  0.122   -9.834  1.00 0.27  ? 103 ALA A CB   1 
ATOM   1583 H H    . ALA A 1 103 ? -2.541  -0.273  -7.709  1.00 0.17  ? 103 ALA A H    1 
ATOM   1584 H HA   . ALA A 1 103 ? -5.308  0.722   -8.162  1.00 0.25  ? 103 ALA A HA   1 
ATOM   1585 H HB1  . ALA A 1 103 ? -3.083  -0.219  -9.921  1.00 0.96  ? 103 ALA A HB1  1 
ATOM   1586 H HB2  . ALA A 1 103 ? -4.736  -0.467  -10.482 1.00 1.03  ? 103 ALA A HB2  1 
ATOM   1587 H HB3  . ALA A 1 103 ? -4.162  1.161   -10.123 1.00 1.01  ? 103 ALA A HB3  1 
ATOM   1588 N N    . TYR A 1 104 ? -4.444  -2.331  -7.644  1.00 0.15  ? 104 TYR A N    1 
ATOM   1589 C CA   . TYR A 1 104 ? -4.985  -3.699  -7.429  1.00 0.15  ? 104 TYR A CA   1 
ATOM   1590 C C    . TYR A 1 104 ? -4.884  -4.056  -5.938  1.00 0.14  ? 104 TYR A C    1 
ATOM   1591 O O    . TYR A 1 104 ? -3.816  -3.989  -5.360  1.00 0.14  ? 104 TYR A O    1 
ATOM   1592 C CB   . TYR A 1 104 ? -4.173  -4.702  -8.250  1.00 0.16  ? 104 TYR A CB   1 
ATOM   1593 C CG   . TYR A 1 104 ? -4.379  -4.430  -9.720  1.00 0.16  ? 104 TYR A CG   1 
ATOM   1594 C CD1  . TYR A 1 104 ? -5.471  -4.994  -10.390 1.00 1.16  ? 104 TYR A CD1  1 
ATOM   1595 C CD2  . TYR A 1 104 ? -3.479  -3.611  -10.413 1.00 1.13  ? 104 TYR A CD2  1 
ATOM   1596 C CE1  . TYR A 1 104 ? -5.662  -4.741  -11.754 1.00 1.15  ? 104 TYR A CE1  1 
ATOM   1597 C CE2  . TYR A 1 104 ? -3.671  -3.358  -11.776 1.00 1.15  ? 104 TYR A CE2  1 
ATOM   1598 C CZ   . TYR A 1 104 ? -4.762  -3.923  -12.446 1.00 0.27  ? 104 TYR A CZ   1 
ATOM   1599 O OH   . TYR A 1 104 ? -4.951  -3.673  -13.791 1.00 0.33  ? 104 TYR A OH   1 
ATOM   1600 H H    . TYR A 1 104 ? -3.528  -2.116  -7.371  1.00 0.14  ? 104 TYR A H    1 
ATOM   1601 H HA   . TYR A 1 104 ? -6.014  -3.726  -7.746  1.00 0.17  ? 104 TYR A HA   1 
ATOM   1602 H HB2  . TYR A 1 104 ? -3.125  -4.601  -8.007  1.00 0.17  ? 104 TYR A HB2  1 
ATOM   1603 H HB3  . TYR A 1 104 ? -4.501  -5.705  -8.020  1.00 0.20  ? 104 TYR A HB3  1 
ATOM   1604 H HD1  . TYR A 1 104 ? -6.166  -5.626  -9.855  1.00 2.03  ? 104 TYR A HD1  1 
ATOM   1605 H HD2  . TYR A 1 104 ? -2.637  -3.177  -9.896  1.00 1.98  ? 104 TYR A HD2  1 
ATOM   1606 H HE1  . TYR A 1 104 ? -6.504  -5.176  -12.271 1.00 2.01  ? 104 TYR A HE1  1 
ATOM   1607 H HE2  . TYR A 1 104 ? -2.976  -2.727  -12.311 1.00 2.02  ? 104 TYR A HE2  1 
ATOM   1608 H HH   . TYR A 1 104 ? -5.864  -3.878  -14.005 1.00 0.88  ? 104 TYR A HH   1 
ATOM   1609 N N    . PRO A 1 105 ? -6.000  -4.428  -5.359  1.00 0.17  ? 105 PRO A N    1 
ATOM   1610 C CA   . PRO A 1 105 ? -6.064  -4.804  -3.937  1.00 0.19  ? 105 PRO A CA   1 
ATOM   1611 C C    . PRO A 1 105 ? -5.448  -6.192  -3.728  1.00 0.21  ? 105 PRO A C    1 
ATOM   1612 O O    . PRO A 1 105 ? -5.889  -7.174  -4.290  1.00 0.24  ? 105 PRO A O    1 
ATOM   1613 C CB   . PRO A 1 105 ? -7.565  -4.801  -3.629  1.00 0.23  ? 105 PRO A CB   1 
ATOM   1614 C CG   . PRO A 1 105 ? -8.286  -4.977  -4.985  1.00 0.24  ? 105 PRO A CG   1 
ATOM   1615 C CD   . PRO A 1 105 ? -7.294  -4.515  -6.066  1.00 0.21  ? 105 PRO A CD   1 
ATOM   1616 H HA   . PRO A 1 105 ? -5.562  -4.070  -3.327  1.00 0.17  ? 105 PRO A HA   1 
ATOM   1617 H HB2  . PRO A 1 105 ? -7.810  -5.616  -2.965  1.00 0.26  ? 105 PRO A HB2  1 
ATOM   1618 H HB3  . PRO A 1 105 ? -7.852  -3.861  -3.186  1.00 0.24  ? 105 PRO A HB3  1 
ATOM   1619 H HG2  . PRO A 1 105 ? -8.544  -6.017  -5.136  1.00 0.25  ? 105 PRO A HG2  1 
ATOM   1620 H HG3  . PRO A 1 105 ? -9.173  -4.364  -5.018  1.00 0.26  ? 105 PRO A HG3  1 
ATOM   1621 H HD2  . PRO A 1 105 ? -7.243  -5.238  -6.866  1.00 0.22  ? 105 PRO A HD2  1 
ATOM   1622 H HD3  . PRO A 1 105 ? -7.575  -3.546  -6.447  1.00 0.22  ? 105 PRO A HD3  1 
ATOM   1623 N N    . VAL A 1 106 ? -4.418  -6.269  -2.930  1.00 0.22  ? 106 VAL A N    1 
ATOM   1624 C CA   . VAL A 1 106 ? -3.745  -7.571  -2.678  1.00 0.26  ? 106 VAL A CA   1 
ATOM   1625 C C    . VAL A 1 106 ? -4.781  -8.676  -2.435  1.00 0.34  ? 106 VAL A C    1 
ATOM   1626 O O    . VAL A 1 106 ? -4.697  -9.747  -3.001  1.00 0.42  ? 106 VAL A O    1 
ATOM   1627 C CB   . VAL A 1 106 ? -2.850  -7.429  -1.451  1.00 0.23  ? 106 VAL A CB   1 
ATOM   1628 C CG1  . VAL A 1 106 ? -3.657  -6.819  -0.304  1.00 0.26  ? 106 VAL A CG1  1 
ATOM   1629 C CG2  . VAL A 1 106 ? -2.332  -8.802  -1.032  1.00 0.28  ? 106 VAL A CG2  1 
ATOM   1630 H H    . VAL A 1 106 ? -4.078  -5.459  -2.497  1.00 0.23  ? 106 VAL A H    1 
ATOM   1631 H HA   . VAL A 1 106 ? -3.139  -7.832  -3.533  1.00 0.28  ? 106 VAL A HA   1 
ATOM   1632 H HB   . VAL A 1 106 ? -2.016  -6.783  -1.689  1.00 0.22  ? 106 VAL A HB   1 
ATOM   1633 H HG11 . VAL A 1 106 ? -4.497  -6.274  -0.708  1.00 1.03  ? 106 VAL A HG11 1 
ATOM   1634 H HG12 . VAL A 1 106 ? -4.016  -7.607  0.342   1.00 1.02  ? 106 VAL A HG12 1 
ATOM   1635 H HG13 . VAL A 1 106 ? -3.031  -6.146  0.262   1.00 1.04  ? 106 VAL A HG13 1 
ATOM   1636 H HG21 . VAL A 1 106 ? -3.169  -9.462  -0.857  1.00 0.97  ? 106 VAL A HG21 1 
ATOM   1637 H HG22 . VAL A 1 106 ? -1.713  -9.206  -1.819  1.00 1.02  ? 106 VAL A HG22 1 
ATOM   1638 H HG23 . VAL A 1 106 ? -1.752  -8.706  -0.128  1.00 1.02  ? 106 VAL A HG23 1 
ATOM   1639 N N    . TYR A 1 107 ? -5.751  -8.431  -1.596  1.00 0.36  ? 107 TYR A N    1 
ATOM   1640 C CA   . TYR A 1 107 ? -6.777  -9.481  -1.324  1.00 0.45  ? 107 TYR A CA   1 
ATOM   1641 C C    . TYR A 1 107 ? -8.031  -9.196  -2.150  1.00 0.65  ? 107 TYR A C    1 
ATOM   1642 O O    . TYR A 1 107 ? -8.887  -10.042 -2.314  1.00 0.90  ? 107 TYR A O    1 
ATOM   1643 C CB   . TYR A 1 107 ? -7.133  -9.472  0.162   1.00 0.45  ? 107 TYR A CB   1 
ATOM   1644 C CG   . TYR A 1 107 ? -6.042  -10.163 0.942   1.00 0.40  ? 107 TYR A CG   1 
ATOM   1645 C CD1  . TYR A 1 107 ? -5.934  -11.558 0.907   1.00 1.30  ? 107 TYR A CD1  1 
ATOM   1646 C CD2  . TYR A 1 107 ? -5.137  -9.409  1.700   1.00 1.17  ? 107 TYR A CD2  1 
ATOM   1647 C CE1  . TYR A 1 107 ? -4.922  -12.199 1.629   1.00 1.34  ? 107 TYR A CE1  1 
ATOM   1648 C CE2  . TYR A 1 107 ? -4.125  -10.051 2.421   1.00 1.19  ? 107 TYR A CE2  1 
ATOM   1649 C CZ   . TYR A 1 107 ? -4.017  -11.446 2.386   1.00 0.56  ? 107 TYR A CZ   1 
ATOM   1650 O OH   . TYR A 1 107 ? -3.017  -12.078 3.098   1.00 0.70  ? 107 TYR A OH   1 
ATOM   1651 H H    . TYR A 1 107 ? -5.803  -7.564  -1.143  1.00 0.34  ? 107 TYR A H    1 
ATOM   1652 H HA   . TYR A 1 107 ? -6.381  -10.449 -1.593  1.00 0.47  ? 107 TYR A HA   1 
ATOM   1653 H HB2  . TYR A 1 107 ? -7.231  -8.451  0.504   1.00 0.48  ? 107 TYR A HB2  1 
ATOM   1654 H HB3  . TYR A 1 107 ? -8.067  -9.994  0.312   1.00 0.51  ? 107 TYR A HB3  1 
ATOM   1655 H HD1  . TYR A 1 107 ? -6.632  -12.138 0.322   1.00 2.17  ? 107 TYR A HD1  1 
ATOM   1656 H HD2  . TYR A 1 107 ? -5.222  -8.333  1.727   1.00 2.05  ? 107 TYR A HD2  1 
ATOM   1657 H HE1  . TYR A 1 107 ? -4.838  -13.277 1.601   1.00 2.22  ? 107 TYR A HE1  1 
ATOM   1658 H HE2  . TYR A 1 107 ? -3.427  -9.470  3.005   1.00 2.06  ? 107 TYR A HE2  1 
ATOM   1659 H HH   . TYR A 1 107 ? -2.676  -11.456 3.745   1.00 1.12  ? 107 TYR A HH   1 
ATOM   1660 N N    . ALA A 1 108 ? -8.139  -8.011  -2.675  1.00 0.80  ? 108 ALA A N    1 
ATOM   1661 C CA   . ALA A 1 108 ? -9.330  -7.659  -3.500  1.00 1.01  ? 108 ALA A CA   1 
ATOM   1662 C C    . ALA A 1 108 ? -10.600 -8.184  -2.828  1.00 1.46  ? 108 ALA A C    1 
ATOM   1663 O O    . ALA A 1 108 ? -10.593 -8.572  -1.676  1.00 1.94  ? 108 ALA A O    1 
ATOM   1664 C CB   . ALA A 1 108 ? -9.190  -8.289  -4.887  1.00 1.34  ? 108 ALA A CB   1 
ATOM   1665 H H    . ALA A 1 108 ? -7.432  -7.349  -2.531  1.00 0.94  ? 108 ALA A H    1 
ATOM   1666 H HA   . ALA A 1 108 ? -9.395  -6.587  -3.597  1.00 1.10  ? 108 ALA A HA   1 
ATOM   1667 H HB1  . ALA A 1 108 ? -8.162  -8.583  -5.046  1.00 1.78  ? 108 ALA A HB1  1 
ATOM   1668 H HB2  . ALA A 1 108 ? -9.827  -9.158  -4.955  1.00 1.82  ? 108 ALA A HB2  1 
ATOM   1669 H HB3  . ALA A 1 108 ? -9.479  -7.571  -5.640  1.00 1.75  ? 108 ALA A HB3  1 
ATOM   1670 N N    . GLN A 1 109 ? -11.694 -8.192  -3.540  1.00 1.96  ? 109 GLN A N    1 
ATOM   1671 C CA   . GLN A 1 109 ? -12.969 -8.685  -2.949  1.00 2.52  ? 109 GLN A CA   1 
ATOM   1672 C C    . GLN A 1 109 ? -14.114 -8.449  -3.937  1.00 3.03  ? 109 GLN A C    1 
ATOM   1673 O O    . GLN A 1 109 ? -15.174 -7.980  -3.573  1.00 3.47  ? 109 GLN A O    1 
ATOM   1674 C CB   . GLN A 1 109 ? -13.255 -7.925  -1.652  1.00 3.22  ? 109 GLN A CB   1 
ATOM   1675 C CG   . GLN A 1 109 ? -13.093 -8.869  -0.457  1.00 3.88  ? 109 GLN A CG   1 
ATOM   1676 C CD   . GLN A 1 109 ? -14.333 -9.757  -0.337  1.00 4.88  ? 109 GLN A CD   1 
ATOM   1677 O OE1  . GLN A 1 109 ? -14.276 -10.939 -0.613  1.00 5.51  ? 109 GLN A OE1  1 
ATOM   1678 N NE2  . GLN A 1 109 ? -15.459 -9.235  0.066   1.00 5.40  ? 109 GLN A NE2  1 
ATOM   1679 H H    . GLN A 1 109 ? -11.676 -7.872  -4.466  1.00 2.28  ? 109 GLN A H    1 
ATOM   1680 H HA   . GLN A 1 109 ? -12.886 -9.741  -2.737  1.00 2.70  ? 109 GLN A HA   1 
ATOM   1681 H HB2  . GLN A 1 109 ? -12.562 -7.102  -1.558  1.00 3.38  ? 109 GLN A HB2  1 
ATOM   1682 H HB3  . GLN A 1 109 ? -14.265 -7.545  -1.673  1.00 3.75  ? 109 GLN A HB3  1 
ATOM   1683 H HG2  . GLN A 1 109 ? -12.218 -9.485  -0.601  1.00 4.17  ? 109 GLN A HG2  1 
ATOM   1684 H HG3  . GLN A 1 109 ? -12.980 -8.288  0.447   1.00 3.89  ? 109 GLN A HG3  1 
ATOM   1685 H HE21 . GLN A 1 109 ? -15.504 -8.282  0.290   1.00 5.22  ? 109 GLN A HE21 1 
ATOM   1686 H HE22 . GLN A 1 109 ? -16.258 -9.795  0.146   1.00 6.16  ? 109 GLN A HE22 1 
ATOM   1687 N N    . GLN A 1 110 ? -13.909 -8.765  -5.186  1.00 3.53  ? 110 GLN A N    1 
ATOM   1688 C CA   . GLN A 1 110 ? -14.987 -8.555  -6.193  1.00 4.38  ? 110 GLN A CA   1 
ATOM   1689 C C    . GLN A 1 110 ? -15.820 -9.831  -6.320  1.00 4.86  ? 110 GLN A C    1 
ATOM   1690 O O    . GLN A 1 110 ? -16.590 -9.992  -7.246  1.00 5.61  ? 110 GLN A O    1 
ATOM   1691 C CB   . GLN A 1 110 ? -14.358 -8.218  -7.547  1.00 4.97  ? 110 GLN A CB   1 
ATOM   1692 C CG   . GLN A 1 110 ? -13.848 -6.775  -7.528  1.00 5.39  ? 110 GLN A CG   1 
ATOM   1693 C CD   . GLN A 1 110 ? -14.979 -5.826  -7.933  1.00 6.02  ? 110 GLN A CD   1 
ATOM   1694 O OE1  . GLN A 1 110 ? -15.631 -6.034  -8.936  1.00 6.38  ? 110 GLN A OE1  1 
ATOM   1695 N NE2  . GLN A 1 110 ? -15.238 -4.786  -7.188  1.00 6.53  ? 110 GLN A NE2  1 
ATOM   1696 H H    . GLN A 1 110 ? -13.047 -9.141  -5.462  1.00 3.63  ? 110 GLN A H    1 
ATOM   1697 H HA   . GLN A 1 110 ? -15.621 -7.740  -5.878  1.00 4.70  ? 110 GLN A HA   1 
ATOM   1698 H HB2  . GLN A 1 110 ? -13.534 -8.890  -7.740  1.00 5.03  ? 110 GLN A HB2  1 
ATOM   1699 H HB3  . GLN A 1 110 ? -15.099 -8.324  -8.325  1.00 5.48  ? 110 GLN A HB3  1 
ATOM   1700 H HG2  . GLN A 1 110 ? -13.509 -6.527  -6.533  1.00 5.66  ? 110 GLN A HG2  1 
ATOM   1701 H HG3  . GLN A 1 110 ? -13.029 -6.673  -8.224  1.00 5.41  ? 110 GLN A HG3  1 
ATOM   1702 H HE21 . GLN A 1 110 ? -14.712 -4.619  -6.379  1.00 6.50  ? 110 GLN A HE21 1 
ATOM   1703 H HE22 . GLN A 1 110 ? -15.960 -4.172  -7.438  1.00 7.13  ? 110 GLN A HE22 1 
ATOM   1704 N N    . ARG A 1 111 ? -15.672 -10.740 -5.397  1.00 4.78  ? 111 ARG A N    1 
ATOM   1705 C CA   . ARG A 1 111 ? -16.455 -12.005 -5.467  1.00 5.57  ? 111 ARG A CA   1 
ATOM   1706 C C    . ARG A 1 111 ? -17.475 -12.043 -4.328  1.00 5.94  ? 111 ARG A C    1 
ATOM   1707 O O    . ARG A 1 111 ? -18.568 -11.524 -4.445  1.00 6.54  ? 111 ARG A O    1 
ATOM   1708 C CB   . ARG A 1 111 ? -15.504 -13.198 -5.346  1.00 5.87  ? 111 ARG A CB   1 
ATOM   1709 C CG   . ARG A 1 111 ? -16.314 -14.486 -5.187  1.00 6.45  ? 111 ARG A CG   1 
ATOM   1710 C CD   . ARG A 1 111 ? -15.830 -15.520 -6.203  1.00 7.12  ? 111 ARG A CD   1 
ATOM   1711 N NE   . ARG A 1 111 ? -16.842 -15.664 -7.289  1.00 7.63  ? 111 ARG A NE   1 
ATOM   1712 C CZ   . ARG A 1 111 ? -16.641 -16.511 -8.261  1.00 8.32  ? 111 ARG A CZ   1 
ATOM   1713 N NH1  . ARG A 1 111 ? -15.477 -17.084 -8.401  1.00 8.86  ? 111 ARG A NH1  1 
ATOM   1714 N NH2  . ARG A 1 111 ? -17.606 -16.785 -9.097  1.00 8.69  ? 111 ARG A NH2  1 
ATOM   1715 H H    . ARG A 1 111 ? -15.045 -10.591 -4.658  1.00 4.44  ? 111 ARG A H    1 
ATOM   1716 H HA   . ARG A 1 111 ? -16.972 -12.055 -6.411  1.00 6.06  ? 111 ARG A HA   1 
ATOM   1717 H HB2  . ARG A 1 111 ? -14.895 -13.263 -6.235  1.00 5.59  ? 111 ARG A HB2  1 
ATOM   1718 H HB3  . ARG A 1 111 ? -14.870 -13.066 -4.484  1.00 6.35  ? 111 ARG A HB3  1 
ATOM   1719 H HG2  . ARG A 1 111 ? -16.181 -14.872 -4.186  1.00 6.86  ? 111 ARG A HG2  1 
ATOM   1720 H HG3  . ARG A 1 111 ? -17.360 -14.278 -5.356  1.00 6.31  ? 111 ARG A HG3  1 
ATOM   1721 H HD2  . ARG A 1 111 ? -14.892 -15.193 -6.628  1.00 7.22  ? 111 ARG A HD2  1 
ATOM   1722 H HD3  . ARG A 1 111 ? -15.691 -16.471 -5.711  1.00 7.43  ? 111 ARG A HD3  1 
ATOM   1723 H HE   . ARG A 1 111 ? -17.659 -15.121 -7.272  1.00 7.63  ? 111 ARG A HE   1 
ATOM   1724 H HH11 . ARG A 1 111 ? -14.737 -16.874 -7.762  1.00 8.78  ? 111 ARG A HH11 1 
ATOM   1725 H HH12 . ARG A 1 111 ? -15.326 -17.733 -9.146  1.00 9.48  ? 111 ARG A HH12 1 
ATOM   1726 H HH21 . ARG A 1 111 ? -18.497 -16.346 -8.993  1.00 8.49  ? 111 ARG A HH21 1 
ATOM   1727 H HH22 . ARG A 1 111 ? -17.452 -17.434 -9.843  1.00 9.32  ? 111 ARG A HH22 1 
ATOM   1728 N N    . ARG A 1 112 ? -17.131 -12.655 -3.229  1.00 5.97  ? 112 ARG A N    1 
ATOM   1729 C CA   . ARG A 1 112 ? -18.086 -12.728 -2.090  1.00 6.72  ? 112 ARG A CA   1 
ATOM   1730 C C    . ARG A 1 112 ? -17.355 -13.221 -0.840  1.00 6.83  ? 112 ARG A C    1 
ATOM   1731 O O    . ARG A 1 112 ? -18.027 -13.634 0.091   1.00 6.82  ? 112 ARG A O    1 
ATOM   1732 C CB   . ARG A 1 112 ? -19.216 -13.698 -2.439  1.00 7.18  ? 112 ARG A CB   1 
ATOM   1733 C CG   . ARG A 1 112 ? -20.371 -12.920 -3.072  1.00 7.69  ? 112 ARG A CG   1 
ATOM   1734 C CD   . ARG A 1 112 ? -21.695 -13.607 -2.737  1.00 8.31  ? 112 ARG A CD   1 
ATOM   1735 N NE   . ARG A 1 112 ? -22.082 -14.515 -3.855  1.00 8.88  ? 112 ARG A NE   1 
ATOM   1736 C CZ   . ARG A 1 112 ? -22.562 -14.018 -4.964  1.00 9.48  ? 112 ARG A CZ   1 
ATOM   1737 N NH1  . ARG A 1 112 ? -23.705 -13.388 -4.956  1.00 9.82  ? 112 ARG A NH1  1 
ATOM   1738 N NH2  . ARG A 1 112 ? -21.899 -14.155 -6.082  1.00 9.96  ? 112 ARG A NH2  1 
ATOM   1739 O OXT  . ARG A 1 112 ? -16.136 -13.175 -0.833  1.00 7.21  ? 112 ARG A OXT  1 
ATOM   1740 H H    . ARG A 1 112 ? -16.248 -13.068 -3.155  1.00 5.74  ? 112 ARG A H    1 
ATOM   1741 H HA   . ARG A 1 112 ? -18.498 -11.747 -1.902  1.00 7.21  ? 112 ARG A HA   1 
ATOM   1742 H HB2  . ARG A 1 112 ? -18.852 -14.437 -3.139  1.00 7.00  ? 112 ARG A HB2  1 
ATOM   1743 H HB3  . ARG A 1 112 ? -19.563 -14.187 -1.542  1.00 7.63  ? 112 ARG A HB3  1 
ATOM   1744 H HG2  . ARG A 1 112 ? -20.379 -11.912 -2.682  1.00 7.95  ? 112 ARG A HG2  1 
ATOM   1745 H HG3  . ARG A 1 112 ? -20.242 -12.891 -4.144  1.00 7.65  ? 112 ARG A HG3  1 
ATOM   1746 H HD2  . ARG A 1 112 ? -21.583 -14.183 -1.829  1.00 8.51  ? 112 ARG A HD2  1 
ATOM   1747 H HD3  . ARG A 1 112 ? -22.462 -12.861 -2.598  1.00 8.43  ? 112 ARG A HD3  1 
ATOM   1748 H HE   . ARG A 1 112 ? -21.976 -15.484 -3.758  1.00 8.97  ? 112 ARG A HE   1 
ATOM   1749 H HH11 . ARG A 1 112 ? -24.213 -13.283 -4.101  1.00 9.63  ? 112 ARG A HH11 1 
ATOM   1750 H HH12 . ARG A 1 112 ? -24.071 -13.009 -5.806  1.00 10.40 ? 112 ARG A HH12 1 
ATOM   1751 H HH21 . ARG A 1 112 ? -21.025 -14.639 -6.089  1.00 9.86  ? 112 ARG A HH21 1 
ATOM   1752 H HH22 . ARG A 1 112 ? -22.268 -13.775 -6.929  1.00 10.54 ? 112 ARG A HH22 1 
HETATM 1753 C C    . ACE B 2 1   ? 12.461  -2.153  1.019   1.00 0.51  ? 200 ACE B C    1 
HETATM 1754 O O    . ACE B 2 1   ? 11.807  -1.682  0.110   1.00 1.15  ? 200 ACE B O    1 
HETATM 1755 C CH3  . ACE B 2 1   ? 13.320  -3.402  0.816   1.00 0.44  ? 200 ACE B CH3  1 
HETATM 1756 H H1   . ACE B 2 1   ? 14.192  -3.347  1.449   1.00 1.22  ? 200 ACE B H1   1 
HETATM 1757 H H2   . ACE B 2 1   ? 13.627  -3.464  -0.218  1.00 1.10  ? 200 ACE B H2   1 
HETATM 1758 H H3   . ACE B 2 1   ? 12.744  -4.280  1.072   1.00 0.99  ? 200 ACE B H3   1 
HETATM 1759 N N    . PTR B 2 2   ? 12.459  -1.610  2.207   1.00 0.35  ? 201 PTR B N    1 
HETATM 1760 C CA   . PTR B 2 2   ? 11.643  -0.390  2.466   1.00 0.26  ? 201 PTR B CA   1 
HETATM 1761 C C    . PTR B 2 2   ? 11.980  0.679   1.429   1.00 0.27  ? 201 PTR B C    1 
HETATM 1762 O O    . PTR B 2 2   ? 12.990  1.351   1.517   1.00 0.40  ? 201 PTR B O    1 
HETATM 1763 C CB   . PTR B 2 2   ? 11.946  0.132   3.870   1.00 0.23  ? 201 PTR B CB   1 
HETATM 1764 C CG   . PTR B 2 2   ? 11.483  -0.890  4.878   1.00 0.27  ? 201 PTR B CG   1 
HETATM 1765 C CD1  . PTR B 2 2   ? 10.165  -1.361  4.833   1.00 0.31  ? 201 PTR B CD1  1 
HETATM 1766 C CD2  . PTR B 2 2   ? 12.367  -1.372  5.849   1.00 0.44  ? 201 PTR B CD2  1 
HETATM 1767 C CE1  . PTR B 2 2   ? 9.731   -2.315  5.760   1.00 0.37  ? 201 PTR B CE1  1 
HETATM 1768 C CE2  . PTR B 2 2   ? 11.933  -2.325  6.777   1.00 0.49  ? 201 PTR B CE2  1 
HETATM 1769 C CZ   . PTR B 2 2   ? 10.614  -2.798  6.733   1.00 0.41  ? 201 PTR B CZ   1 
HETATM 1770 O OH   . PTR B 2 2   ? 10.187  -3.737  7.648   1.00 0.50  ? 201 PTR B OH   1 
HETATM 1771 P P    . PTR B 2 2   ? 10.760  -5.244  7.586   1.00 0.51  ? 201 PTR B P    1 
HETATM 1772 O O1P  . PTR B 2 2   ? 12.341  -5.242  7.873   1.00 1.66  ? 201 PTR B O1P  1 
HETATM 1773 O O2P  . PTR B 2 2   ? 10.467  -5.857  6.121   1.00 1.62  ? 201 PTR B O2P  1 
HETATM 1774 O O3P  . PTR B 2 2   ? 10.051  -6.147  8.709   1.00 1.65  ? 201 PTR B O3P  1 
HETATM 1775 H H    . PTR B 2 2   ? 12.993  -2.004  2.927   1.00 0.84  ? 201 PTR B H    1 
HETATM 1776 H HA   . PTR B 2 2   ? 10.596  -0.637  2.400   1.00 0.31  ? 201 PTR B HA   1 
HETATM 1777 H HB2  . PTR B 2 2   ? 11.423  1.062   4.032   1.00 0.28  ? 201 PTR B HB2  1 
HETATM 1778 H HB3  . PTR B 2 2   ? 13.008  0.290   3.974   1.00 0.28  ? 201 PTR B HB3  1 
HETATM 1779 H HD1  . PTR B 2 2   ? 9.483   -0.988  4.084   1.00 0.41  ? 201 PTR B HD1  1 
HETATM 1780 H HD2  . PTR B 2 2   ? 13.383  -1.008  5.883   1.00 0.57  ? 201 PTR B HD2  1 
HETATM 1781 H HE1  . PTR B 2 2   ? 8.714   -2.679  5.724   1.00 0.48  ? 201 PTR B HE1  1 
HETATM 1782 H HE2  . PTR B 2 2   ? 12.614  -2.698  7.526   1.00 0.66  ? 201 PTR B HE2  1 
ATOM   1783 N N    . VAL B 2 3   ? 11.145  0.833   0.440   1.00 0.19  ? 202 VAL B N    1 
ATOM   1784 C CA   . VAL B 2 3   ? 11.414  1.849   -0.614  1.00 0.20  ? 202 VAL B CA   1 
ATOM   1785 C C    . VAL B 2 3   ? 10.751  3.177   -0.224  1.00 0.22  ? 202 VAL B C    1 
ATOM   1786 O O    . VAL B 2 3   ? 9.644   3.188   0.277   1.00 0.23  ? 202 VAL B O    1 
ATOM   1787 C CB   . VAL B 2 3   ? 10.833  1.357   -1.941  1.00 0.18  ? 202 VAL B CB   1 
ATOM   1788 C CG1  . VAL B 2 3   ? 11.512  2.085   -3.102  1.00 0.22  ? 202 VAL B CG1  1 
ATOM   1789 C CG2  . VAL B 2 3   ? 11.071  -0.152  -2.070  1.00 0.20  ? 202 VAL B CG2  1 
ATOM   1790 H H    . VAL B 2 3   ? 10.342  0.275   0.387   1.00 0.22  ? 202 VAL B H    1 
ATOM   1791 H HA   . VAL B 2 3   ? 12.480  1.988   -0.716  1.00 0.23  ? 202 VAL B HA   1 
ATOM   1792 H HB   . VAL B 2 3   ? 9.772   1.557   -1.964  1.00 0.17  ? 202 VAL B HB   1 
ATOM   1793 H HG11 . VAL B 2 3   ? 12.582  2.083   -2.951  1.00 1.07  ? 202 VAL B HG11 1 
ATOM   1794 H HG12 . VAL B 2 3   ? 11.278  1.583   -4.028  1.00 1.01  ? 202 VAL B HG12 1 
ATOM   1795 H HG13 . VAL B 2 3   ? 11.157  3.104   -3.144  1.00 0.99  ? 202 VAL B HG13 1 
ATOM   1796 H HG21 . VAL B 2 3   ? 12.016  -0.408  -1.614  1.00 1.08  ? 202 VAL B HG21 1 
ATOM   1797 H HG22 . VAL B 2 3   ? 10.274  -0.686  -1.574  1.00 1.02  ? 202 VAL B HG22 1 
ATOM   1798 H HG23 . VAL B 2 3   ? 11.090  -0.425  -3.115  1.00 0.99  ? 202 VAL B HG23 1 
ATOM   1799 N N    . PRO B 2 4   ? 11.448  4.260   -0.468  1.00 0.25  ? 203 PRO B N    1 
ATOM   1800 C CA   . PRO B 2 4   ? 10.952  5.612   -0.151  1.00 0.29  ? 203 PRO B CA   1 
ATOM   1801 C C    . PRO B 2 4   ? 9.952   6.075   -1.215  1.00 0.27  ? 203 PRO B C    1 
ATOM   1802 O O    . PRO B 2 4   ? 10.206  5.987   -2.400  1.00 0.37  ? 203 PRO B O    1 
ATOM   1803 C CB   . PRO B 2 4   ? 12.217  6.474   -0.182  1.00 0.34  ? 203 PRO B CB   1 
ATOM   1804 C CG   . PRO B 2 4   ? 13.245  5.711   -1.052  1.00 0.33  ? 203 PRO B CG   1 
ATOM   1805 C CD   . PRO B 2 4   ? 12.794  4.239   -1.078  1.00 0.27  ? 203 PRO B CD   1 
ATOM   1806 H HA   . PRO B 2 4   ? 10.507  5.641   0.830   1.00 0.32  ? 203 PRO B HA   1 
ATOM   1807 H HB2  . PRO B 2 4   ? 11.997  7.438   -0.620  1.00 0.36  ? 203 PRO B HB2  1 
ATOM   1808 H HB3  . PRO B 2 4   ? 12.607  6.597   0.817   1.00 0.38  ? 203 PRO B HB3  1 
ATOM   1809 H HG2  . PRO B 2 4   ? 13.252  6.116   -2.055  1.00 0.33  ? 203 PRO B HG2  1 
ATOM   1810 H HG3  . PRO B 2 4   ? 14.228  5.783   -0.613  1.00 0.38  ? 203 PRO B HG3  1 
ATOM   1811 H HD2  . PRO B 2 4   ? 12.745  3.877   -2.096  1.00 0.25  ? 203 PRO B HD2  1 
ATOM   1812 H HD3  . PRO B 2 4   ? 13.460  3.628   -0.488  1.00 0.29  ? 203 PRO B HD3  1 
ATOM   1813 N N    . MET B 2 5   ? 8.818   6.568   -0.800  1.00 0.37  ? 204 MET B N    1 
ATOM   1814 C CA   . MET B 2 5   ? 7.805   7.037   -1.785  1.00 0.37  ? 204 MET B CA   1 
ATOM   1815 C C    . MET B 2 5   ? 7.696   8.562   -1.713  1.00 0.42  ? 204 MET B C    1 
ATOM   1816 O O    . MET B 2 5   ? 8.322   9.200   -0.890  1.00 0.55  ? 204 MET B O    1 
ATOM   1817 C CB   . MET B 2 5   ? 6.448   6.413   -1.457  1.00 0.41  ? 204 MET B CB   1 
ATOM   1818 C CG   . MET B 2 5   ? 6.608   4.900   -1.292  1.00 0.48  ? 204 MET B CG   1 
ATOM   1819 S SD   . MET B 2 5   ? 7.164   4.177   -2.855  1.00 0.62  ? 204 MET B SD   1 
ATOM   1820 C CE   . MET B 2 5   ? 5.972   2.817   -2.917  1.00 0.75  ? 204 MET B CE   1 
ATOM   1821 H H    . MET B 2 5   ? 8.634   6.631   0.161   1.00 0.52  ? 204 MET B H    1 
ATOM   1822 H HA   . MET B 2 5   ? 8.107   6.744   -2.779  1.00 0.36  ? 204 MET B HA   1 
ATOM   1823 H HB2  . MET B 2 5   ? 6.067   6.838   -0.540  1.00 0.48  ? 204 MET B HB2  1 
ATOM   1824 H HB3  . MET B 2 5   ? 5.755   6.613   -2.261  1.00 0.45  ? 204 MET B HB3  1 
ATOM   1825 H HG2  . MET B 2 5   ? 7.336   4.697   -0.521  1.00 0.52  ? 204 MET B HG2  1 
ATOM   1826 H HG3  . MET B 2 5   ? 5.659   4.466   -1.012  1.00 0.58  ? 204 MET B HG3  1 
ATOM   1827 H HE1  . MET B 2 5   ? 5.560   2.655   -1.930  1.00 1.44  ? 204 MET B HE1  1 
ATOM   1828 H HE2  . MET B 2 5   ? 5.176   3.064   -3.600  1.00 1.25  ? 204 MET B HE2  1 
ATOM   1829 H HE3  . MET B 2 5   ? 6.469   1.918   -3.256  1.00 1.24  ? 204 MET B HE3  1 
ATOM   1830 N N    . LEU B 2 6   ? 6.907   9.152   -2.568  1.00 0.43  ? 205 LEU B N    1 
ATOM   1831 C CA   . LEU B 2 6   ? 6.760   10.635  -2.547  1.00 0.49  ? 205 LEU B CA   1 
ATOM   1832 C C    . LEU B 2 6   ? 5.661   11.025  -1.557  1.00 0.75  ? 205 LEU B C    1 
ATOM   1833 O O    . LEU B 2 6   ? 5.424   12.212  -1.405  1.00 1.24  ? 205 LEU B O    1 
ATOM   1834 C CB   . LEU B 2 6   ? 6.386   11.132  -3.945  1.00 0.73  ? 205 LEU B CB   1 
ATOM   1835 C CG   . LEU B 2 6   ? 5.277   10.251  -4.521  1.00 0.53  ? 205 LEU B CG   1 
ATOM   1836 C CD1  . LEU B 2 6   ? 4.274   11.121  -5.279  1.00 1.21  ? 205 LEU B CD1  1 
ATOM   1837 C CD2  . LEU B 2 6   ? 5.888   9.227   -5.482  1.00 1.35  ? 205 LEU B CD2  1 
ATOM   1838 O OXT  . LEU B 2 6   ? 5.076   10.131  -0.970  1.00 1.55  ? 205 LEU B OXT  1 
ATOM   1839 H H    . LEU B 2 6   ? 6.410   8.620   -3.224  1.00 0.49  ? 205 LEU B H    1 
ATOM   1840 H HA   . LEU B 2 6   ? 7.695   11.084  -2.243  1.00 0.69  ? 205 LEU B HA   1 
ATOM   1841 H HB2  . LEU B 2 6   ? 6.040   12.154  -3.881  1.00 1.31  ? 205 LEU B HB2  1 
ATOM   1842 H HB3  . LEU B 2 6   ? 7.253   11.084  -4.587  1.00 1.41  ? 205 LEU B HB3  1 
ATOM   1843 H HG   . LEU B 2 6   ? 4.772   9.735   -3.717  1.00 1.42  ? 205 LEU B HG   1 
ATOM   1844 H HD11 . LEU B 2 6   ? 4.804   11.788  -5.942  1.00 1.85  ? 205 LEU B HD11 1 
ATOM   1845 H HD12 . LEU B 2 6   ? 3.614   10.490  -5.856  1.00 1.62  ? 205 LEU B HD12 1 
ATOM   1846 H HD13 . LEU B 2 6   ? 3.694   11.699  -4.575  1.00 1.88  ? 205 LEU B HD13 1 
ATOM   1847 H HD21 . LEU B 2 6   ? 6.884   9.541   -5.756  1.00 1.74  ? 205 LEU B HD21 1 
ATOM   1848 H HD22 . LEU B 2 6   ? 5.935   8.262   -4.998  1.00 2.00  ? 205 LEU B HD22 1 
ATOM   1849 H HD23 . LEU B 2 6   ? 5.276   9.155   -6.368  1.00 1.95  ? 205 LEU B HD23 1 
# 
